data_6ND2
# 
_entry.id   6ND2 
# 
_audit_conform.dict_name       mmcif_pdbx.dic 
_audit_conform.dict_version    5.379 
_audit_conform.dict_location   http://mmcif.pdb.org/dictionaries/ascii/mmcif_pdbx.dic 
# 
loop_
_database_2.database_id 
_database_2.database_code 
_database_2.pdbx_database_accession 
_database_2.pdbx_DOI 
PDB   6ND2         pdb_00006nd2 10.2210/pdb6nd2/pdb 
WWPDB D_1000238564 ?            ?                   
# 
_pdbx_database_status.status_code                     REL 
_pdbx_database_status.status_code_sf                  REL 
_pdbx_database_status.status_code_mr                  ? 
_pdbx_database_status.entry_id                        6ND2 
_pdbx_database_status.recvd_initial_deposition_date   2018-12-13 
_pdbx_database_status.SG_entry                        N 
_pdbx_database_status.deposit_site                    RCSB 
_pdbx_database_status.process_site                    RCSB 
_pdbx_database_status.status_code_cs                  ? 
_pdbx_database_status.methods_development_category    ? 
_pdbx_database_status.pdb_format_compatible           Y 
_pdbx_database_status.status_code_nmr_data            ? 
# 
loop_
_audit_author.name 
_audit_author.pdbx_ordinal 
_audit_author.identifier_ORCID 
'Reeve, S.M.'  1 ? 
'Wright, D.L.' 2 ? 
# 
_citation.abstract                  ? 
_citation.abstract_id_CAS           ? 
_citation.book_id_ISBN              ? 
_citation.book_publisher            ? 
_citation.book_publisher_city       ? 
_citation.book_title                ? 
_citation.coordinate_linkage        ? 
_citation.country                   US 
_citation.database_id_Medline       ? 
_citation.details                   ? 
_citation.id                        primary 
_citation.journal_abbrev            'Drug Metab.Dispos.' 
_citation.journal_id_ASTM           ? 
_citation.journal_id_CSD            ? 
_citation.journal_id_ISSN           1521-009X 
_citation.journal_full              ? 
_citation.journal_issue             ? 
_citation.journal_volume            47 
_citation.language                  ? 
_citation.page_first                995 
_citation.page_last                 1003 
_citation.title                     
'Structure-Guided In Vitro to In Vivo Pharmacokinetic Optimization of Propargyl-Linked Antifolates.' 
_citation.year                      2019 
_citation.database_id_CSD           ? 
_citation.pdbx_database_id_DOI      10.1124/dmd.119.086504 
_citation.pdbx_database_id_PubMed   31201212 
_citation.unpublished_flag          ? 
# 
loop_
_citation_author.citation_id 
_citation_author.name 
_citation_author.ordinal 
_citation_author.identifier_ORCID 
primary 'Lombardo, M.N.'   1  0000-0002-4239-8630 
primary 'G-Dayanandan, N.' 2  ?                   
primary 'Keshipeddy, S.'   3  ?                   
primary 'Zhou, W.'         4  0000-0002-9375-2230 
primary 'Si, D.'           5  ?                   
primary 'Reeve, S.M.'      6  ?                   
primary 'Alverson, J.'     7  ?                   
primary 'Barney, P.'       8  ?                   
primary 'Walker, L.'       9  ?                   
primary 'Hoody, J.'        10 ?                   
primary 'Priestley, N.D.'  11 ?                   
primary 'Obach, R.S.'      12 ?                   
primary 'Wright, D.L.'     13 0000-0003-4634-3351 
# 
_cell.angle_alpha                  90.00 
_cell.angle_alpha_esd              ? 
_cell.angle_beta                   90.00 
_cell.angle_beta_esd               ? 
_cell.angle_gamma                  120.00 
_cell.angle_gamma_esd              ? 
_cell.entry_id                     6ND2 
_cell.details                      ? 
_cell.formula_units_Z              ? 
_cell.length_a                     78.878 
_cell.length_a_esd                 ? 
_cell.length_b                     78.878 
_cell.length_b_esd                 ? 
_cell.length_c                     107.908 
_cell.length_c_esd                 ? 
_cell.volume                       ? 
_cell.volume_esd                   ? 
_cell.Z_PDB                        12 
_cell.reciprocal_angle_alpha       ? 
_cell.reciprocal_angle_beta        ? 
_cell.reciprocal_angle_gamma       ? 
_cell.reciprocal_angle_alpha_esd   ? 
_cell.reciprocal_angle_beta_esd    ? 
_cell.reciprocal_angle_gamma_esd   ? 
_cell.reciprocal_length_a          ? 
_cell.reciprocal_length_b          ? 
_cell.reciprocal_length_c          ? 
_cell.reciprocal_length_a_esd      ? 
_cell.reciprocal_length_b_esd      ? 
_cell.reciprocal_length_c_esd      ? 
_cell.pdbx_unique_axis             ? 
# 
_symmetry.entry_id                         6ND2 
_symmetry.cell_setting                     ? 
_symmetry.Int_Tables_number                178 
_symmetry.space_group_name_Hall            ? 
_symmetry.space_group_name_H-M             'P 61 2 2' 
_symmetry.pdbx_full_space_group_name_H-M   ? 
# 
loop_
_entity.id 
_entity.type 
_entity.src_method 
_entity.pdbx_description 
_entity.formula_weight 
_entity.pdbx_number_of_molecules 
_entity.pdbx_ec 
_entity.pdbx_mutation 
_entity.pdbx_fragment 
_entity.details 
1 polymer     man 'Dihydrofolate reductase'                                                                  18015.557 1  1.5.1.3 
? ? ? 
2 non-polymer syn GLYCEROL                                                                                   92.094    1  ?       
? ? ? 
3 non-polymer syn '6-ethyl-5-{(3S)-3-[2-methoxy-5-(pyridin-4-yl)phenyl]but-1-yn-1-yl}pyrimidine-2,4-diamine' 373.451   1  ?       
? ? ? 
4 non-polymer syn 'Tricyclic NADPH'                                                                          745.421   1  ?       
? ? ? 
5 water       nat water                                                                                      18.015    37 ?       
? ? ? 
# 
_entity_name_com.entity_id   1 
_entity_name_com.name        DHFR 
# 
_entity_poly.entity_id                      1 
_entity_poly.type                           'polypeptide(L)' 
_entity_poly.nstd_linkage                   no 
_entity_poly.nstd_monomer                   no 
_entity_poly.pdbx_seq_one_letter_code       
;TLSILVAHDLQRVIGFENQLPWHLPNDLKHVKKLSTGHTLVMGRKTFESIGKPLPNRRNVVLTSDTSFNVEGVDVIHSIE
DIYQLPGHVFIFGGQTLFEEMIDKVDDMYITVIEGKFRGDTFFPPYTFEDWEVASSVEGKLDEKNTIPHTFLHLIRK
;
_entity_poly.pdbx_seq_one_letter_code_can   
;TLSILVAHDLQRVIGFENQLPWHLPNDLKHVKKLSTGHTLVMGRKTFESIGKPLPNRRNVVLTSDTSFNVEGVDVIHSIE
DIYQLPGHVFIFGGQTLFEEMIDKVDDMYITVIEGKFRGDTFFPPYTFEDWEVASSVEGKLDEKNTIPHTFLHLIRK
;
_entity_poly.pdbx_strand_id                 X 
_entity_poly.pdbx_target_identifier         ? 
# 
loop_
_entity_poly_seq.entity_id 
_entity_poly_seq.num 
_entity_poly_seq.mon_id 
_entity_poly_seq.hetero 
1 1   THR n 
1 2   LEU n 
1 3   SER n 
1 4   ILE n 
1 5   LEU n 
1 6   VAL n 
1 7   ALA n 
1 8   HIS n 
1 9   ASP n 
1 10  LEU n 
1 11  GLN n 
1 12  ARG n 
1 13  VAL n 
1 14  ILE n 
1 15  GLY n 
1 16  PHE n 
1 17  GLU n 
1 18  ASN n 
1 19  GLN n 
1 20  LEU n 
1 21  PRO n 
1 22  TRP n 
1 23  HIS n 
1 24  LEU n 
1 25  PRO n 
1 26  ASN n 
1 27  ASP n 
1 28  LEU n 
1 29  LYS n 
1 30  HIS n 
1 31  VAL n 
1 32  LYS n 
1 33  LYS n 
1 34  LEU n 
1 35  SER n 
1 36  THR n 
1 37  GLY n 
1 38  HIS n 
1 39  THR n 
1 40  LEU n 
1 41  VAL n 
1 42  MET n 
1 43  GLY n 
1 44  ARG n 
1 45  LYS n 
1 46  THR n 
1 47  PHE n 
1 48  GLU n 
1 49  SER n 
1 50  ILE n 
1 51  GLY n 
1 52  LYS n 
1 53  PRO n 
1 54  LEU n 
1 55  PRO n 
1 56  ASN n 
1 57  ARG n 
1 58  ARG n 
1 59  ASN n 
1 60  VAL n 
1 61  VAL n 
1 62  LEU n 
1 63  THR n 
1 64  SER n 
1 65  ASP n 
1 66  THR n 
1 67  SER n 
1 68  PHE n 
1 69  ASN n 
1 70  VAL n 
1 71  GLU n 
1 72  GLY n 
1 73  VAL n 
1 74  ASP n 
1 75  VAL n 
1 76  ILE n 
1 77  HIS n 
1 78  SER n 
1 79  ILE n 
1 80  GLU n 
1 81  ASP n 
1 82  ILE n 
1 83  TYR n 
1 84  GLN n 
1 85  LEU n 
1 86  PRO n 
1 87  GLY n 
1 88  HIS n 
1 89  VAL n 
1 90  PHE n 
1 91  ILE n 
1 92  PHE n 
1 93  GLY n 
1 94  GLY n 
1 95  GLN n 
1 96  THR n 
1 97  LEU n 
1 98  PHE n 
1 99  GLU n 
1 100 GLU n 
1 101 MET n 
1 102 ILE n 
1 103 ASP n 
1 104 LYS n 
1 105 VAL n 
1 106 ASP n 
1 107 ASP n 
1 108 MET n 
1 109 TYR n 
1 110 ILE n 
1 111 THR n 
1 112 VAL n 
1 113 ILE n 
1 114 GLU n 
1 115 GLY n 
1 116 LYS n 
1 117 PHE n 
1 118 ARG n 
1 119 GLY n 
1 120 ASP n 
1 121 THR n 
1 122 PHE n 
1 123 PHE n 
1 124 PRO n 
1 125 PRO n 
1 126 TYR n 
1 127 THR n 
1 128 PHE n 
1 129 GLU n 
1 130 ASP n 
1 131 TRP n 
1 132 GLU n 
1 133 VAL n 
1 134 ALA n 
1 135 SER n 
1 136 SER n 
1 137 VAL n 
1 138 GLU n 
1 139 GLY n 
1 140 LYS n 
1 141 LEU n 
1 142 ASP n 
1 143 GLU n 
1 144 LYS n 
1 145 ASN n 
1 146 THR n 
1 147 ILE n 
1 148 PRO n 
1 149 HIS n 
1 150 THR n 
1 151 PHE n 
1 152 LEU n 
1 153 HIS n 
1 154 LEU n 
1 155 ILE n 
1 156 ARG n 
1 157 LYS n 
# 
_entity_src_gen.entity_id                          1 
_entity_src_gen.pdbx_src_id                        1 
_entity_src_gen.pdbx_alt_source_flag               sample 
_entity_src_gen.pdbx_seq_type                      'Biological sequence' 
_entity_src_gen.pdbx_beg_seq_num                   1 
_entity_src_gen.pdbx_end_seq_num                   157 
_entity_src_gen.gene_src_common_name               ? 
_entity_src_gen.gene_src_genus                     ? 
_entity_src_gen.pdbx_gene_src_gene                 folA 
_entity_src_gen.gene_src_species                   ? 
_entity_src_gen.gene_src_strain                    ? 
_entity_src_gen.gene_src_tissue                    ? 
_entity_src_gen.gene_src_tissue_fraction           ? 
_entity_src_gen.gene_src_details                   ? 
_entity_src_gen.pdbx_gene_src_fragment             ? 
_entity_src_gen.pdbx_gene_src_scientific_name      'Staphylococcus aureus' 
_entity_src_gen.pdbx_gene_src_ncbi_taxonomy_id     1280 
_entity_src_gen.pdbx_gene_src_variant              ? 
_entity_src_gen.pdbx_gene_src_cell_line            ? 
_entity_src_gen.pdbx_gene_src_atcc                 43300 
_entity_src_gen.pdbx_gene_src_organ                ? 
_entity_src_gen.pdbx_gene_src_organelle            ? 
_entity_src_gen.pdbx_gene_src_cell                 ? 
_entity_src_gen.pdbx_gene_src_cellular_location    ? 
_entity_src_gen.host_org_common_name               ? 
_entity_src_gen.pdbx_host_org_scientific_name      'Escherichia coli BL21(DE3)' 
_entity_src_gen.pdbx_host_org_ncbi_taxonomy_id     469008 
_entity_src_gen.host_org_genus                     ? 
_entity_src_gen.pdbx_host_org_gene                 ? 
_entity_src_gen.pdbx_host_org_organ                ? 
_entity_src_gen.host_org_species                   ? 
_entity_src_gen.pdbx_host_org_tissue               ? 
_entity_src_gen.pdbx_host_org_tissue_fraction      ? 
_entity_src_gen.pdbx_host_org_strain               ? 
_entity_src_gen.pdbx_host_org_variant              ? 
_entity_src_gen.pdbx_host_org_cell_line            ? 
_entity_src_gen.pdbx_host_org_atcc                 ? 
_entity_src_gen.pdbx_host_org_culture_collection   ? 
_entity_src_gen.pdbx_host_org_cell                 ? 
_entity_src_gen.pdbx_host_org_organelle            ? 
_entity_src_gen.pdbx_host_org_cellular_location    ? 
_entity_src_gen.pdbx_host_org_vector_type          Plasmid 
_entity_src_gen.pdbx_host_org_vector               ? 
_entity_src_gen.host_org_details                   ? 
_entity_src_gen.expression_system_id               ? 
_entity_src_gen.plasmid_name                       pET41a+ 
_entity_src_gen.plasmid_details                    ? 
_entity_src_gen.pdbx_description                   ? 
# 
_struct_ref.id                         1 
_struct_ref.db_name                    UNP 
_struct_ref.db_code                    DYR_STAAU 
_struct_ref.pdbx_db_accession          P0A017 
_struct_ref.pdbx_db_isoform            ? 
_struct_ref.entity_id                  1 
_struct_ref.pdbx_seq_one_letter_code   
;TLSILVAHDLQRVIGFENQLPWHLPNDLKHVKKLSTGHTLVMGRKTFESIGKPLPNRRNVVLTSDTSFNVEGVDVIHSIE
DIYQLPGHVFIFGGQTLFEEMIDKVDDMYITVIEGKFRGDTFFPPYTFEDWEVASSVEGKLDEKNTIPHTFLHLIRK
;
_struct_ref.pdbx_align_begin           2 
# 
_struct_ref_seq.align_id                      1 
_struct_ref_seq.ref_id                        1 
_struct_ref_seq.pdbx_PDB_id_code              6ND2 
_struct_ref_seq.pdbx_strand_id                X 
_struct_ref_seq.seq_align_beg                 1 
_struct_ref_seq.pdbx_seq_align_beg_ins_code   ? 
_struct_ref_seq.seq_align_end                 157 
_struct_ref_seq.pdbx_seq_align_end_ins_code   ? 
_struct_ref_seq.pdbx_db_accession             P0A017 
_struct_ref_seq.db_align_beg                  2 
_struct_ref_seq.pdbx_db_align_beg_ins_code    ? 
_struct_ref_seq.db_align_end                  158 
_struct_ref_seq.pdbx_db_align_end_ins_code    ? 
_struct_ref_seq.pdbx_auth_seq_align_beg       1 
_struct_ref_seq.pdbx_auth_seq_align_end       157 
# 
loop_
_chem_comp.id 
_chem_comp.type 
_chem_comp.mon_nstd_flag 
_chem_comp.name 
_chem_comp.pdbx_synonyms 
_chem_comp.formula 
_chem_comp.formula_weight 
ALA 'L-peptide linking' y ALANINE                                                                                    ? 
'C3 H7 N O2'        89.093  
ARG 'L-peptide linking' y ARGININE                                                                                   ? 
'C6 H15 N4 O2 1'    175.209 
ASN 'L-peptide linking' y ASPARAGINE                                                                                 ? 
'C4 H8 N2 O3'       132.118 
ASP 'L-peptide linking' y 'ASPARTIC ACID'                                                                            ? 
'C4 H7 N O4'        133.103 
G8J non-polymer         . '6-ethyl-5-{(3S)-3-[2-methoxy-5-(pyridin-4-yl)phenyl]but-1-yn-1-yl}pyrimidine-2,4-diamine' ? 
'C22 H23 N5 O'      373.451 
GLN 'L-peptide linking' y GLUTAMINE                                                                                  ? 
'C5 H10 N2 O3'      146.144 
GLU 'L-peptide linking' y 'GLUTAMIC ACID'                                                                            ? 
'C5 H9 N O4'        147.129 
GLY 'peptide linking'   y GLYCINE                                                                                    ? 
'C2 H5 N O2'        75.067  
GOL non-polymer         . GLYCEROL                                                                                   
'GLYCERIN; PROPANE-1,2,3-TRIOL' 'C3 H8 O3'          92.094  
HIS 'L-peptide linking' y HISTIDINE                                                                                  ? 
'C6 H10 N3 O2 1'    156.162 
HOH non-polymer         . WATER                                                                                      ? 'H2 O' 
18.015  
ILE 'L-peptide linking' y ISOLEUCINE                                                                                 ? 
'C6 H13 N O2'       131.173 
LEU 'L-peptide linking' y LEUCINE                                                                                    ? 
'C6 H13 N O2'       131.173 
LYS 'L-peptide linking' y LYSINE                                                                                     ? 
'C6 H15 N2 O2 1'    147.195 
MET 'L-peptide linking' y METHIONINE                                                                                 ? 
'C5 H11 N O2 S'     149.211 
PHE 'L-peptide linking' y PHENYLALANINE                                                                              ? 
'C9 H11 N O2'       165.189 
PRO 'L-peptide linking' y PROLINE                                                                                    ? 
'C5 H9 N O2'        115.130 
SER 'L-peptide linking' y SERINE                                                                                     ? 
'C3 H7 N O3'        105.093 
THR 'L-peptide linking' y THREONINE                                                                                  ? 
'C4 H9 N O3'        119.119 
TRP 'L-peptide linking' y TRYPTOPHAN                                                                                 ? 
'C11 H12 N2 O2'     204.225 
TYR 'L-peptide linking' y TYROSINE                                                                                   ? 
'C9 H11 N O3'       181.189 
VAL 'L-peptide linking' y VALINE                                                                                     ? 
'C5 H11 N O2'       117.146 
XNP non-polymer         . 'Tricyclic NADPH'                                                                          ? 
'C21 H30 N7 O17 P3' 745.421 
# 
_exptl.absorpt_coefficient_mu     ? 
_exptl.absorpt_correction_T_max   ? 
_exptl.absorpt_correction_T_min   ? 
_exptl.absorpt_correction_type    ? 
_exptl.absorpt_process_details    ? 
_exptl.entry_id                   6ND2 
_exptl.crystals_number            1 
_exptl.details                    ? 
_exptl.method                     'X-RAY DIFFRACTION' 
_exptl.method_details             ? 
# 
_exptl_crystal.colour                      ? 
_exptl_crystal.density_diffrn              ? 
_exptl_crystal.density_Matthews            2.69 
_exptl_crystal.density_method              ? 
_exptl_crystal.density_percent_sol         54.27 
_exptl_crystal.description                 ? 
_exptl_crystal.F_000                       ? 
_exptl_crystal.id                          1 
_exptl_crystal.preparation                 ? 
_exptl_crystal.size_max                    ? 
_exptl_crystal.size_mid                    ? 
_exptl_crystal.size_min                    ? 
_exptl_crystal.size_rad                    ? 
_exptl_crystal.colour_lustre               ? 
_exptl_crystal.colour_modifier             ? 
_exptl_crystal.colour_primary              ? 
_exptl_crystal.density_meas                ? 
_exptl_crystal.density_meas_esd            ? 
_exptl_crystal.density_meas_gt             ? 
_exptl_crystal.density_meas_lt             ? 
_exptl_crystal.density_meas_temp           ? 
_exptl_crystal.density_meas_temp_esd       ? 
_exptl_crystal.density_meas_temp_gt        ? 
_exptl_crystal.density_meas_temp_lt        ? 
_exptl_crystal.pdbx_crystal_image_url      ? 
_exptl_crystal.pdbx_crystal_image_format   ? 
_exptl_crystal.pdbx_mosaicity              ? 
_exptl_crystal.pdbx_mosaicity_esd          ? 
# 
_exptl_crystal_grow.apparatus       ? 
_exptl_crystal_grow.atmosphere      ? 
_exptl_crystal_grow.crystal_id      1 
_exptl_crystal_grow.details         ? 
_exptl_crystal_grow.method          'VAPOR DIFFUSION, HANGING DROP' 
_exptl_crystal_grow.method_ref      ? 
_exptl_crystal_grow.pH              5.0 
_exptl_crystal_grow.pressure        ? 
_exptl_crystal_grow.pressure_esd    ? 
_exptl_crystal_grow.seeding         ? 
_exptl_crystal_grow.seeding_ref     ? 
_exptl_crystal_grow.temp            273 
_exptl_crystal_grow.temp_details    ? 
_exptl_crystal_grow.temp_esd        ? 
_exptl_crystal_grow.time            ? 
_exptl_crystal_grow.pdbx_details    '0.1M MES, pH 5.0, 0.1M Sodium Acetate, 13% PEG 10K, 20% gamma-butrylactone' 
_exptl_crystal_grow.pdbx_pH_range   ? 
# 
_diffrn.ambient_environment              ? 
_diffrn.ambient_temp                     100 
_diffrn.ambient_temp_details             ? 
_diffrn.ambient_temp_esd                 ? 
_diffrn.crystal_id                       1 
_diffrn.crystal_support                  ? 
_diffrn.crystal_treatment                ? 
_diffrn.details                          ? 
_diffrn.id                               1 
_diffrn.ambient_pressure                 ? 
_diffrn.ambient_pressure_esd             ? 
_diffrn.ambient_pressure_gt              ? 
_diffrn.ambient_pressure_lt              ? 
_diffrn.ambient_temp_gt                  ? 
_diffrn.ambient_temp_lt                  ? 
_diffrn.pdbx_serial_crystal_experiment   N 
# 
_diffrn_detector.details                      ? 
_diffrn_detector.detector                     CCD 
_diffrn_detector.diffrn_id                    1 
_diffrn_detector.type                         'MARMOSAIC 325 mm CCD' 
_diffrn_detector.area_resol_mean              ? 
_diffrn_detector.dtime                        ? 
_diffrn_detector.pdbx_frames_total            ? 
_diffrn_detector.pdbx_collection_time_total   ? 
_diffrn_detector.pdbx_collection_date         2017-11-16 
_diffrn_detector.pdbx_frequency               ? 
# 
_diffrn_radiation.collimation                      ? 
_diffrn_radiation.diffrn_id                        1 
_diffrn_radiation.filter_edge                      ? 
_diffrn_radiation.inhomogeneity                    ? 
_diffrn_radiation.monochromator                    ? 
_diffrn_radiation.polarisn_norm                    ? 
_diffrn_radiation.polarisn_ratio                   ? 
_diffrn_radiation.probe                            ? 
_diffrn_radiation.type                             ? 
_diffrn_radiation.xray_symbol                      ? 
_diffrn_radiation.wavelength_id                    1 
_diffrn_radiation.pdbx_monochromatic_or_laue_m_l   M 
_diffrn_radiation.pdbx_wavelength_list             ? 
_diffrn_radiation.pdbx_wavelength                  ? 
_diffrn_radiation.pdbx_diffrn_protocol             'SINGLE WAVELENGTH' 
_diffrn_radiation.pdbx_analyzer                    ? 
_diffrn_radiation.pdbx_scattering_type             x-ray 
# 
_diffrn_radiation_wavelength.id           1 
_diffrn_radiation_wavelength.wavelength   1 
_diffrn_radiation_wavelength.wt           1.0 
# 
_diffrn_source.current                     ? 
_diffrn_source.details                     ? 
_diffrn_source.diffrn_id                   1 
_diffrn_source.power                       ? 
_diffrn_source.size                        ? 
_diffrn_source.source                      SYNCHROTRON 
_diffrn_source.target                      ? 
_diffrn_source.type                        'SSRL BEAMLINE BL14-1' 
_diffrn_source.voltage                     ? 
_diffrn_source.take-off_angle              ? 
_diffrn_source.pdbx_wavelength_list        1 
_diffrn_source.pdbx_wavelength             ? 
_diffrn_source.pdbx_synchrotron_beamline   BL14-1 
_diffrn_source.pdbx_synchrotron_site       SSRL 
# 
_reflns.B_iso_Wilson_estimate            ? 
_reflns.entry_id                         6ND2 
_reflns.data_reduction_details           ? 
_reflns.data_reduction_method            ? 
_reflns.d_resolution_high                2.24 
_reflns.d_resolution_low                 50 
_reflns.details                          ? 
_reflns.limit_h_max                      ? 
_reflns.limit_h_min                      ? 
_reflns.limit_k_max                      ? 
_reflns.limit_k_min                      ? 
_reflns.limit_l_max                      ? 
_reflns.limit_l_min                      ? 
_reflns.number_all                       ? 
_reflns.number_obs                       9714 
_reflns.observed_criterion               ? 
_reflns.observed_criterion_F_max         ? 
_reflns.observed_criterion_F_min         ? 
_reflns.observed_criterion_I_max         ? 
_reflns.observed_criterion_I_min         ? 
_reflns.observed_criterion_sigma_F       ? 
_reflns.observed_criterion_sigma_I       ? 
_reflns.percent_possible_obs             96.82 
_reflns.R_free_details                   ? 
_reflns.Rmerge_F_all                     ? 
_reflns.Rmerge_F_obs                     ? 
_reflns.Friedel_coverage                 ? 
_reflns.number_gt                        ? 
_reflns.threshold_expression             ? 
_reflns.pdbx_redundancy                  15.8 
_reflns.pdbx_Rmerge_I_obs                0.148 
_reflns.pdbx_Rmerge_I_all                ? 
_reflns.pdbx_Rsym_value                  ? 
_reflns.pdbx_netI_over_av_sigmaI         ? 
_reflns.pdbx_netI_over_sigmaI            16.06 
_reflns.pdbx_res_netI_over_av_sigmaI_2   ? 
_reflns.pdbx_res_netI_over_sigmaI_2      ? 
_reflns.pdbx_chi_squared                 ? 
_reflns.pdbx_scaling_rejects             ? 
_reflns.pdbx_d_res_high_opt              ? 
_reflns.pdbx_d_res_low_opt               ? 
_reflns.pdbx_d_res_opt_method            ? 
_reflns.phase_calculation_details        ? 
_reflns.pdbx_Rrim_I_all                  ? 
_reflns.pdbx_Rpim_I_all                  ? 
_reflns.pdbx_d_opt                       ? 
_reflns.pdbx_number_measured_all         ? 
_reflns.pdbx_diffrn_id                   1 
_reflns.pdbx_ordinal                     1 
_reflns.pdbx_CC_half                     ? 
_reflns.pdbx_R_split                     ? 
# 
_reflns_shell.d_res_high                  2.24 
_reflns_shell.d_res_low                   2.28 
_reflns_shell.meanI_over_sigI_all         ? 
_reflns_shell.meanI_over_sigI_obs         1.7 
_reflns_shell.number_measured_all         ? 
_reflns_shell.number_measured_obs         ? 
_reflns_shell.number_possible             ? 
_reflns_shell.number_unique_all           ? 
_reflns_shell.number_unique_obs           ? 
_reflns_shell.percent_possible_all        ? 
_reflns_shell.percent_possible_obs        ? 
_reflns_shell.Rmerge_F_all                ? 
_reflns_shell.Rmerge_F_obs                ? 
_reflns_shell.Rmerge_I_all                ? 
_reflns_shell.Rmerge_I_obs                0.623 
_reflns_shell.meanI_over_sigI_gt          ? 
_reflns_shell.meanI_over_uI_all           ? 
_reflns_shell.meanI_over_uI_gt            ? 
_reflns_shell.number_measured_gt          ? 
_reflns_shell.number_unique_gt            ? 
_reflns_shell.percent_possible_gt         ? 
_reflns_shell.Rmerge_F_gt                 ? 
_reflns_shell.Rmerge_I_gt                 ? 
_reflns_shell.pdbx_redundancy             11.6 
_reflns_shell.pdbx_Rsym_value             ? 
_reflns_shell.pdbx_chi_squared            ? 
_reflns_shell.pdbx_netI_over_sigmaI_all   ? 
_reflns_shell.pdbx_netI_over_sigmaI_obs   ? 
_reflns_shell.pdbx_Rrim_I_all             ? 
_reflns_shell.pdbx_Rpim_I_all             ? 
_reflns_shell.pdbx_rejects                ? 
_reflns_shell.pdbx_ordinal                1 
_reflns_shell.pdbx_diffrn_id              1 
_reflns_shell.pdbx_CC_half                ? 
_reflns_shell.pdbx_R_split                ? 
# 
_refine.aniso_B[1][1]                            ? 
_refine.aniso_B[1][2]                            ? 
_refine.aniso_B[1][3]                            ? 
_refine.aniso_B[2][2]                            ? 
_refine.aniso_B[2][3]                            ? 
_refine.aniso_B[3][3]                            ? 
_refine.B_iso_max                                ? 
_refine.B_iso_mean                               ? 
_refine.B_iso_min                                ? 
_refine.correlation_coeff_Fo_to_Fc               ? 
_refine.correlation_coeff_Fo_to_Fc_free          ? 
_refine.details                                  ? 
_refine.diff_density_max                         ? 
_refine.diff_density_max_esd                     ? 
_refine.diff_density_min                         ? 
_refine.diff_density_min_esd                     ? 
_refine.diff_density_rms                         ? 
_refine.diff_density_rms_esd                     ? 
_refine.entry_id                                 6ND2 
_refine.pdbx_refine_id                           'X-RAY DIFFRACTION' 
_refine.ls_abs_structure_details                 ? 
_refine.ls_abs_structure_Flack                   ? 
_refine.ls_abs_structure_Flack_esd               ? 
_refine.ls_abs_structure_Rogers                  ? 
_refine.ls_abs_structure_Rogers_esd              ? 
_refine.ls_d_res_high                            2.243 
_refine.ls_d_res_low                             39.439 
_refine.ls_extinction_coef                       ? 
_refine.ls_extinction_coef_esd                   ? 
_refine.ls_extinction_expression                 ? 
_refine.ls_extinction_method                     ? 
_refine.ls_goodness_of_fit_all                   ? 
_refine.ls_goodness_of_fit_all_esd               ? 
_refine.ls_goodness_of_fit_obs                   ? 
_refine.ls_goodness_of_fit_obs_esd               ? 
_refine.ls_hydrogen_treatment                    ? 
_refine.ls_matrix_type                           ? 
_refine.ls_number_constraints                    ? 
_refine.ls_number_parameters                     ? 
_refine.ls_number_reflns_all                     ? 
_refine.ls_number_reflns_obs                     9714 
_refine.ls_number_reflns_R_free                  970 
_refine.ls_number_reflns_R_work                  ? 
_refine.ls_number_restraints                     ? 
_refine.ls_percent_reflns_obs                    96.82 
_refine.ls_percent_reflns_R_free                 9.99 
_refine.ls_R_factor_all                          ? 
_refine.ls_R_factor_obs                          0.1896 
_refine.ls_R_factor_R_free                       0.2352 
_refine.ls_R_factor_R_free_error                 ? 
_refine.ls_R_factor_R_free_error_details         ? 
_refine.ls_R_factor_R_work                       0.1846 
_refine.ls_R_Fsqd_factor_obs                     ? 
_refine.ls_R_I_factor_obs                        ? 
_refine.ls_redundancy_reflns_all                 ? 
_refine.ls_redundancy_reflns_obs                 ? 
_refine.ls_restrained_S_all                      ? 
_refine.ls_restrained_S_obs                      ? 
_refine.ls_shift_over_esd_max                    ? 
_refine.ls_shift_over_esd_mean                   ? 
_refine.ls_structure_factor_coef                 ? 
_refine.ls_weighting_details                     ? 
_refine.ls_weighting_scheme                      ? 
_refine.ls_wR_factor_all                         ? 
_refine.ls_wR_factor_obs                         ? 
_refine.ls_wR_factor_R_free                      ? 
_refine.ls_wR_factor_R_work                      ? 
_refine.occupancy_max                            ? 
_refine.occupancy_min                            ? 
_refine.solvent_model_details                    ? 
_refine.solvent_model_param_bsol                 ? 
_refine.solvent_model_param_ksol                 ? 
_refine.ls_R_factor_gt                           ? 
_refine.ls_goodness_of_fit_gt                    ? 
_refine.ls_goodness_of_fit_ref                   ? 
_refine.ls_shift_over_su_max                     ? 
_refine.ls_shift_over_su_max_lt                  ? 
_refine.ls_shift_over_su_mean                    ? 
_refine.ls_shift_over_su_mean_lt                 ? 
_refine.pdbx_ls_sigma_I                          ? 
_refine.pdbx_ls_sigma_F                          1.34 
_refine.pdbx_ls_sigma_Fsqd                       ? 
_refine.pdbx_data_cutoff_high_absF               ? 
_refine.pdbx_data_cutoff_high_rms_absF           ? 
_refine.pdbx_data_cutoff_low_absF                ? 
_refine.pdbx_isotropic_thermal_model             ? 
_refine.pdbx_ls_cross_valid_method               'FREE R-VALUE' 
_refine.pdbx_method_to_determine_struct          'MOLECULAR REPLACEMENT' 
_refine.pdbx_starting_model                      3F0Q 
_refine.pdbx_stereochemistry_target_values       ? 
_refine.pdbx_R_Free_selection_details            ? 
_refine.pdbx_stereochem_target_val_spec_case     ? 
_refine.pdbx_overall_ESU_R                       ? 
_refine.pdbx_overall_ESU_R_Free                  ? 
_refine.pdbx_solvent_vdw_probe_radii             1.11 
_refine.pdbx_solvent_ion_probe_radii             ? 
_refine.pdbx_solvent_shrinkage_radii             0.90 
_refine.pdbx_real_space_R                        ? 
_refine.pdbx_density_correlation                 ? 
_refine.pdbx_pd_number_of_powder_patterns        ? 
_refine.pdbx_pd_number_of_points                 ? 
_refine.pdbx_pd_meas_number_of_points            ? 
_refine.pdbx_pd_proc_ls_prof_R_factor            ? 
_refine.pdbx_pd_proc_ls_prof_wR_factor           ? 
_refine.pdbx_pd_Marquardt_correlation_coeff      ? 
_refine.pdbx_pd_Fsqrd_R_factor                   ? 
_refine.pdbx_pd_ls_matrix_band_width             ? 
_refine.pdbx_overall_phase_error                 24.27 
_refine.pdbx_overall_SU_R_free_Cruickshank_DPI   ? 
_refine.pdbx_overall_SU_R_free_Blow_DPI          ? 
_refine.pdbx_overall_SU_R_Blow_DPI               ? 
_refine.pdbx_TLS_residual_ADP_flag               ? 
_refine.pdbx_diffrn_id                           1 
_refine.overall_SU_B                             ? 
_refine.overall_SU_ML                            0.26 
_refine.overall_SU_R_Cruickshank_DPI             ? 
_refine.overall_SU_R_free                        ? 
_refine.overall_FOM_free_R_set                   ? 
_refine.overall_FOM_work_R_set                   ? 
_refine.pdbx_average_fsc_overall                 ? 
_refine.pdbx_average_fsc_work                    ? 
_refine.pdbx_average_fsc_free                    ? 
# 
_refine_hist.pdbx_refine_id                   'X-RAY DIFFRACTION' 
_refine_hist.cycle_id                         LAST 
_refine_hist.pdbx_number_atoms_protein        1273 
_refine_hist.pdbx_number_atoms_nucleic_acid   0 
_refine_hist.pdbx_number_atoms_ligand         82 
_refine_hist.number_atoms_solvent             37 
_refine_hist.number_atoms_total               1392 
_refine_hist.d_res_high                       2.243 
_refine_hist.d_res_low                        39.439 
# 
loop_
_refine_ls_restr.pdbx_refine_id 
_refine_ls_restr.criterion 
_refine_ls_restr.dev_ideal 
_refine_ls_restr.dev_ideal_target 
_refine_ls_restr.number 
_refine_ls_restr.rejects 
_refine_ls_restr.type 
_refine_ls_restr.weight 
_refine_ls_restr.pdbx_restraint_function 
'X-RAY DIFFRACTION' ? 0.012  ? 1407 ? f_bond_d           ? ? 
'X-RAY DIFFRACTION' ? 1.746  ? 1922 ? f_angle_d          ? ? 
'X-RAY DIFFRACTION' ? 10.068 ? 1188 ? f_dihedral_angle_d ? ? 
'X-RAY DIFFRACTION' ? 0.151  ? 215  ? f_chiral_restr     ? ? 
'X-RAY DIFFRACTION' ? 0.008  ? 235  ? f_plane_restr      ? ? 
# 
loop_
_refine_ls_shell.pdbx_refine_id 
_refine_ls_shell.d_res_high 
_refine_ls_shell.d_res_low 
_refine_ls_shell.number_reflns_all 
_refine_ls_shell.number_reflns_obs 
_refine_ls_shell.number_reflns_R_free 
_refine_ls_shell.number_reflns_R_work 
_refine_ls_shell.percent_reflns_obs 
_refine_ls_shell.percent_reflns_R_free 
_refine_ls_shell.R_factor_all 
_refine_ls_shell.R_factor_obs 
_refine_ls_shell.R_factor_R_free 
_refine_ls_shell.R_factor_R_free_error 
_refine_ls_shell.R_factor_R_work 
_refine_ls_shell.redundancy_reflns_all 
_refine_ls_shell.redundancy_reflns_obs 
_refine_ls_shell.wR_factor_all 
_refine_ls_shell.wR_factor_obs 
_refine_ls_shell.wR_factor_R_free 
_refine_ls_shell.wR_factor_R_work 
_refine_ls_shell.pdbx_total_number_of_bins_used 
_refine_ls_shell.pdbx_phase_error 
_refine_ls_shell.pdbx_fsc_work 
_refine_ls_shell.pdbx_fsc_free 
'X-RAY DIFFRACTION' 2.2428 2.3610  . . 114 1030 83.00  . . . 0.3279 . 0.2319 . . . . . . . . . . 
'X-RAY DIFFRACTION' 2.3610 2.5089  . . 131 1187 95.00  . . . 0.2641 . 0.2249 . . . . . . . . . . 
'X-RAY DIFFRACTION' 2.5089 2.7026  . . 139 1253 100.00 . . . 0.2961 . 0.2279 . . . . . . . . . . 
'X-RAY DIFFRACTION' 2.7026 2.9745  . . 142 1275 100.00 . . . 0.3094 . 0.2193 . . . . . . . . . . 
'X-RAY DIFFRACTION' 2.9745 3.4047  . . 144 1288 100.00 . . . 0.2504 . 0.2003 . . . . . . . . . . 
'X-RAY DIFFRACTION' 3.4047 4.2887  . . 144 1298 100.00 . . . 0.2139 . 0.1585 . . . . . . . . . . 
'X-RAY DIFFRACTION' 4.2887 39.4451 . . 156 1413 100.00 . . . 0.1776 . 0.1568 . . . . . . . . . . 
# 
_struct.entry_id                     6ND2 
_struct.title                        
;Staphylococcus aureus Dihydrofolate Reductase complexed with NADPH and 6-ETHYL-5-[(3R)-3-[2-METHOXY-5-(PYRIDIN-4-YL)PHENYL]BUT-1-YN-1-YL]PYRIMIDINE-2,4-DIAMINE (UCP1063)
;
_struct.pdbx_model_details           ? 
_struct.pdbx_formula_weight          ? 
_struct.pdbx_formula_weight_method   ? 
_struct.pdbx_model_type_details      ? 
_struct.pdbx_CASP_flag               N 
# 
_struct_keywords.entry_id        6ND2 
_struct_keywords.text            'DHFR, Propargyl-linked antifolates, antibiotics, antifolates, OXIDOREDUCTASE' 
_struct_keywords.pdbx_keywords   OXIDOREDUCTASE 
# 
loop_
_struct_asym.id 
_struct_asym.pdbx_blank_PDB_chainid_flag 
_struct_asym.pdbx_modified 
_struct_asym.entity_id 
_struct_asym.details 
A N N 1 ? 
B N N 2 ? 
C N N 3 ? 
D N N 4 ? 
E N N 5 ? 
# 
loop_
_struct_conf.conf_type_id 
_struct_conf.id 
_struct_conf.pdbx_PDB_helix_id 
_struct_conf.beg_label_comp_id 
_struct_conf.beg_label_asym_id 
_struct_conf.beg_label_seq_id 
_struct_conf.pdbx_beg_PDB_ins_code 
_struct_conf.end_label_comp_id 
_struct_conf.end_label_asym_id 
_struct_conf.end_label_seq_id 
_struct_conf.pdbx_end_PDB_ins_code 
_struct_conf.beg_auth_comp_id 
_struct_conf.beg_auth_asym_id 
_struct_conf.beg_auth_seq_id 
_struct_conf.end_auth_comp_id 
_struct_conf.end_auth_asym_id 
_struct_conf.end_auth_seq_id 
_struct_conf.pdbx_PDB_helix_class 
_struct_conf.details 
_struct_conf.pdbx_PDB_helix_length 
HELX_P HELX_P1 AA1 LEU A 24 ? THR A 36  ? LEU X 24 THR X 36  1 ? 13 
HELX_P HELX_P2 AA2 ARG A 44 ? GLY A 51  ? ARG X 44 GLY X 51  1 ? 8  
HELX_P HELX_P3 AA3 SER A 78 ? LEU A 85  ? SER X 78 LEU X 85  5 ? 8  
HELX_P HELX_P4 AA4 GLY A 94 ? ILE A 102 ? GLY X 94 ILE X 102 1 ? 9  
# 
_struct_conf_type.id          HELX_P 
_struct_conf_type.criteria    ? 
_struct_conf_type.reference   ? 
# 
_struct_mon_prot_cis.pdbx_id                1 
_struct_mon_prot_cis.label_comp_id          GLY 
_struct_mon_prot_cis.label_seq_id           93 
_struct_mon_prot_cis.label_asym_id          A 
_struct_mon_prot_cis.label_alt_id           . 
_struct_mon_prot_cis.pdbx_PDB_ins_code      ? 
_struct_mon_prot_cis.auth_comp_id           GLY 
_struct_mon_prot_cis.auth_seq_id            93 
_struct_mon_prot_cis.auth_asym_id           X 
_struct_mon_prot_cis.pdbx_label_comp_id_2   GLY 
_struct_mon_prot_cis.pdbx_label_seq_id_2    94 
_struct_mon_prot_cis.pdbx_label_asym_id_2   A 
_struct_mon_prot_cis.pdbx_PDB_ins_code_2    ? 
_struct_mon_prot_cis.pdbx_auth_comp_id_2    GLY 
_struct_mon_prot_cis.pdbx_auth_seq_id_2     94 
_struct_mon_prot_cis.pdbx_auth_asym_id_2    X 
_struct_mon_prot_cis.pdbx_PDB_model_num     1 
_struct_mon_prot_cis.pdbx_omega_angle       -2.46 
# 
loop_
_struct_sheet.id 
_struct_sheet.type 
_struct_sheet.number_strands 
_struct_sheet.details 
AA1 ? 8 ? 
AA2 ? 2 ? 
# 
loop_
_struct_sheet_order.sheet_id 
_struct_sheet_order.range_id_1 
_struct_sheet_order.range_id_2 
_struct_sheet_order.offset 
_struct_sheet_order.sense 
AA1 1 2 ? parallel      
AA1 2 3 ? parallel      
AA1 3 4 ? parallel      
AA1 4 5 ? parallel      
AA1 5 6 ? parallel      
AA1 6 7 ? anti-parallel 
AA1 7 8 ? anti-parallel 
AA2 1 2 ? anti-parallel 
# 
loop_
_struct_sheet_range.sheet_id 
_struct_sheet_range.id 
_struct_sheet_range.beg_label_comp_id 
_struct_sheet_range.beg_label_asym_id 
_struct_sheet_range.beg_label_seq_id 
_struct_sheet_range.pdbx_beg_PDB_ins_code 
_struct_sheet_range.end_label_comp_id 
_struct_sheet_range.end_label_asym_id 
_struct_sheet_range.end_label_seq_id 
_struct_sheet_range.pdbx_end_PDB_ins_code 
_struct_sheet_range.beg_auth_comp_id 
_struct_sheet_range.beg_auth_asym_id 
_struct_sheet_range.beg_auth_seq_id 
_struct_sheet_range.end_auth_comp_id 
_struct_sheet_range.end_auth_asym_id 
_struct_sheet_range.end_auth_seq_id 
AA1 1 ASP A 74  ? ILE A 76  ? ASP X 74  ILE X 76  
AA1 2 ARG A 58  ? LEU A 62  ? ARG X 58  LEU X 62  
AA1 3 THR A 39  ? GLY A 43  ? THR X 39  GLY X 43  
AA1 4 VAL A 89  ? GLY A 93  ? VAL X 89  GLY X 93  
AA1 5 LEU A 2   ? ASP A 9   ? LEU X 2   ASP X 9   
AA1 6 ASP A 107 ? ILE A 113 ? ASP X 107 ILE X 113 
AA1 7 HIS A 149 ? ARG A 156 ? HIS X 149 ARG X 156 
AA1 8 TRP A 131 ? GLU A 138 ? TRP X 131 GLU X 138 
AA2 1 VAL A 13  ? GLY A 15  ? VAL X 13  GLY X 15  
AA2 2 THR A 121 ? PHE A 122 ? THR X 121 PHE X 122 
# 
loop_
_pdbx_struct_sheet_hbond.sheet_id 
_pdbx_struct_sheet_hbond.range_id_1 
_pdbx_struct_sheet_hbond.range_id_2 
_pdbx_struct_sheet_hbond.range_1_label_atom_id 
_pdbx_struct_sheet_hbond.range_1_label_comp_id 
_pdbx_struct_sheet_hbond.range_1_label_asym_id 
_pdbx_struct_sheet_hbond.range_1_label_seq_id 
_pdbx_struct_sheet_hbond.range_1_PDB_ins_code 
_pdbx_struct_sheet_hbond.range_1_auth_atom_id 
_pdbx_struct_sheet_hbond.range_1_auth_comp_id 
_pdbx_struct_sheet_hbond.range_1_auth_asym_id 
_pdbx_struct_sheet_hbond.range_1_auth_seq_id 
_pdbx_struct_sheet_hbond.range_2_label_atom_id 
_pdbx_struct_sheet_hbond.range_2_label_comp_id 
_pdbx_struct_sheet_hbond.range_2_label_asym_id 
_pdbx_struct_sheet_hbond.range_2_label_seq_id 
_pdbx_struct_sheet_hbond.range_2_PDB_ins_code 
_pdbx_struct_sheet_hbond.range_2_auth_atom_id 
_pdbx_struct_sheet_hbond.range_2_auth_comp_id 
_pdbx_struct_sheet_hbond.range_2_auth_asym_id 
_pdbx_struct_sheet_hbond.range_2_auth_seq_id 
AA1 1 2 O ASP A 74  ? O ASP X 74  N ASN A 59  ? N ASN X 59  
AA1 2 3 O VAL A 60  ? O VAL X 60  N LEU A 40  ? N LEU X 40  
AA1 3 4 N THR A 39  ? N THR X 39  O PHE A 90  ? O PHE X 90  
AA1 4 5 O ILE A 91  ? O ILE X 91  N SER A 3   ? N SER X 3   
AA1 5 6 N ILE A 4   ? N ILE X 4   O TYR A 109 ? O TYR X 109 
AA1 6 7 N ILE A 110 ? N ILE X 110 O LEU A 152 ? O LEU X 152 
AA1 7 8 O PHE A 151 ? O PHE X 151 N VAL A 137 ? N VAL X 137 
AA2 1 2 N ILE A 14  ? N ILE X 14  O THR A 121 ? O THR X 121 
# 
loop_
_struct_site.id 
_struct_site.pdbx_evidence_code 
_struct_site.pdbx_auth_asym_id 
_struct_site.pdbx_auth_comp_id 
_struct_site.pdbx_auth_seq_id 
_struct_site.pdbx_auth_ins_code 
_struct_site.pdbx_num_residues 
_struct_site.details 
AC1 Software X GOL 201 ? 5  'binding site for residue GOL X 201' 
AC2 Software X G8J 202 ? 15 'binding site for residue G8J X 202' 
AC3 Software X XNP 203 ? 26 'binding site for residue XNP X 203' 
# 
loop_
_struct_site_gen.id 
_struct_site_gen.site_id 
_struct_site_gen.pdbx_num_res 
_struct_site_gen.label_comp_id 
_struct_site_gen.label_asym_id 
_struct_site_gen.label_seq_id 
_struct_site_gen.pdbx_auth_ins_code 
_struct_site_gen.auth_comp_id 
_struct_site_gen.auth_asym_id 
_struct_site_gen.auth_seq_id 
_struct_site_gen.label_atom_id 
_struct_site_gen.label_alt_id 
_struct_site_gen.symmetry 
_struct_site_gen.details 
1  AC1 5  ARG A 12  ? ARG X 12  . ? 1_555  ? 
2  AC1 5  PRO A 125 ? PRO X 125 . ? 1_555  ? 
3  AC1 5  TYR A 126 ? TYR X 126 . ? 1_555  ? 
4  AC1 5  GLU A 132 ? GLU X 132 . ? 6_555  ? 
5  AC1 5  HOH E .   ? HOH X 310 . ? 1_555  ? 
6  AC2 15 LEU A 5   ? LEU X 5   . ? 1_555  ? 
7  AC2 15 VAL A 6   ? VAL X 6   . ? 1_555  ? 
8  AC2 15 ALA A 7   ? ALA X 7   . ? 1_555  ? 
9  AC2 15 ASN A 18  ? ASN X 18  . ? 1_555  ? 
10 AC2 15 LEU A 20  ? LEU X 20  . ? 1_555  ? 
11 AC2 15 ASP A 27  ? ASP X 27  . ? 1_555  ? 
12 AC2 15 LEU A 28  ? LEU X 28  . ? 1_555  ? 
13 AC2 15 VAL A 31  ? VAL X 31  . ? 1_555  ? 
14 AC2 15 THR A 46  ? THR X 46  . ? 1_555  ? 
15 AC2 15 SER A 49  ? SER X 49  . ? 1_555  ? 
16 AC2 15 ILE A 50  ? ILE X 50  . ? 1_555  ? 
17 AC2 15 LEU A 54  ? LEU X 54  . ? 1_555  ? 
18 AC2 15 PHE A 92  ? PHE X 92  . ? 1_555  ? 
19 AC2 15 XNP D .   ? XNP X 203 . ? 1_555  ? 
20 AC2 15 HOH E .   ? HOH X 324 . ? 1_555  ? 
21 AC3 26 ILE A 14  ? ILE X 14  . ? 1_555  ? 
22 AC3 26 GLY A 15  ? GLY X 15  . ? 1_555  ? 
23 AC3 26 ASN A 18  ? ASN X 18  . ? 1_555  ? 
24 AC3 26 GLY A 43  ? GLY X 43  . ? 1_555  ? 
25 AC3 26 ARG A 44  ? ARG X 44  . ? 1_555  ? 
26 AC3 26 LYS A 45  ? LYS X 45  . ? 1_555  ? 
27 AC3 26 THR A 46  ? THR X 46  . ? 1_555  ? 
28 AC3 26 SER A 49  ? SER X 49  . ? 1_555  ? 
29 AC3 26 LEU A 62  ? LEU X 62  . ? 1_555  ? 
30 AC3 26 THR A 63  ? THR X 63  . ? 1_555  ? 
31 AC3 26 SER A 64  ? SER X 64  . ? 1_555  ? 
32 AC3 26 SER A 67  ? SER X 67  . ? 10_445 ? 
33 AC3 26 HIS A 77  ? HIS X 77  . ? 1_555  ? 
34 AC3 26 ILE A 79  ? ILE X 79  . ? 1_555  ? 
35 AC3 26 GLY A 94  ? GLY X 94  . ? 1_555  ? 
36 AC3 26 GLN A 95  ? GLN X 95  . ? 1_555  ? 
37 AC3 26 THR A 96  ? THR X 96  . ? 1_555  ? 
38 AC3 26 LEU A 97  ? LEU X 97  . ? 1_555  ? 
39 AC3 26 GLU A 100 ? GLU X 100 . ? 1_555  ? 
40 AC3 26 G8J C .   ? G8J X 202 . ? 1_555  ? 
41 AC3 26 HOH E .   ? HOH X 301 . ? 10_445 ? 
42 AC3 26 HOH E .   ? HOH X 302 . ? 1_555  ? 
43 AC3 26 HOH E .   ? HOH X 314 . ? 1_555  ? 
44 AC3 26 HOH E .   ? HOH X 316 . ? 1_555  ? 
45 AC3 26 HOH E .   ? HOH X 321 . ? 1_555  ? 
46 AC3 26 HOH E .   ? HOH X 325 . ? 1_555  ? 
# 
_atom_sites.entry_id                    6ND2 
_atom_sites.fract_transf_matrix[1][1]   -0.00811948 
_atom_sites.fract_transf_matrix[1][2]   0.00634683 
_atom_sites.fract_transf_matrix[1][3]   0.01039740 
_atom_sites.fract_transf_matrix[2][1]   -0.00970793 
_atom_sites.fract_transf_matrix[2][2]   -0.00792722 
_atom_sites.fract_transf_matrix[2][3]   0.00756409 
_atom_sites.fract_transf_matrix[3][1]   0.00651263 
_atom_sites.fract_transf_matrix[3][2]   -0.00197334 
_atom_sites.fract_transf_matrix[3][3]   0.00629038 
_atom_sites.fract_transf_vector[1]      -0.402939 
_atom_sites.fract_transf_vector[2]      -0.174972 
_atom_sites.fract_transf_vector[3]      0.356900 
# 
loop_
_atom_type.symbol 
C 
N 
O 
P 
S 
# 
loop_
_atom_site.group_PDB 
_atom_site.id 
_atom_site.type_symbol 
_atom_site.label_atom_id 
_atom_site.label_alt_id 
_atom_site.label_comp_id 
_atom_site.label_asym_id 
_atom_site.label_entity_id 
_atom_site.label_seq_id 
_atom_site.pdbx_PDB_ins_code 
_atom_site.Cartn_x 
_atom_site.Cartn_y 
_atom_site.Cartn_z 
_atom_site.occupancy 
_atom_site.B_iso_or_equiv 
_atom_site.pdbx_formal_charge 
_atom_site.auth_seq_id 
_atom_site.auth_comp_id 
_atom_site.auth_asym_id 
_atom_site.auth_atom_id 
_atom_site.pdbx_PDB_model_num 
ATOM   1    N N     . THR A 1 1   ? -11.972 5.498   -9.211  1.00 51.00 ? 1   THR X N     1 
ATOM   2    C CA    . THR A 1 1   ? -11.769 5.199   -7.793  1.00 45.09 ? 1   THR X CA    1 
ATOM   3    C C     . THR A 1 1   ? -10.280 5.169   -7.413  1.00 41.10 ? 1   THR X C     1 
ATOM   4    O O     . THR A 1 1   ? -9.488  4.441   -8.023  1.00 43.29 ? 1   THR X O     1 
ATOM   5    C CB    . THR A 1 1   ? -12.387 3.851   -7.430  1.00 49.25 ? 1   THR X CB    1 
ATOM   6    O OG1   . THR A 1 1   ? -13.581 3.668   -8.202  1.00 53.49 ? 1   THR X OG1   1 
ATOM   7    C CG2   . THR A 1 1   ? -12.699 3.788   -5.916  1.00 26.65 ? 1   THR X CG2   1 
ATOM   8    N N     . LEU A 1 2   ? -9.916  5.933   -6.385  1.00 30.92 ? 2   LEU X N     1 
ATOM   9    C CA    . LEU A 1 2   ? -8.535  6.070   -5.933  1.00 32.93 ? 2   LEU X CA    1 
ATOM   10   C C     . LEU A 1 2   ? -8.443  5.668   -4.463  1.00 34.05 ? 2   LEU X C     1 
ATOM   11   O O     . LEU A 1 2   ? -8.983  6.360   -3.595  1.00 33.83 ? 2   LEU X O     1 
ATOM   12   C CB    . LEU A 1 2   ? -8.043  7.511   -6.130  1.00 25.46 ? 2   LEU X CB    1 
ATOM   13   C CG    . LEU A 1 2   ? -6.588  7.803   -5.765  1.00 30.81 ? 2   LEU X CG    1 
ATOM   14   C CD1   . LEU A 1 2   ? -5.684  7.016   -6.671  1.00 35.68 ? 2   LEU X CD1   1 
ATOM   15   C CD2   . LEU A 1 2   ? -6.263  9.294   -5.861  1.00 32.39 ? 2   LEU X CD2   1 
ATOM   16   N N     . SER A 1 3   ? -7.712  4.591   -4.182  1.00 27.35 ? 3   SER X N     1 
ATOM   17   C CA    . SER A 1 3   ? -7.610  4.028   -2.843  1.00 31.58 ? 3   SER X CA    1 
ATOM   18   C C     . SER A 1 3   ? -6.153  3.916   -2.407  1.00 31.38 ? 3   SER X C     1 
ATOM   19   O O     . SER A 1 3   ? -5.244  3.777   -3.231  1.00 32.17 ? 3   SER X O     1 
ATOM   20   C CB    . SER A 1 3   ? -8.257  2.629   -2.779  1.00 27.25 ? 3   SER X CB    1 
ATOM   21   O OG    . SER A 1 3   ? -9.505  2.619   -3.457  1.00 25.25 ? 3   SER X OG    1 
ATOM   22   N N     . ILE A 1 4   ? -5.942  3.948   -1.100  1.00 27.09 ? 4   ILE X N     1 
ATOM   23   C CA    . ILE A 1 4   ? -4.676  3.536   -0.502  1.00 26.55 ? 4   ILE X CA    1 
ATOM   24   C C     . ILE A 1 4   ? -4.761  2.058   -0.144  1.00 24.29 ? 4   ILE X C     1 
ATOM   25   O O     . ILE A 1 4   ? -5.825  1.565   0.237   1.00 22.83 ? 4   ILE X O     1 
ATOM   26   C CB    . ILE A 1 4   ? -4.350  4.408   0.725   1.00 26.81 ? 4   ILE X CB    1 
ATOM   27   C CG1   . ILE A 1 4   ? -3.553  5.635   0.267   1.00 25.61 ? 4   ILE X CG1   1 
ATOM   28   C CG2   . ILE A 1 4   ? -3.589  3.605   1.810   1.00 20.60 ? 4   ILE X CG2   1 
ATOM   29   C CD1   . ILE A 1 4   ? -3.368  6.705   1.334   1.00 23.13 ? 4   ILE X CD1   1 
ATOM   30   N N     . LEU A 1 5   ? -3.652  1.335   -0.303  1.00 28.13 ? 5   LEU X N     1 
ATOM   31   C CA    . LEU A 1 5   ? -3.545  -0.057  0.130   1.00 24.27 ? 5   LEU X CA    1 
ATOM   32   C C     . LEU A 1 5   ? -2.253  -0.206  0.929   1.00 22.78 ? 5   LEU X C     1 
ATOM   33   O O     . LEU A 1 5   ? -1.148  -0.091  0.377   1.00 23.87 ? 5   LEU X O     1 
ATOM   34   C CB    . LEU A 1 5   ? -3.582  -0.998  -1.073  1.00 24.64 ? 5   LEU X CB    1 
ATOM   35   C CG    . LEU A 1 5   ? -3.516  -2.488  -0.751  1.00 29.72 ? 5   LEU X CG    1 
ATOM   36   C CD1   . LEU A 1 5   ? -4.663  -2.833  0.182   1.00 26.51 ? 5   LEU X CD1   1 
ATOM   37   C CD2   . LEU A 1 5   ? -3.562  -3.326  -2.033  1.00 21.57 ? 5   LEU X CD2   1 
ATOM   38   N N     . VAL A 1 6   ? -2.382  -0.458  2.230   1.00 21.80 ? 6   VAL X N     1 
ATOM   39   C CA    . VAL A 1 6   ? -1.238  -0.409  3.141   1.00 26.19 ? 6   VAL X CA    1 
ATOM   40   C C     . VAL A 1 6   ? -1.426  -1.453  4.242   1.00 25.59 ? 6   VAL X C     1 
ATOM   41   O O     . VAL A 1 6   ? -2.551  -1.821  4.605   1.00 25.36 ? 6   VAL X O     1 
ATOM   42   C CB    . VAL A 1 6   ? -1.056  1.027   3.724   1.00 24.21 ? 6   VAL X CB    1 
ATOM   43   C CG1   . VAL A 1 6   ? -2.246  1.413   4.624   1.00 22.70 ? 6   VAL X CG1   1 
ATOM   44   C CG2   . VAL A 1 6   ? 0.287   1.184   4.469   1.00 17.32 ? 6   VAL X CG2   1 
ATOM   45   N N     . ALA A 1 7   ? -0.311  -1.945  4.768   1.00 23.17 ? 7   ALA X N     1 
ATOM   46   C CA    . ALA A 1 7   ? -0.305  -2.682  6.022   1.00 24.04 ? 7   ALA X CA    1 
ATOM   47   C C     . ALA A 1 7   ? 0.595   -1.916  6.974   1.00 24.64 ? 7   ALA X C     1 
ATOM   48   O O     . ALA A 1 7   ? 1.706   -1.529  6.596   1.00 23.75 ? 7   ALA X O     1 
ATOM   49   C CB    . ALA A 1 7   ? 0.193   -4.121  5.827   1.00 26.52 ? 7   ALA X CB    1 
ATOM   50   N N     . HIS A 1 8   ? 0.107   -1.632  8.177   1.00 22.87 ? 8   HIS X N     1 
ATOM   51   C CA    . HIS A 1 8   ? 0.933   -0.902  9.125   1.00 23.00 ? 8   HIS X CA    1 
ATOM   52   C C     . HIS A 1 8   ? 0.681   -1.450  10.514  1.00 29.16 ? 8   HIS X C     1 
ATOM   53   O O     . HIS A 1 8   ? -0.389  -2.004  10.790  1.00 24.84 ? 8   HIS X O     1 
ATOM   54   C CB    . HIS A 1 8   ? 0.712   0.630   9.067   1.00 23.95 ? 8   HIS X CB    1 
ATOM   55   C CG    . HIS A 1 8   ? -0.585  1.110   9.638   1.00 21.48 ? 8   HIS X CG    1 
ATOM   56   N ND1   . HIS A 1 8   ? -0.901  1.004   10.978  1.00 21.43 ? 8   HIS X ND1   1 
ATOM   57   C CD2   . HIS A 1 8   ? -1.632  1.737   9.053   1.00 17.85 ? 8   HIS X CD2   1 
ATOM   58   C CE1   . HIS A 1 8   ? -2.100  1.524   11.189  1.00 21.12 ? 8   HIS X CE1   1 
ATOM   59   N NE2   . HIS A 1 8   ? -2.568  1.966   10.033  1.00 25.67 ? 8   HIS X NE2   1 
ATOM   60   N N     . ASP A 1 9   ? 1.694   -1.323  11.374  1.00 23.70 ? 9   ASP X N     1 
ATOM   61   C CA    . ASP A 1 9   ? 1.622   -1.929  12.693  1.00 27.73 ? 9   ASP X CA    1 
ATOM   62   C C     . ASP A 1 9   ? 0.960   -0.940  13.665  1.00 28.86 ? 9   ASP X C     1 
ATOM   63   O O     . ASP A 1 9   ? 0.413   0.091   13.253  1.00 22.34 ? 9   ASP X O     1 
ATOM   64   C CB    . ASP A 1 9   ? 3.015   -2.435  13.091  1.00 23.37 ? 9   ASP X CB    1 
ATOM   65   C CG    . ASP A 1 9   ? 3.905   -1.384  13.751  1.00 28.72 ? 9   ASP X CG    1 
ATOM   66   O OD1   . ASP A 1 9   ? 3.610   -0.154  13.748  1.00 23.45 ? 9   ASP X OD1   1 
ATOM   67   O OD2   . ASP A 1 9   ? 4.935   -1.837  14.298  1.00 22.97 ? 9   ASP X OD2   1 
ATOM   68   N N     . LEU A 1 10  ? 1.003   -1.249  14.971  1.00 25.35 ? 10  LEU X N     1 
ATOM   69   C CA    . LEU A 1 10  ? 0.308   -0.435  15.972  1.00 28.62 ? 10  LEU X CA    1 
ATOM   70   C C     . LEU A 1 10  ? 0.807   1.000   16.011  1.00 32.53 ? 10  LEU X C     1 
ATOM   71   O O     . LEU A 1 10  ? 0.062   1.888   16.431  1.00 27.70 ? 10  LEU X O     1 
ATOM   72   C CB    . LEU A 1 10  ? 0.459   -1.042  17.364  1.00 24.37 ? 10  LEU X CB    1 
ATOM   73   C CG    . LEU A 1 10  ? -0.242  -2.381  17.510  1.00 29.72 ? 10  LEU X CG    1 
ATOM   74   C CD1   . LEU A 1 10  ? 0.183   -3.112  18.798  1.00 31.15 ? 10  LEU X CD1   1 
ATOM   75   C CD2   . LEU A 1 10  ? -1.741  -2.161  17.416  1.00 28.74 ? 10  LEU X CD2   1 
ATOM   76   N N     . GLN A 1 11  ? 2.039   1.249   15.575  1.00 30.23 ? 11  GLN X N     1 
ATOM   77   C CA    . GLN A 1 11  ? 2.595   2.592   15.572  1.00 31.89 ? 11  GLN X CA    1 
ATOM   78   C C     . GLN A 1 11  ? 2.722   3.162   14.168  1.00 27.89 ? 11  GLN X C     1 
ATOM   79   O O     . GLN A 1 11  ? 3.370   4.203   13.985  1.00 28.43 ? 11  GLN X O     1 
ATOM   80   C CB    . GLN A 1 11  ? 3.942   2.587   16.284  1.00 30.46 ? 11  GLN X CB    1 
ATOM   81   C CG    . GLN A 1 11  ? 3.722   2.742   17.780  1.00 44.87 ? 11  GLN X CG    1 
ATOM   82   C CD    . GLN A 1 11  ? 4.829   2.137   18.612  1.00 49.71 ? 11  GLN X CD    1 
ATOM   83   O OE1   . GLN A 1 11  ? 5.641   1.328   18.123  1.00 40.54 ? 11  GLN X OE1   1 
ATOM   84   N NE2   . GLN A 1 11  ? 4.868   2.521   19.894  1.00 39.27 ? 11  GLN X NE2   1 
ATOM   85   N N     . ARG A 1 12  ? 2.108   2.499   13.185  1.00 25.88 ? 12  ARG X N     1 
ATOM   86   C CA    . ARG A 1 12  ? 2.096   2.860   11.769  1.00 26.56 ? 12  ARG X CA    1 
ATOM   87   C C     . ARG A 1 12  ? 3.409   2.548   11.057  1.00 23.89 ? 12  ARG X C     1 
ATOM   88   O O     . ARG A 1 12  ? 3.661   3.088   9.970   1.00 28.33 ? 12  ARG X O     1 
ATOM   89   C CB    . ARG A 1 12  ? 1.720   4.334   11.559  1.00 23.71 ? 12  ARG X CB    1 
ATOM   90   C CG    . ARG A 1 12  ? 0.219   4.588   11.608  1.00 25.81 ? 12  ARG X CG    1 
ATOM   91   C CD    . ARG A 1 12  ? -0.077  6.090   11.656  1.00 29.68 ? 12  ARG X CD    1 
ATOM   92   N NE    . ARG A 1 12  ? 0.332   6.655   12.938  1.00 29.55 ? 12  ARG X NE    1 
ATOM   93   C CZ    . ARG A 1 12  ? 1.463   7.327   13.137  1.00 32.52 ? 12  ARG X CZ    1 
ATOM   94   N NH1   . ARG A 1 12  ? 2.307   7.535   12.113  1.00 22.71 ? 12  ARG X NH1   1 
ATOM   95   N NH2   . ARG A 1 12  ? 1.748   7.782   14.358  1.00 24.03 ? 12  ARG X NH2   1 
ATOM   96   N N     . VAL A 1 13  ? 4.258   1.682   11.616  1.00 23.78 ? 13  VAL X N     1 
ATOM   97   C CA    . VAL A 1 13  ? 5.393   1.187   10.849  1.00 25.61 ? 13  VAL X CA    1 
ATOM   98   C C     . VAL A 1 13  ? 4.887   0.408   9.648   1.00 24.44 ? 13  VAL X C     1 
ATOM   99   O O     . VAL A 1 13  ? 3.996   -0.441  9.773   1.00 26.53 ? 13  VAL X O     1 
ATOM   100  C CB    . VAL A 1 13  ? 6.292   0.297   11.711  1.00 25.83 ? 13  VAL X CB    1 
ATOM   101  C CG1   . VAL A 1 13  ? 7.372   -0.355  10.816  1.00 25.04 ? 13  VAL X CG1   1 
ATOM   102  C CG2   . VAL A 1 13  ? 6.915   1.109   12.840  1.00 21.81 ? 13  VAL X CG2   1 
ATOM   103  N N     . ILE A 1 14  ? 5.451   0.687   8.478   1.00 21.67 ? 14  ILE X N     1 
ATOM   104  C CA    . ILE A 1 14  ? 5.200   -0.132  7.295   1.00 23.12 ? 14  ILE X CA    1 
ATOM   105  C C     . ILE A 1 14  ? 6.457   -0.798  6.758   1.00 25.61 ? 14  ILE X C     1 
ATOM   106  O O     . ILE A 1 14  ? 6.347   -1.688  5.906   1.00 30.70 ? 14  ILE X O     1 
ATOM   107  C CB    . ILE A 1 14  ? 4.535   0.683   6.169   1.00 23.39 ? 14  ILE X CB    1 
ATOM   108  C CG1   . ILE A 1 14  ? 5.550   1.727   5.651   1.00 24.62 ? 14  ILE X CG1   1 
ATOM   109  C CG2   . ILE A 1 14  ? 3.224   1.289   6.661   1.00 20.85 ? 14  ILE X CG2   1 
ATOM   110  C CD1   . ILE A 1 14  ? 5.055   2.639   4.528   1.00 22.35 ? 14  ILE X CD1   1 
ATOM   111  N N     . GLY A 1 15  ? 7.643   -0.401  7.191   1.00 24.89 ? 15  GLY X N     1 
ATOM   112  C CA    . GLY A 1 15  ? 8.838   -0.976  6.599   1.00 28.67 ? 15  GLY X CA    1 
ATOM   113  C C     . GLY A 1 15  ? 10.037  -0.795  7.496   1.00 29.53 ? 15  GLY X C     1 
ATOM   114  O O     . GLY A 1 15  ? 10.046  0.056   8.395   1.00 26.24 ? 15  GLY X O     1 
ATOM   115  N N     . PHE A 1 16  ? 11.038  -1.640  7.270   1.00 21.18 ? 16  PHE X N     1 
ATOM   116  C CA    . PHE A 1 16  ? 12.311  -1.543  7.978   1.00 27.72 ? 16  PHE X CA    1 
ATOM   117  C C     . PHE A 1 16  ? 13.392  -2.079  7.055   1.00 29.77 ? 16  PHE X C     1 
ATOM   118  O O     . PHE A 1 16  ? 13.329  -3.243  6.643   1.00 29.79 ? 16  PHE X O     1 
ATOM   119  C CB    . PHE A 1 16  ? 12.316  -2.316  9.312   1.00 23.33 ? 16  PHE X CB    1 
ATOM   120  C CG    . PHE A 1 16  ? 13.604  -2.149  10.093  1.00 27.09 ? 16  PHE X CG    1 
ATOM   121  C CD1   . PHE A 1 16  ? 14.000  -0.895  10.534  1.00 33.08 ? 16  PHE X CD1   1 
ATOM   122  C CD2   . PHE A 1 16  ? 14.438  -3.226  10.339  1.00 32.89 ? 16  PHE X CD2   1 
ATOM   123  C CE1   . PHE A 1 16  ? 15.204  -0.722  11.219  1.00 36.64 ? 16  PHE X CE1   1 
ATOM   124  C CE2   . PHE A 1 16  ? 15.641  -3.061  11.022  1.00 35.18 ? 16  PHE X CE2   1 
ATOM   125  C CZ    . PHE A 1 16  ? 16.026  -1.815  11.457  1.00 32.77 ? 16  PHE X CZ    1 
ATOM   126  N N     . GLU A 1 17  ? 14.350  -1.223  6.719   1.00 29.50 ? 17  GLU X N     1 
ATOM   127  C CA    . GLU A 1 17  ? 15.489  -1.580  5.876   1.00 31.56 ? 17  GLU X CA    1 
ATOM   128  C C     . GLU A 1 17  ? 15.052  -2.351  4.634   1.00 28.77 ? 17  GLU X C     1 
ATOM   129  O O     . GLU A 1 17  ? 15.464  -3.484  4.404   1.00 28.68 ? 17  GLU X O     1 
ATOM   130  C CB    . GLU A 1 17  ? 16.517  -2.378  6.670   1.00 32.44 ? 17  GLU X CB    1 
ATOM   131  C CG    . GLU A 1 17  ? 17.248  -1.529  7.697   1.00 39.92 ? 17  GLU X CG    1 
ATOM   132  C CD    . GLU A 1 17  ? 18.143  -2.361  8.598   1.00 45.78 ? 17  GLU X CD    1 
ATOM   133  O OE1   . GLU A 1 17  ? 18.118  -3.611  8.486   1.00 48.75 ? 17  GLU X OE1   1 
ATOM   134  O OE2   . GLU A 1 17  ? 18.859  -1.763  9.429   1.00 49.74 ? 17  GLU X OE2   1 
ATOM   135  N N     . ASN A 1 18  ? 14.192  -1.701  3.841   1.00 29.77 ? 18  ASN X N     1 
ATOM   136  C CA    . ASN A 1 18  ? 13.728  -2.189  2.541   1.00 28.63 ? 18  ASN X CA    1 
ATOM   137  C C     . ASN A 1 18  ? 12.904  -3.458  2.666   1.00 32.77 ? 18  ASN X C     1 
ATOM   138  O O     . ASN A 1 18  ? 12.696  -4.162  1.675   1.00 31.55 ? 18  ASN X O     1 
ATOM   139  C CB    . ASN A 1 18  ? 14.894  -2.445  1.568   1.00 32.53 ? 18  ASN X CB    1 
ATOM   140  C CG    . ASN A 1 18  ? 15.417  -1.173  0.897   1.00 34.01 ? 18  ASN X CG    1 
ATOM   141  O OD1   . ASN A 1 18  ? 14.830  -0.097  1.007   1.00 39.07 ? 18  ASN X OD1   1 
ATOM   142  N ND2   . ASN A 1 18  ? 16.534  -1.310  0.171   1.00 48.78 ? 18  ASN X ND2   1 
ATOM   143  N N     . GLN A 1 19  ? 12.429  -3.784  3.863   1.00 30.18 ? 19  GLN X N     1 
ATOM   144  C CA    . GLN A 1 19  ? 11.732  -5.037  4.058   1.00 28.27 ? 19  GLN X CA    1 
ATOM   145  C C     . GLN A 1 19  ? 10.435  -4.817  4.825   1.00 36.92 ? 19  GLN X C     1 
ATOM   146  O O     . GLN A 1 19  ? 10.276  -3.831  5.547   1.00 36.86 ? 19  GLN X O     1 
ATOM   147  C CB    . GLN A 1 19  ? 12.620  -6.024  4.790   1.00 33.49 ? 19  GLN X CB    1 
ATOM   148  C CG    . GLN A 1 19  ? 13.638  -6.690  3.907   1.00 38.39 ? 19  GLN X CG    1 
ATOM   149  C CD    . GLN A 1 19  ? 14.476  -7.672  4.687   1.00 49.25 ? 19  GLN X CD    1 
ATOM   150  O OE1   . GLN A 1 19  ? 15.503  -7.310  5.263   1.00 63.88 ? 19  GLN X OE1   1 
ATOM   151  N NE2   . GLN A 1 19  ? 14.034  -8.923  4.730   1.00 60.95 ? 19  GLN X NE2   1 
ATOM   152  N N     . LEU A 1 20  ? 9.494   -5.733  4.639   1.00 31.92 ? 20  LEU X N     1 
ATOM   153  C CA    . LEU A 1 20  ? 8.359   -5.791  5.546   1.00 30.23 ? 20  LEU X CA    1 
ATOM   154  C C     . LEU A 1 20  ? 8.807   -6.411  6.864   1.00 32.23 ? 20  LEU X C     1 
ATOM   155  O O     . LEU A 1 20  ? 9.428   -7.481  6.860   1.00 27.48 ? 20  LEU X O     1 
ATOM   156  C CB    . LEU A 1 20  ? 7.217   -6.621  4.953   1.00 32.18 ? 20  LEU X CB    1 
ATOM   157  C CG    . LEU A 1 20  ? 6.400   -6.025  3.816   1.00 31.82 ? 20  LEU X CG    1 
ATOM   158  C CD1   . LEU A 1 20  ? 5.638   -7.125  3.117   1.00 28.14 ? 20  LEU X CD1   1 
ATOM   159  C CD2   . LEU A 1 20  ? 5.461   -4.973  4.373   1.00 30.37 ? 20  LEU X CD2   1 
ATOM   160  N N     . PRO A 1 21  ? 8.501   -5.789  8.007   1.00 33.18 ? 21  PRO X N     1 
ATOM   161  C CA    . PRO A 1 21  ? 8.954   -6.350  9.291   1.00 26.79 ? 21  PRO X CA    1 
ATOM   162  C C     . PRO A 1 21  ? 8.306   -7.685  9.647   1.00 28.41 ? 21  PRO X C     1 
ATOM   163  O O     . PRO A 1 21  ? 8.875   -8.420  10.463  1.00 31.64 ? 21  PRO X O     1 
ATOM   164  C CB    . PRO A 1 21  ? 8.581   -5.253  10.305  1.00 26.71 ? 21  PRO X CB    1 
ATOM   165  C CG    . PRO A 1 21  ? 8.379   -4.017  9.492   1.00 33.47 ? 21  PRO X CG    1 
ATOM   166  C CD    . PRO A 1 21  ? 7.848   -4.480  8.169   1.00 30.50 ? 21  PRO X CD    1 
ATOM   167  N N     . TRP A 1 22  ? 7.154   -8.028  9.061   1.00 27.35 ? 22  TRP X N     1 
ATOM   168  C CA    . TRP A 1 22  ? 6.381   -9.204  9.446   1.00 31.77 ? 22  TRP X CA    1 
ATOM   169  C C     . TRP A 1 22  ? 6.103   -10.068 8.221   1.00 36.02 ? 22  TRP X C     1 
ATOM   170  O O     . TRP A 1 22  ? 6.125   -9.593  7.080   1.00 32.74 ? 22  TRP X O     1 
ATOM   171  C CB    . TRP A 1 22  ? 5.037   -8.810  10.079  1.00 30.13 ? 22  TRP X CB    1 
ATOM   172  C CG    . TRP A 1 22  ? 4.345   -7.821  9.190   1.00 32.22 ? 22  TRP X CG    1 
ATOM   173  C CD1   . TRP A 1 22  ? 3.631   -8.094  8.044   1.00 29.76 ? 22  TRP X CD1   1 
ATOM   174  C CD2   . TRP A 1 22  ? 4.343   -6.394  9.336   1.00 26.84 ? 22  TRP X CD2   1 
ATOM   175  N NE1   . TRP A 1 22  ? 3.193   -6.924  7.475   1.00 30.10 ? 22  TRP X NE1   1 
ATOM   176  C CE2   . TRP A 1 22  ? 3.616   -5.865  8.242   1.00 31.82 ? 22  TRP X CE2   1 
ATOM   177  C CE3   . TRP A 1 22  ? 4.898   -5.508  10.277  1.00 30.18 ? 22  TRP X CE3   1 
ATOM   178  C CZ2   . TRP A 1 22  ? 3.425   -4.483  8.067   1.00 25.35 ? 22  TRP X CZ2   1 
ATOM   179  C CZ3   . TRP A 1 22  ? 4.704   -4.141  10.104  1.00 22.21 ? 22  TRP X CZ3   1 
ATOM   180  C CH2   . TRP A 1 22  ? 3.967   -3.646  9.011   1.00 26.09 ? 22  TRP X CH2   1 
ATOM   181  N N     . HIS A 1 23  ? 5.823   -11.350 8.473   1.00 42.06 ? 23  HIS X N     1 
ATOM   182  C CA    A HIS A 1 23  ? 5.416   -12.277 7.422   0.49 37.38 ? 23  HIS X CA    1 
ATOM   183  C CA    B HIS A 1 23  ? 5.435   -12.310 7.444   0.51 37.41 ? 23  HIS X CA    1 
ATOM   184  C C     . HIS A 1 23  ? 3.982   -12.703 7.696   1.00 39.83 ? 23  HIS X C     1 
ATOM   185  O O     . HIS A 1 23  ? 3.686   -13.359 8.707   1.00 40.47 ? 23  HIS X O     1 
ATOM   186  C CB    A HIS A 1 23  ? 6.340   -13.490 7.303   0.49 38.11 ? 23  HIS X CB    1 
ATOM   187  C CB    B HIS A 1 23  ? 6.364   -13.517 7.482   0.51 38.02 ? 23  HIS X CB    1 
ATOM   188  C CG    A HIS A 1 23  ? 6.348   -14.092 5.926   0.49 40.70 ? 23  HIS X CG    1 
ATOM   189  C CG    B HIS A 1 23  ? 7.779   -13.192 7.119   0.51 39.66 ? 23  HIS X CG    1 
ATOM   190  N ND1   A HIS A 1 23  ? 6.347   -15.454 5.700   0.49 38.74 ? 23  HIS X ND1   1 
ATOM   191  N ND1   B HIS A 1 23  ? 8.102   -12.308 6.111   0.51 41.30 ? 23  HIS X ND1   1 
ATOM   192  C CD2   A HIS A 1 23  ? 6.325   -13.509 4.702   0.49 39.70 ? 23  HIS X CD2   1 
ATOM   193  C CD2   B HIS A 1 23  ? 8.955   -13.626 7.632   0.51 42.75 ? 23  HIS X CD2   1 
ATOM   194  C CE1   A HIS A 1 23  ? 6.339   -15.682 4.399   0.49 38.78 ? 23  HIS X CE1   1 
ATOM   195  C CE1   B HIS A 1 23  ? 9.416   -12.215 6.014   0.51 42.31 ? 23  HIS X CE1   1 
ATOM   196  N NE2   A HIS A 1 23  ? 6.325   -14.519 3.771   0.49 39.96 ? 23  HIS X NE2   1 
ATOM   197  N NE2   B HIS A 1 23  ? 9.958   -13.008 6.923   0.51 43.79 ? 23  HIS X NE2   1 
ATOM   198  N N     . LEU A 1 24  ? 3.092   -12.307 6.790   1.00 31.83 ? 24  LEU X N     1 
ATOM   199  C CA    . LEU A 1 24  ? 1.655   -12.456 6.979   1.00 26.82 ? 24  LEU X CA    1 
ATOM   200  C C     . LEU A 1 24  ? 1.046   -12.896 5.663   1.00 36.53 ? 24  LEU X C     1 
ATOM   201  O O     . LEU A 1 24  ? 0.586   -12.060 4.873   1.00 29.43 ? 24  LEU X O     1 
ATOM   202  C CB    . LEU A 1 24  ? 1.037   -11.144 7.442   1.00 28.80 ? 24  LEU X CB    1 
ATOM   203  C CG    . LEU A 1 24  ? -0.157  -11.224 8.359   1.00 35.93 ? 24  LEU X CG    1 
ATOM   204  C CD1   . LEU A 1 24  ? -0.033  -12.401 9.292   1.00 38.95 ? 24  LEU X CD1   1 
ATOM   205  C CD2   . LEU A 1 24  ? -0.167  -9.944  9.129   1.00 34.68 ? 24  LEU X CD2   1 
ATOM   206  N N     . PRO A 1 25  ? 1.035   -14.211 5.384   1.00 39.93 ? 25  PRO X N     1 
ATOM   207  C CA    . PRO A 1 25  ? 0.537   -14.682 4.076   1.00 32.38 ? 25  PRO X CA    1 
ATOM   208  C C     . PRO A 1 25  ? -0.904  -14.318 3.768   1.00 30.00 ? 25  PRO X C     1 
ATOM   209  O O     . PRO A 1 25  ? -1.217  -14.136 2.583   1.00 30.97 ? 25  PRO X O     1 
ATOM   210  C CB    . PRO A 1 25  ? 0.731   -16.206 4.164   1.00 38.40 ? 25  PRO X CB    1 
ATOM   211  C CG    . PRO A 1 25  ? 1.988   -16.344 5.015   1.00 41.90 ? 25  PRO X CG    1 
ATOM   212  C CD    . PRO A 1 25  ? 1.855   -15.235 6.071   1.00 37.02 ? 25  PRO X CD    1 
ATOM   213  N N     . ASN A 1 26  ? -1.784  -14.219 4.783   1.00 30.98 ? 26  ASN X N     1 
ATOM   214  C CA    . ASN A 1 26  ? -3.175  -13.805 4.568   1.00 33.37 ? 26  ASN X CA    1 
ATOM   215  C C     . ASN A 1 26  ? -3.254  -12.414 3.971   1.00 33.33 ? 26  ASN X C     1 
ATOM   216  O O     . ASN A 1 26  ? -4.140  -12.131 3.153   1.00 32.30 ? 26  ASN X O     1 
ATOM   217  C CB    . ASN A 1 26  ? -3.960  -13.788 5.885   1.00 30.10 ? 26  ASN X CB    1 
ATOM   218  C CG    . ASN A 1 26  ? -4.189  -15.158 6.440   1.00 48.49 ? 26  ASN X CG    1 
ATOM   219  O OD1   . ASN A 1 26  ? -3.966  -16.160 5.745   1.00 47.23 ? 26  ASN X OD1   1 
ATOM   220  N ND2   . ASN A 1 26  ? -4.627  -15.225 7.708   1.00 44.45 ? 26  ASN X ND2   1 
ATOM   221  N N     . ASP A 1 27  ? -2.381  -11.509 4.424   1.00 25.67 ? 27  ASP X N     1 
ATOM   222  C CA    . ASP A 1 27  ? -2.416  -10.157 3.890   1.00 28.10 ? 27  ASP X CA    1 
ATOM   223  C C     . ASP A 1 27  ? -1.884  -10.145 2.467   1.00 26.33 ? 27  ASP X C     1 
ATOM   224  O O     . ASP A 1 27  ? -2.319  -9.326  1.650   1.00 29.52 ? 27  ASP X O     1 
ATOM   225  C CB    . ASP A 1 27  ? -1.635  -9.205  4.805   1.00 21.40 ? 27  ASP X CB    1 
ATOM   226  C CG    . ASP A 1 27  ? -1.638  -7.759  4.302   1.00 28.89 ? 27  ASP X CG    1 
ATOM   227  O OD1   . ASP A 1 27  ? -0.547  -7.238  3.995   1.00 29.93 ? 27  ASP X OD1   1 
ATOM   228  O OD2   . ASP A 1 27  ? -2.723  -7.132  4.218   1.00 27.05 ? 27  ASP X OD2   1 
ATOM   229  N N     . LEU A 1 28  ? -0.981  -11.072 2.136   1.00 26.56 ? 28  LEU X N     1 
ATOM   230  C CA    . LEU A 1 28  ? -0.572  -11.224 0.741   1.00 29.98 ? 28  LEU X CA    1 
ATOM   231  C C     . LEU A 1 28  ? -1.762  -11.579 -0.145  1.00 33.75 ? 28  LEU X C     1 
ATOM   232  O O     . LEU A 1 28  ? -1.912  -11.025 -1.243  1.00 30.17 ? 28  LEU X O     1 
ATOM   233  C CB    . LEU A 1 28  ? 0.505   -12.295 0.634   1.00 35.43 ? 28  LEU X CB    1 
ATOM   234  C CG    . LEU A 1 28  ? 1.897   -11.764 0.914   1.00 45.36 ? 28  LEU X CG    1 
ATOM   235  C CD1   . LEU A 1 28  ? 2.908   -12.873 0.679   1.00 48.35 ? 28  LEU X CD1   1 
ATOM   236  C CD2   . LEU A 1 28  ? 2.159   -10.581 -0.005  1.00 43.86 ? 28  LEU X CD2   1 
ATOM   237  N N     . LYS A 1 29  ? -2.619  -12.502 0.330   1.00 28.76 ? 29  LYS X N     1 
ATOM   238  C CA    . LYS A 1 29  ? -3.831  -12.891 -0.388  1.00 27.47 ? 29  LYS X CA    1 
ATOM   239  C C     . LYS A 1 29  ? -4.811  -11.730 -0.511  1.00 30.32 ? 29  LYS X C     1 
ATOM   240  O O     . LYS A 1 29  ? -5.418  -11.529 -1.571  1.00 32.78 ? 29  LYS X O     1 
ATOM   241  C CB    . LYS A 1 29  ? -4.496  -14.061 0.333   1.00 33.49 ? 29  LYS X CB    1 
ATOM   242  C CG    . LYS A 1 29  ? -3.851  -15.404 0.047   1.00 46.65 ? 29  LYS X CG    1 
ATOM   243  C CD    . LYS A 1 29  ? -4.723  -16.213 -0.907  1.00 50.70 ? 29  LYS X CD    1 
ATOM   244  C CE    . LYS A 1 29  ? -3.899  -17.280 -1.632  1.00 63.44 ? 29  LYS X CE    1 
ATOM   245  N NZ    . LYS A 1 29  ? -2.897  -17.929 -0.730  1.00 61.11 ? 29  LYS X NZ    1 
ATOM   246  N N     . HIS A 1 30  ? -5.015  -10.992 0.587   1.00 30.14 ? 30  HIS X N     1 
ATOM   247  C CA    . HIS A 1 30  ? -5.780  -9.744  0.574   1.00 28.64 ? 30  HIS X CA    1 
ATOM   248  C C     . HIS A 1 30  ? -5.296  -8.797  -0.525  1.00 32.02 ? 30  HIS X C     1 
ATOM   249  O O     . HIS A 1 30  ? -6.101  -8.226  -1.274  1.00 31.24 ? 30  HIS X O     1 
ATOM   250  C CB    . HIS A 1 30  ? -5.662  -9.090  1.955   1.00 24.81 ? 30  HIS X CB    1 
ATOM   251  C CG    . HIS A 1 30  ? -6.565  -7.917  2.174   1.00 31.06 ? 30  HIS X CG    1 
ATOM   252  N ND1   . HIS A 1 30  ? -7.938  -8.037  2.273   1.00 33.49 ? 30  HIS X ND1   1 
ATOM   253  C CD2   . HIS A 1 30  ? -6.288  -6.608  2.385   1.00 27.96 ? 30  HIS X CD2   1 
ATOM   254  C CE1   . HIS A 1 30  ? -8.469  -6.850  2.515   1.00 32.83 ? 30  HIS X CE1   1 
ATOM   255  N NE2   . HIS A 1 30  ? -7.490  -5.966  2.595   1.00 30.76 ? 30  HIS X NE2   1 
ATOM   256  N N     . VAL A 1 31  ? -3.974  -8.620  -0.641  1.00 30.96 ? 31  VAL X N     1 
ATOM   257  C CA    . VAL A 1 31  ? -3.439  -7.718  -1.661  1.00 28.24 ? 31  VAL X CA    1 
ATOM   258  C C     . VAL A 1 31  ? -3.735  -8.261  -3.054  1.00 32.33 ? 31  VAL X C     1 
ATOM   259  O O     . VAL A 1 31  ? -4.224  -7.531  -3.930  1.00 30.06 ? 31  VAL X O     1 
ATOM   260  C CB    . VAL A 1 31  ? -1.935  -7.473  -1.443  1.00 24.89 ? 31  VAL X CB    1 
ATOM   261  C CG1   . VAL A 1 31  ? -1.312  -6.820  -2.683  1.00 30.99 ? 31  VAL X CG1   1 
ATOM   262  C CG2   . VAL A 1 31  ? -1.727  -6.566  -0.270  1.00 29.12 ? 31  VAL X CG2   1 
ATOM   263  N N     . LYS A 1 32  ? -3.485  -9.560  -3.266  1.00 30.87 ? 32  LYS X N     1 
ATOM   264  C CA    . LYS A 1 32  ? -3.777  -10.172 -4.559  1.00 32.24 ? 32  LYS X CA    1 
ATOM   265  C C     . LYS A 1 32  ? -5.256  -10.039 -4.900  1.00 30.86 ? 32  LYS X C     1 
ATOM   266  O O     . LYS A 1 32  ? -5.615  -9.605  -5.998  1.00 32.42 ? 32  LYS X O     1 
ATOM   267  C CB    . LYS A 1 32  ? -3.346  -11.646 -4.564  1.00 35.66 ? 32  LYS X CB    1 
ATOM   268  C CG    . LYS A 1 32  ? -3.564  -12.362 -5.924  1.00 38.43 ? 32  LYS X CG    1 
ATOM   269  C CD    . LYS A 1 32  ? -3.249  -13.881 -5.889  1.00 43.82 ? 32  LYS X CD    1 
ATOM   270  C CE    . LYS A 1 32  ? -3.957  -14.634 -4.722  1.00 60.65 ? 32  LYS X CE    1 
ATOM   271  N NZ    . LYS A 1 32  ? -5.394  -14.257 -4.359  1.00 55.54 ? 32  LYS X NZ    1 
ATOM   272  N N     . LYS A 1 33  ? -6.132  -10.373 -3.956  1.00 32.08 ? 33  LYS X N     1 
ATOM   273  C CA    . LYS A 1 33  ? -7.555  -10.320 -4.254  1.00 30.76 ? 33  LYS X CA    1 
ATOM   274  C C     . LYS A 1 33  ? -8.001  -8.889  -4.556  1.00 33.37 ? 33  LYS X C     1 
ATOM   275  O O     . LYS A 1 33  ? -8.732  -8.654  -5.524  1.00 34.69 ? 33  LYS X O     1 
ATOM   276  C CB    . LYS A 1 33  ? -8.330  -10.964 -3.099  1.00 40.29 ? 33  LYS X CB    1 
ATOM   277  C CG    . LYS A 1 33  ? -9.716  -10.410 -2.782  1.00 52.50 ? 33  LYS X CG    1 
ATOM   278  C CD    . LYS A 1 33  ? -10.200 -10.885 -1.378  1.00 60.13 ? 33  LYS X CD    1 
ATOM   279  C CE    . LYS A 1 33  ? -11.244 -9.927  -0.738  1.00 62.65 ? 33  LYS X CE    1 
ATOM   280  N NZ    . LYS A 1 33  ? -10.723 -8.562  -0.351  1.00 45.79 ? 33  LYS X NZ    1 
ATOM   281  N N     . LEU A 1 34  ? -7.527  -7.904  -3.782  1.00 33.74 ? 34  LEU X N     1 
ATOM   282  C CA    . LEU A 1 34  ? -7.979  -6.531  -4.013  1.00 30.96 ? 34  LEU X CA    1 
ATOM   283  C C     . LEU A 1 34  ? -7.416  -5.952  -5.303  1.00 34.57 ? 34  LEU X C     1 
ATOM   284  O O     . LEU A 1 34  ? -8.108  -5.194  -5.996  1.00 35.68 ? 34  LEU X O     1 
ATOM   285  C CB    . LEU A 1 34  ? -7.579  -5.620  -2.857  1.00 32.59 ? 34  LEU X CB    1 
ATOM   286  C CG    . LEU A 1 34  ? -8.458  -5.592  -1.617  1.00 36.52 ? 34  LEU X CG    1 
ATOM   287  C CD1   . LEU A 1 34  ? -7.828  -4.642  -0.604  1.00 30.79 ? 34  LEU X CD1   1 
ATOM   288  C CD2   . LEU A 1 34  ? -9.882  -5.167  -1.982  1.00 35.16 ? 34  LEU X CD2   1 
ATOM   289  N N     . SER A 1 35  ? -6.151  -6.245  -5.619  1.00 24.23 ? 35  SER X N     1 
ATOM   290  C CA    . SER A 1 35  ? -5.466  -5.473  -6.649  1.00 35.91 ? 35  SER X CA    1 
ATOM   291  C C     . SER A 1 35  ? -5.291  -6.209  -7.971  1.00 37.57 ? 35  SER X C     1 
ATOM   292  O O     . SER A 1 35  ? -4.953  -5.556  -8.965  1.00 32.79 ? 35  SER X O     1 
ATOM   293  C CB    . SER A 1 35  ? -4.089  -4.975  -6.151  1.00 27.74 ? 35  SER X CB    1 
ATOM   294  O OG    . SER A 1 35  ? -3.147  -6.033  -6.015  1.00 28.70 ? 35  SER X OG    1 
ATOM   295  N N     . THR A 1 36  ? -5.527  -7.526  -8.027  1.00 37.06 ? 36  THR X N     1 
ATOM   296  C CA    . THR A 1 36  ? -5.477  -8.232  -9.307  1.00 30.43 ? 36  THR X CA    1 
ATOM   297  C C     . THR A 1 36  ? -6.453  -7.596  -10.288 1.00 29.82 ? 36  THR X C     1 
ATOM   298  O O     . THR A 1 36  ? -7.614  -7.344  -9.950  1.00 31.00 ? 36  THR X O     1 
ATOM   299  C CB    . THR A 1 36  ? -5.806  -9.710  -9.119  1.00 32.91 ? 36  THR X CB    1 
ATOM   300  O OG1   . THR A 1 36  ? -4.747  -10.343 -8.391  1.00 31.93 ? 36  THR X OG1   1 
ATOM   301  C CG2   . THR A 1 36  ? -5.969  -10.420 -10.471 1.00 23.11 ? 36  THR X CG2   1 
ATOM   302  N N     . GLY A 1 37  ? -5.957  -7.281  -11.492 1.00 33.46 ? 37  GLY X N     1 
ATOM   303  C CA    . GLY A 1 37  ? -6.778  -6.688  -12.535 1.00 26.20 ? 37  GLY X CA    1 
ATOM   304  C C     . GLY A 1 37  ? -6.932  -5.188  -12.459 1.00 33.75 ? 37  GLY X C     1 
ATOM   305  O O     . GLY A 1 37  ? -7.684  -4.613  -13.257 1.00 31.94 ? 37  GLY X O     1 
ATOM   306  N N     . HIS A 1 38  ? -6.242  -4.527  -11.536 1.00 33.38 ? 38  HIS X N     1 
ATOM   307  C CA    . HIS A 1 38  ? -6.383  -3.091  -11.357 1.00 31.50 ? 38  HIS X CA    1 
ATOM   308  C C     . HIS A 1 38  ? -4.985  -2.476  -11.395 1.00 33.06 ? 38  HIS X C     1 
ATOM   309  O O     . HIS A 1 38  ? -4.023  -3.064  -11.902 1.00 33.15 ? 38  HIS X O     1 
ATOM   310  C CB    . HIS A 1 38  ? -7.175  -2.816  -10.070 1.00 35.26 ? 38  HIS X CB    1 
ATOM   311  C CG    . HIS A 1 38  ? -8.564  -3.376  -10.083 1.00 37.66 ? 38  HIS X CG    1 
ATOM   312  N ND1   . HIS A 1 38  ? -8.941  -4.455  -9.308  1.00 39.74 ? 38  HIS X ND1   1 
ATOM   313  C CD2   . HIS A 1 38  ? -9.670  -3.005  -10.773 1.00 34.79 ? 38  HIS X CD2   1 
ATOM   314  C CE1   . HIS A 1 38  ? -10.220 -4.719  -9.511  1.00 36.61 ? 38  HIS X CE1   1 
ATOM   315  N NE2   . HIS A 1 38  ? -10.685 -3.855  -10.397 1.00 40.38 ? 38  HIS X NE2   1 
ATOM   316  N N     . THR A 1 39  ? -4.835  -1.270  -10.851 1.00 29.63 ? 39  THR X N     1 
ATOM   317  C CA    . THR A 1 39  ? -3.563  -0.560  -10.928 1.00 31.95 ? 39  THR X CA    1 
ATOM   318  C C     . THR A 1 39  ? -2.971  -0.375  -9.537  1.00 32.12 ? 39  THR X C     1 
ATOM   319  O O     . THR A 1 39  ? -3.674  0.046   -8.611  1.00 32.25 ? 39  THR X O     1 
ATOM   320  C CB    . THR A 1 39  ? -3.725  0.813   -11.600 1.00 29.35 ? 39  THR X CB    1 
ATOM   321  O OG1   . THR A 1 39  ? -4.259  0.646   -12.909 1.00 35.13 ? 39  THR X OG1   1 
ATOM   322  C CG2   . THR A 1 39  ? -2.401  1.529   -11.689 1.00 32.47 ? 39  THR X CG2   1 
ATOM   323  N N     . LEU A 1 40  ? -1.677  -0.676  -9.410  1.00 25.16 ? 40  LEU X N     1 
ATOM   324  C CA    . LEU A 1 40  ? -0.855  -0.268  -8.276  1.00 23.45 ? 40  LEU X CA    1 
ATOM   325  C C     . LEU A 1 40  ? 0.079   0.861   -8.709  1.00 33.19 ? 40  LEU X C     1 
ATOM   326  O O     . LEU A 1 40  ? 0.804   0.731   -9.707  1.00 26.09 ? 40  LEU X O     1 
ATOM   327  C CB    . LEU A 1 40  ? -0.010  -1.422  -7.738  1.00 24.17 ? 40  LEU X CB    1 
ATOM   328  C CG    . LEU A 1 40  ? -0.604  -2.689  -7.134  1.00 33.62 ? 40  LEU X CG    1 
ATOM   329  C CD1   . LEU A 1 40  ? 0.540   -3.640  -6.750  1.00 30.79 ? 40  LEU X CD1   1 
ATOM   330  C CD2   . LEU A 1 40  ? -1.477  -2.337  -5.941  1.00 25.66 ? 40  LEU X CD2   1 
ATOM   331  N N     . VAL A 1 41  ? 0.086   1.939   -7.926  1.00 28.40 ? 41  VAL X N     1 
ATOM   332  C CA    . VAL A 1 41  ? 0.986   3.072   -8.081  1.00 26.40 ? 41  VAL X CA    1 
ATOM   333  C C     . VAL A 1 41  ? 1.919   3.080   -6.881  1.00 29.64 ? 41  VAL X C     1 
ATOM   334  O O     . VAL A 1 41  ? 1.458   3.047   -5.734  1.00 29.53 ? 41  VAL X O     1 
ATOM   335  C CB    . VAL A 1 41  ? 0.188   4.384   -8.151  1.00 32.02 ? 41  VAL X CB    1 
ATOM   336  C CG1   . VAL A 1 41  ? 1.106   5.568   -8.036  1.00 27.19 ? 41  VAL X CG1   1 
ATOM   337  C CG2   . VAL A 1 41  ? -0.616  4.438   -9.417  1.00 30.33 ? 41  VAL X CG2   1 
ATOM   338  N N     . MET A 1 42  ? 3.217   3.143   -7.123  1.00 21.59 ? 42  MET X N     1 
ATOM   339  C CA    . MET A 1 42  ? 4.138   3.194   -5.999  1.00 28.49 ? 42  MET X CA    1 
ATOM   340  C C     . MET A 1 42  ? 5.308   4.127   -6.288  1.00 29.60 ? 42  MET X C     1 
ATOM   341  O O     . MET A 1 42  ? 5.671   4.365   -7.446  1.00 28.94 ? 42  MET X O     1 
ATOM   342  C CB    . MET A 1 42  ? 4.629   1.783   -5.649  1.00 27.79 ? 42  MET X CB    1 
ATOM   343  C CG    . MET A 1 42  ? 5.428   1.103   -6.717  1.00 31.06 ? 42  MET X CG    1 
ATOM   344  S SD    . MET A 1 42  ? 5.429   -0.712  -6.566  1.00 37.63 ? 42  MET X SD    1 
ATOM   345  C CE    . MET A 1 42  ? 3.930   -1.132  -7.451  1.00 33.77 ? 42  MET X CE    1 
ATOM   346  N N     . GLY A 1 43  ? 5.904   4.662   -5.220  1.00 32.04 ? 43  GLY X N     1 
ATOM   347  C CA    . GLY A 1 43  ? 7.157   5.382   -5.364  1.00 29.74 ? 43  GLY X CA    1 
ATOM   348  C C     . GLY A 1 43  ? 8.310   4.479   -5.782  1.00 30.55 ? 43  GLY X C     1 
ATOM   349  O O     . GLY A 1 43  ? 8.265   3.244   -5.653  1.00 24.33 ? 43  GLY X O     1 
ATOM   350  N N     . ARG A 1 44  ? 9.377   5.126   -6.273  1.00 30.63 ? 44  ARG X N     1 
ATOM   351  C CA    . ARG A 1 44  ? 10.544  4.400   -6.774  1.00 27.28 ? 44  ARG X CA    1 
ATOM   352  C C     . ARG A 1 44  ? 11.154  3.495   -5.705  1.00 29.21 ? 44  ARG X C     1 
ATOM   353  O O     . ARG A 1 44  ? 11.577  2.363   -6.003  1.00 26.26 ? 44  ARG X O     1 
ATOM   354  C CB    . ARG A 1 44  ? 11.593  5.387   -7.300  1.00 29.87 ? 44  ARG X CB    1 
ATOM   355  C CG    . ARG A 1 44  ? 12.814  4.710   -7.955  1.00 30.07 ? 44  ARG X CG    1 
ATOM   356  C CD    . ARG A 1 44  ? 13.994  4.607   -6.972  1.00 29.07 ? 44  ARG X CD    1 
ATOM   357  N NE    . ARG A 1 44  ? 14.380  5.927   -6.474  1.00 26.35 ? 44  ARG X NE    1 
ATOM   358  C CZ    . ARG A 1 44  ? 15.278  6.132   -5.511  1.00 27.97 ? 44  ARG X CZ    1 
ATOM   359  N NH1   . ARG A 1 44  ? 15.882  5.095   -4.940  1.00 25.52 ? 44  ARG X NH1   1 
ATOM   360  N NH2   . ARG A 1 44  ? 15.567  7.375   -5.113  1.00 25.49 ? 44  ARG X NH2   1 
ATOM   361  N N     . LYS A 1 45  ? 11.251  3.989   -4.463  1.00 29.86 ? 45  LYS X N     1 
ATOM   362  C CA    . LYS A 1 45  ? 11.896  3.203   -3.415  1.00 30.77 ? 45  LYS X CA    1 
ATOM   363  C C     . LYS A 1 45  ? 11.049  1.986   -3.063  1.00 26.30 ? 45  LYS X C     1 
ATOM   364  O O     . LYS A 1 45  ? 11.580  0.904   -2.792  1.00 24.22 ? 45  LYS X O     1 
ATOM   365  C CB    . LYS A 1 45  ? 12.153  4.078   -2.181  1.00 26.38 ? 45  LYS X CB    1 
ATOM   366  C CG    . LYS A 1 45  ? 13.330  5.069   -2.348  1.00 26.71 ? 45  LYS X CG    1 
ATOM   367  C CD    . LYS A 1 45  ? 13.563  5.943   -1.098  1.00 28.04 ? 45  LYS X CD    1 
ATOM   368  C CE    . LYS A 1 45  ? 14.841  6.809   -1.164  1.00 29.45 ? 45  LYS X CE    1 
ATOM   369  N NZ    . LYS A 1 45  ? 15.045  7.634   0.080   1.00 33.10 ? 45  LYS X NZ    1 
ATOM   370  N N     . THR A 1 46  ? 9.728   2.151   -3.069  1.00 30.70 ? 46  THR X N     1 
ATOM   371  C CA    . THR A 1 46  ? 8.857   1.023   -2.812  1.00 24.04 ? 46  THR X CA    1 
ATOM   372  C C     . THR A 1 46  ? 9.036   -0.013  -3.894  1.00 32.28 ? 46  THR X C     1 
ATOM   373  O O     . THR A 1 46  ? 9.188   -1.212  -3.601  1.00 28.25 ? 46  THR X O     1 
ATOM   374  C CB    . THR A 1 46  ? 7.400   1.479   -2.738  1.00 29.24 ? 46  THR X CB    1 
ATOM   375  O OG1   . THR A 1 46  ? 7.216   2.301   -1.581  1.00 28.54 ? 46  THR X OG1   1 
ATOM   376  C CG2   . THR A 1 46  ? 6.453   0.279   -2.646  1.00 27.13 ? 46  THR X CG2   1 
ATOM   377  N N     . PHE A 1 47  ? 9.085   0.435   -5.156  1.00 32.90 ? 47  PHE X N     1 
ATOM   378  C CA    . PHE A 1 47  ? 9.216   -0.527  -6.242  1.00 31.53 ? 47  PHE X CA    1 
ATOM   379  C C     . PHE A 1 47  ? 10.524  -1.301  -6.141  1.00 30.90 ? 47  PHE X C     1 
ATOM   380  O O     . PHE A 1 47  ? 10.537  -2.533  -6.260  1.00 34.85 ? 47  PHE X O     1 
ATOM   381  C CB    . PHE A 1 47  ? 9.136   0.130   -7.611  1.00 28.84 ? 47  PHE X CB    1 
ATOM   382  C CG    . PHE A 1 47  ? 9.525   -0.824  -8.711  1.00 32.92 ? 47  PHE X CG    1 
ATOM   383  C CD1   . PHE A 1 47  ? 10.738  -0.703  -9.369  1.00 34.86 ? 47  PHE X CD1   1 
ATOM   384  C CD2   . PHE A 1 47  ? 8.703   -1.902  -9.029  1.00 34.92 ? 47  PHE X CD2   1 
ATOM   385  C CE1   . PHE A 1 47  ? 11.105  -1.604  -10.350 1.00 33.79 ? 47  PHE X CE1   1 
ATOM   386  C CE2   . PHE A 1 47  ? 9.060   -2.814  -10.011 1.00 34.35 ? 47  PHE X CE2   1 
ATOM   387  C CZ    . PHE A 1 47  ? 10.263  -2.669  -10.665 1.00 36.16 ? 47  PHE X CZ    1 
ATOM   388  N N     . GLU A 1 48  ? 11.639  -0.598  -5.939  1.00 26.62 ? 48  GLU X N     1 
ATOM   389  C CA    . GLU A 1 48  ? 12.916  -1.302  -5.920  1.00 31.55 ? 48  GLU X CA    1 
ATOM   390  C C     . GLU A 1 48  ? 13.045  -2.179  -4.678  1.00 28.20 ? 48  GLU X C     1 
ATOM   391  O O     . GLU A 1 48  ? 13.714  -3.210  -4.738  1.00 30.68 ? 48  GLU X O     1 
ATOM   392  C CB    . GLU A 1 48  ? 14.068  -0.283  -6.108  1.00 35.14 ? 48  GLU X CB    1 
ATOM   393  C CG    . GLU A 1 48  ? 13.823  0.493   -7.452  1.00 42.56 ? 48  GLU X CG    1 
ATOM   394  C CD    . GLU A 1 48  ? 15.009  0.614   -8.416  1.00 61.45 ? 48  GLU X CD    1 
ATOM   395  O OE1   . GLU A 1 48  ? 14.975  -0.126  -9.453  1.00 59.39 ? 48  GLU X OE1   1 
ATOM   396  O OE2   . GLU A 1 48  ? 15.850  1.541   -8.239  1.00 63.54 ? 48  GLU X OE2   1 
ATOM   397  N N     . SER A 1 49  ? 12.342  -1.853  -3.582  1.00 32.33 ? 49  SER X N     1 
ATOM   398  C CA    . SER A 1 49  ? 12.316  -2.767  -2.439  1.00 28.96 ? 49  SER X CA    1 
ATOM   399  C C     . SER A 1 49  ? 11.592  -4.077  -2.766  1.00 30.46 ? 49  SER X C     1 
ATOM   400  O O     . SER A 1 49  ? 11.933  -5.128  -2.204  1.00 31.82 ? 49  SER X O     1 
ATOM   401  C CB    . SER A 1 49  ? 11.659  -2.094  -1.248  1.00 32.96 ? 49  SER X CB    1 
ATOM   402  O OG    . SER A 1 49  ? 10.262  -2.183  -1.409  1.00 33.60 ? 49  SER X OG    1 
ATOM   403  N N     . ILE A 1 50  ? 10.593  -4.042  -3.653  1.00 24.49 ? 50  ILE X N     1 
ATOM   404  C CA    . ILE A 1 50  ? 9.944   -5.274  -4.107  1.00 30.86 ? 50  ILE X CA    1 
ATOM   405  C C     . ILE A 1 50  ? 10.829  -6.001  -5.119  1.00 35.09 ? 50  ILE X C     1 
ATOM   406  O O     . ILE A 1 50  ? 11.102  -7.198  -4.975  1.00 36.83 ? 50  ILE X O     1 
ATOM   407  C CB    . ILE A 1 50  ? 8.544   -4.978  -4.693  1.00 30.96 ? 50  ILE X CB    1 
ATOM   408  C CG1   . ILE A 1 50  ? 7.632   -4.311  -3.666  1.00 30.39 ? 50  ILE X CG1   1 
ATOM   409  C CG2   . ILE A 1 50  ? 7.858   -6.238  -5.188  1.00 23.99 ? 50  ILE X CG2   1 
ATOM   410  C CD1   . ILE A 1 50  ? 6.367   -3.787  -4.298  1.00 29.19 ? 50  ILE X CD1   1 
ATOM   411  N N     . GLY A 1 51  ? 11.293  -5.298  -6.148  1.00 27.35 ? 51  GLY X N     1 
ATOM   412  C CA    . GLY A 1 51  ? 12.292  -5.818  -7.059  1.00 37.43 ? 51  GLY X CA    1 
ATOM   413  C C     . GLY A 1 51  ? 11.771  -6.281  -8.405  1.00 37.66 ? 51  GLY X C     1 
ATOM   414  O O     . GLY A 1 51  ? 12.560  -6.413  -9.345  1.00 44.39 ? 51  GLY X O     1 
ATOM   415  N N     . LYS A 1 52  ? 10.463  -6.505  -8.532  1.00 37.66 ? 52  LYS X N     1 
ATOM   416  C CA    . LYS A 1 52  ? 9.848   -7.055  -9.729  1.00 43.57 ? 52  LYS X CA    1 
ATOM   417  C C     . LYS A 1 52  ? 8.418   -6.538  -9.719  1.00 39.84 ? 52  LYS X C     1 
ATOM   418  O O     . LYS A 1 52  ? 7.828   -6.437  -8.642  1.00 39.18 ? 52  LYS X O     1 
ATOM   419  C CB    . LYS A 1 52  ? 9.858   -8.596  -9.733  1.00 40.03 ? 52  LYS X CB    1 
ATOM   420  C CG    . LYS A 1 52  ? 10.864  -9.248  -10.678 0.65 51.08 ? 52  LYS X CG    1 
ATOM   421  C CD    . LYS A 1 52  ? 12.194  -9.568  -9.981  0.84 59.73 ? 52  LYS X CD    1 
ATOM   422  C CE    . LYS A 1 52  ? 13.230  -10.191 -10.938 0.90 55.04 ? 52  LYS X CE    1 
ATOM   423  N NZ    . LYS A 1 52  ? 13.787  -9.185  -11.898 1.00 55.45 ? 52  LYS X NZ    1 
ATOM   424  N N     . PRO A 1 53  ? 7.831   -6.211  -10.865 1.00 40.25 ? 53  PRO X N     1 
ATOM   425  C CA    . PRO A 1 53  ? 6.406   -5.867  -10.870 1.00 34.74 ? 53  PRO X CA    1 
ATOM   426  C C     . PRO A 1 53  ? 5.550   -7.077  -10.506 1.00 32.62 ? 53  PRO X C     1 
ATOM   427  O O     . PRO A 1 53  ? 5.935   -8.229  -10.717 1.00 30.48 ? 53  PRO X O     1 
ATOM   428  C CB    . PRO A 1 53  ? 6.155   -5.403  -12.308 1.00 38.63 ? 53  PRO X CB    1 
ATOM   429  C CG    . PRO A 1 53  ? 7.197   -6.126  -13.109 1.00 38.94 ? 53  PRO X CG    1 
ATOM   430  C CD    . PRO A 1 53  ? 8.409   -6.216  -12.219 1.00 44.33 ? 53  PRO X CD    1 
ATOM   431  N N     . LEU A 1 54  ? 4.375   -6.792  -9.892  1.00 31.50 ? 54  LEU X N     1 
ATOM   432  C CA    . LEU A 1 54  ? 3.475   -7.840  -9.444  1.00 31.48 ? 54  LEU X CA    1 
ATOM   433  C C     . LEU A 1 54  ? 2.613   -8.318  -10.609 1.00 35.63 ? 54  LEU X C     1 
ATOM   434  O O     . LEU A 1 54  ? 2.149   -7.505  -11.415 1.00 34.57 ? 54  LEU X O     1 
ATOM   435  C CB    . LEU A 1 54  ? 2.588   -7.358  -8.312  1.00 31.50 ? 54  LEU X CB    1 
ATOM   436  C CG    . LEU A 1 54  ? 3.334   -6.860  -7.072  1.00 38.48 ? 54  LEU X CG    1 
ATOM   437  C CD1   . LEU A 1 54  ? 2.387   -6.818  -5.874  1.00 33.16 ? 54  LEU X CD1   1 
ATOM   438  C CD2   . LEU A 1 54  ? 4.558   -7.733  -6.800  1.00 41.29 ? 54  LEU X CD2   1 
ATOM   439  N N     . PRO A 1 55  ? 2.406   -9.628  -10.718 1.00 35.23 ? 55  PRO X N     1 
ATOM   440  C CA    . PRO A 1 55  ? 1.699   -10.186 -11.879 1.00 34.96 ? 55  PRO X CA    1 
ATOM   441  C C     . PRO A 1 55  ? 0.228   -9.810  -11.914 1.00 31.57 ? 55  PRO X C     1 
ATOM   442  O O     . PRO A 1 55  ? -0.400  -9.574  -10.881 1.00 37.62 ? 55  PRO X O     1 
ATOM   443  C CB    . PRO A 1 55  ? 1.855   -11.699 -11.693 1.00 39.27 ? 55  PRO X CB    1 
ATOM   444  C CG    . PRO A 1 55  ? 2.946   -11.872 -10.644 1.00 42.67 ? 55  PRO X CG    1 
ATOM   445  C CD    . PRO A 1 55  ? 2.885   -10.666 -9.786  1.00 34.72 ? 55  PRO X CD    1 
ATOM   446  N N     . ASN A 1 56  ? -0.319  -9.763  -13.132 1.00 28.82 ? 56  ASN X N     1 
ATOM   447  C CA    . ASN A 1 56  ? -1.764  -9.737  -13.372 1.00 36.08 ? 56  ASN X CA    1 
ATOM   448  C C     . ASN A 1 56  ? -2.414  -8.442  -12.901 1.00 38.83 ? 56  ASN X C     1 
ATOM   449  O O     . ASN A 1 56  ? -3.578  -8.438  -12.482 1.00 38.01 ? 56  ASN X O     1 
ATOM   450  C CB    . ASN A 1 56  ? -2.464  -10.941 -12.723 1.00 33.71 ? 56  ASN X CB    1 
ATOM   451  C CG    . ASN A 1 56  ? -1.918  -12.260 -13.222 1.00 39.11 ? 56  ASN X CG    1 
ATOM   452  O OD1   . ASN A 1 56  ? -1.694  -12.434 -14.428 1.00 42.81 ? 56  ASN X OD1   1 
ATOM   453  N ND2   . ASN A 1 56  ? -1.680  -13.190 -12.305 1.00 28.82 ? 56  ASN X ND2   1 
ATOM   454  N N     . ARG A 1 57  ? -1.666  -7.346  -12.965 1.00 39.64 ? 57  ARG X N     1 
ATOM   455  C CA    . ARG A 1 57  ? -2.195  -6.020  -12.681 1.00 33.89 ? 57  ARG X CA    1 
ATOM   456  C C     . ARG A 1 57  ? -1.212  -5.006  -13.233 1.00 32.07 ? 57  ARG X C     1 
ATOM   457  O O     . ARG A 1 57  ? -0.049  -5.327  -13.497 1.00 32.57 ? 57  ARG X O     1 
ATOM   458  C CB    . ARG A 1 57  ? -2.430  -5.802  -11.176 1.00 39.18 ? 57  ARG X CB    1 
ATOM   459  C CG    . ARG A 1 57  ? -1.193  -5.539  -10.312 1.00 34.14 ? 57  ARG X CG    1 
ATOM   460  C CD    . ARG A 1 57  ? -1.393  -6.160  -8.929  1.00 34.31 ? 57  ARG X CD    1 
ATOM   461  N NE    . ARG A 1 57  ? -1.068  -7.576  -8.985  1.00 37.53 ? 57  ARG X NE    1 
ATOM   462  C CZ    . ARG A 1 57  ? -1.037  -8.395  -7.943  1.00 33.94 ? 57  ARG X CZ    1 
ATOM   463  N NH1   . ARG A 1 57  ? -1.318  -7.949  -6.727  1.00 34.73 ? 57  ARG X NH1   1 
ATOM   464  N NH2   . ARG A 1 57  ? -0.700  -9.660  -8.123  1.00 30.07 ? 57  ARG X NH2   1 
ATOM   465  N N     . ARG A 1 58  ? -1.691  -3.776  -13.409 1.00 33.08 ? 58  ARG X N     1 
ATOM   466  C CA    . ARG A 1 58  ? -0.840  -2.710  -13.917 1.00 34.99 ? 58  ARG X CA    1 
ATOM   467  C C     . ARG A 1 58  ? 0.054   -2.161  -12.813 1.00 32.30 ? 58  ARG X C     1 
ATOM   468  O O     . ARG A 1 58  ? -0.397  -1.923  -11.693 1.00 34.69 ? 58  ARG X O     1 
ATOM   469  C CB    . ARG A 1 58  ? -1.677  -1.585  -14.511 1.00 27.13 ? 58  ARG X CB    1 
ATOM   470  C CG    . ARG A 1 58  ? -0.842  -0.556  -15.204 1.00 32.82 ? 58  ARG X CG    1 
ATOM   471  C CD    . ARG A 1 58  ? -1.696  0.545   -15.759 1.00 38.35 ? 58  ARG X CD    1 
ATOM   472  N NE    . ARG A 1 58  ? -0.923  1.438   -16.601 1.00 38.88 ? 58  ARG X NE    1 
ATOM   473  C CZ    . ARG A 1 58  ? -1.409  2.545   -17.140 1.00 40.45 ? 58  ARG X CZ    1 
ATOM   474  N NH1   . ARG A 1 58  ? -2.674  2.886   -16.916 1.00 30.02 ? 58  ARG X NH1   1 
ATOM   475  N NH2   . ARG A 1 58  ? -0.630  3.306   -17.910 1.00 41.52 ? 58  ARG X NH2   1 
ATOM   476  N N     . ASN A 1 59  ? 1.329   -1.955  -13.146 1.00 34.93 ? 59  ASN X N     1 
ATOM   477  C CA    . ASN A 1 59  ? 2.357   -1.510  -12.212 1.00 27.44 ? 59  ASN X CA    1 
ATOM   478  C C     . ASN A 1 59  ? 2.873   -0.156  -12.667 1.00 30.56 ? 59  ASN X C     1 
ATOM   479  O O     . ASN A 1 59  ? 3.469   -0.059  -13.744 1.00 35.06 ? 59  ASN X O     1 
ATOM   480  C CB    . ASN A 1 59  ? 3.502   -2.509  -12.161 1.00 29.90 ? 59  ASN X CB    1 
ATOM   481  C CG    . ASN A 1 59  ? 3.142   -3.767  -11.441 1.00 34.16 ? 59  ASN X CG    1 
ATOM   482  O OD1   . ASN A 1 59  ? 3.547   -3.961  -10.299 1.00 35.85 ? 59  ASN X OD1   1 
ATOM   483  N ND2   . ASN A 1 59  ? 2.393   -4.650  -12.104 1.00 37.65 ? 59  ASN X ND2   1 
ATOM   484  N N     . VAL A 1 60  ? 2.656   0.875   -11.848 1.00 28.81 ? 60  VAL X N     1 
ATOM   485  C CA    . VAL A 1 60  ? 3.004   2.255   -12.183 1.00 25.64 ? 60  VAL X CA    1 
ATOM   486  C C     . VAL A 1 60  ? 3.986   2.769   -11.139 1.00 31.85 ? 60  VAL X C     1 
ATOM   487  O O     . VAL A 1 60  ? 3.663   2.795   -9.949  1.00 25.40 ? 60  VAL X O     1 
ATOM   488  C CB    . VAL A 1 60  ? 1.760   3.156   -12.220 1.00 28.62 ? 60  VAL X CB    1 
ATOM   489  C CG1   . VAL A 1 60  ? 2.161   4.591   -12.466 1.00 30.61 ? 60  VAL X CG1   1 
ATOM   490  C CG2   . VAL A 1 60  ? 0.772   2.685   -13.241 1.00 27.47 ? 60  VAL X CG2   1 
ATOM   491  N N     . VAL A 1 61  ? 5.164   3.217   -11.567 1.00 29.76 ? 61  VAL X N     1 
ATOM   492  C CA    . VAL A 1 61  ? 6.167   3.710   -10.628 1.00 24.12 ? 61  VAL X CA    1 
ATOM   493  C C     . VAL A 1 61  ? 6.341   5.206   -10.838 1.00 28.73 ? 61  VAL X C     1 
ATOM   494  O O     . VAL A 1 61  ? 6.461   5.670   -11.978 1.00 31.15 ? 61  VAL X O     1 
ATOM   495  C CB    . VAL A 1 61  ? 7.498   2.953   -10.774 1.00 30.39 ? 61  VAL X CB    1 
ATOM   496  C CG1   . VAL A 1 61  ? 8.599   3.610   -9.946  1.00 31.38 ? 61  VAL X CG1   1 
ATOM   497  C CG2   . VAL A 1 61  ? 7.308   1.525   -10.340 1.00 25.70 ? 61  VAL X CG2   1 
ATOM   498  N N     . LEU A 1 62  ? 6.350   5.956   -9.737  1.00 29.57 ? 62  LEU X N     1 
ATOM   499  C CA    . LEU A 1 62  ? 6.566   7.399   -9.755  1.00 27.94 ? 62  LEU X CA    1 
ATOM   500  C C     . LEU A 1 62  ? 8.025   7.673   -9.421  1.00 29.74 ? 62  LEU X C     1 
ATOM   501  O O     . LEU A 1 62  ? 8.529   7.214   -8.386  1.00 27.72 ? 62  LEU X O     1 
ATOM   502  C CB    . LEU A 1 62  ? 5.638   8.110   -8.765  1.00 34.02 ? 62  LEU X CB    1 
ATOM   503  C CG    . LEU A 1 62  ? 5.747   9.631   -8.583  1.00 31.56 ? 62  LEU X CG    1 
ATOM   504  C CD1   . LEU A 1 62  ? 5.405   10.334  -9.876  1.00 31.33 ? 62  LEU X CD1   1 
ATOM   505  C CD2   . LEU A 1 62  ? 4.805   10.069  -7.471  1.00 28.79 ? 62  LEU X CD2   1 
ATOM   506  N N     . THR A 1 63  ? 8.704   8.401   -10.304 1.00 33.75 ? 63  THR X N     1 
ATOM   507  C CA    . THR A 1 63  ? 10.096  8.766   -10.091 1.00 27.30 ? 63  THR X CA    1 
ATOM   508  C C     . THR A 1 63  ? 10.384  10.010  -10.918 1.00 33.01 ? 63  THR X C     1 
ATOM   509  O O     . THR A 1 63  ? 9.674   10.311  -11.880 1.00 32.10 ? 63  THR X O     1 
ATOM   510  C CB    . THR A 1 63  ? 11.038  7.609   -10.465 1.00 31.04 ? 63  THR X CB    1 
ATOM   511  O OG1   . THR A 1 63  ? 12.408  8.028   -10.372 1.00 32.64 ? 63  THR X OG1   1 
ATOM   512  C CG2   . THR A 1 63  ? 10.749  7.114   -11.873 1.00 27.00 ? 63  THR X CG2   1 
ATOM   513  N N     . SER A 1 64  ? 11.418  10.751  -10.509 1.00 34.93 ? 64  SER X N     1 
ATOM   514  C CA    . SER A 1 64  ? 11.928  11.860  -11.305 1.00 33.54 ? 64  SER X CA    1 
ATOM   515  C C     . SER A 1 64  ? 13.021  11.416  -12.271 1.00 29.87 ? 64  SER X C     1 
ATOM   516  O O     . SER A 1 64  ? 13.351  12.169  -13.191 1.00 28.97 ? 64  SER X O     1 
ATOM   517  C CB    . SER A 1 64  ? 12.462  12.978  -10.394 1.00 22.10 ? 64  SER X CB    1 
ATOM   518  O OG    . SER A 1 64  ? 13.498  12.482  -9.528  1.00 25.13 ? 64  SER X OG    1 
ATOM   519  N N     . ASP A 1 65  ? 13.566  10.211  -12.091 1.00 30.78 ? 65  ASP X N     1 
ATOM   520  C CA    . ASP A 1 65  ? 14.598  9.649   -12.976 1.00 34.94 ? 65  ASP X CA    1 
ATOM   521  C C     . ASP A 1 65  ? 14.015  9.352   -14.358 1.00 35.21 ? 65  ASP X C     1 
ATOM   522  O O     . ASP A 1 65  ? 13.282  8.369   -14.541 1.00 33.99 ? 65  ASP X O     1 
ATOM   523  C CB    . ASP A 1 65  ? 15.171  8.383   -12.339 1.00 38.39 ? 65  ASP X CB    1 
ATOM   524  C CG    . ASP A 1 65  ? 16.267  7.701   -13.185 1.00 38.20 ? 65  ASP X CG    1 
ATOM   525  O OD1   . ASP A 1 65  ? 16.881  6.753   -12.643 1.00 33.05 ? 65  ASP X OD1   1 
ATOM   526  O OD2   . ASP A 1 65  ? 16.512  8.080   -14.358 1.00 36.38 ? 65  ASP X OD2   1 
ATOM   527  N N     . THR A 1 66  ? 14.379  10.167  -15.347 1.00 34.44 ? 66  THR X N     1 
ATOM   528  C CA    . THR A 1 66  ? 13.803  10.040  -16.681 1.00 32.33 ? 66  THR X CA    1 
ATOM   529  C C     . THR A 1 66  ? 14.384  8.882   -17.489 1.00 35.32 ? 66  THR X C     1 
ATOM   530  O O     . THR A 1 66  ? 13.905  8.620   -18.600 1.00 32.13 ? 66  THR X O     1 
ATOM   531  C CB    . THR A 1 66  ? 13.981  11.352  -17.444 1.00 36.07 ? 66  THR X CB    1 
ATOM   532  O OG1   . THR A 1 66  ? 15.349  11.773  -17.362 1.00 40.36 ? 66  THR X OG1   1 
ATOM   533  C CG2   . THR A 1 66  ? 13.095  12.437  -16.831 1.00 33.14 ? 66  THR X CG2   1 
ATOM   534  N N     . SER A 1 67  ? 15.403  8.190   -16.983 1.00 32.25 ? 67  SER X N     1 
ATOM   535  C CA    A SER A 1 67  ? 15.937  7.000   -17.632 0.46 33.84 ? 67  SER X CA    1 
ATOM   536  C CA    B SER A 1 67  ? 15.919  6.997   -17.644 0.54 33.77 ? 67  SER X CA    1 
ATOM   537  C C     . SER A 1 67  ? 15.393  5.720   -17.018 1.00 34.66 ? 67  SER X C     1 
ATOM   538  O O     . SER A 1 67  ? 15.707  4.630   -17.507 1.00 40.60 ? 67  SER X O     1 
ATOM   539  C CB    A SER A 1 67  ? 17.473  6.991   -17.569 0.46 32.78 ? 67  SER X CB    1 
ATOM   540  C CB    B SER A 1 67  ? 17.447  6.977   -17.613 0.54 32.89 ? 67  SER X CB    1 
ATOM   541  O OG    A SER A 1 67  ? 18.023  8.281   -17.821 0.46 35.19 ? 67  SER X OG    1 
ATOM   542  O OG    B SER A 1 67  ? 17.895  6.297   -16.459 0.54 34.46 ? 67  SER X OG    1 
ATOM   543  N N     . PHE A 1 68  ? 14.602  5.829   -15.956 1.00 37.78 ? 68  PHE X N     1 
ATOM   544  C CA    . PHE A 1 68  ? 14.028  4.659   -15.313 1.00 32.45 ? 68  PHE X CA    1 
ATOM   545  C C     . PHE A 1 68  ? 13.186  3.881   -16.308 1.00 33.79 ? 68  PHE X C     1 
ATOM   546  O O     . PHE A 1 68  ? 12.375  4.447   -17.048 1.00 30.22 ? 68  PHE X O     1 
ATOM   547  C CB    . PHE A 1 68  ? 13.182  5.083   -14.111 1.00 36.26 ? 68  PHE X CB    1 
ATOM   548  C CG    . PHE A 1 68  ? 12.693  3.939   -13.263 1.00 33.73 ? 68  PHE X CG    1 
ATOM   549  C CD1   . PHE A 1 68  ? 13.395  3.553   -12.120 1.00 32.80 ? 68  PHE X CD1   1 
ATOM   550  C CD2   . PHE A 1 68  ? 11.522  3.270   -13.589 1.00 32.15 ? 68  PHE X CD2   1 
ATOM   551  C CE1   . PHE A 1 68  ? 12.939  2.522   -11.321 1.00 36.25 ? 68  PHE X CE1   1 
ATOM   552  C CE2   . PHE A 1 68  ? 11.060  2.218   -12.798 1.00 38.51 ? 68  PHE X CE2   1 
ATOM   553  C CZ    . PHE A 1 68  ? 11.768  1.848   -11.658 1.00 36.82 ? 68  PHE X CZ    1 
ATOM   554  N N     . ASN A 1 69  ? 13.375  2.571   -16.302 1.00 29.89 ? 69  ASN X N     1 
ATOM   555  C CA    . ASN A 1 69  ? 12.785  1.728   -17.324 1.00 34.12 ? 69  ASN X CA    1 
ATOM   556  C C     . ASN A 1 69  ? 12.879  0.296   -16.825 1.00 41.81 ? 69  ASN X C     1 
ATOM   557  O O     . ASN A 1 69  ? 13.977  -0.190  -16.519 1.00 41.35 ? 69  ASN X O     1 
ATOM   558  C CB    . ASN A 1 69  ? 13.523  1.915   -18.644 1.00 40.40 ? 69  ASN X CB    1 
ATOM   559  C CG    . ASN A 1 69  ? 13.010  1.023   -19.719 1.00 41.06 ? 69  ASN X CG    1 
ATOM   560  O OD1   . ASN A 1 69  ? 11.906  1.218   -20.215 1.00 44.95 ? 69  ASN X OD1   1 
ATOM   561  N ND2   . ASN A 1 69  ? 13.816  0.043   -20.112 1.00 42.88 ? 69  ASN X ND2   1 
ATOM   562  N N     . VAL A 1 70  ? 11.735  -0.362  -16.695 1.00 29.05 ? 70  VAL X N     1 
ATOM   563  C CA    . VAL A 1 70  ? 11.706  -1.751  -16.277 1.00 30.44 ? 70  VAL X CA    1 
ATOM   564  C C     . VAL A 1 70  ? 10.676  -2.469  -17.131 1.00 34.27 ? 70  VAL X C     1 
ATOM   565  O O     . VAL A 1 70  ? 9.586   -1.946  -17.392 1.00 36.42 ? 70  VAL X O     1 
ATOM   566  C CB    . VAL A 1 70  ? 11.378  -1.914  -14.774 1.00 41.20 ? 70  VAL X CB    1 
ATOM   567  C CG1   . VAL A 1 70  ? 11.377  -3.405  -14.409 1.00 32.14 ? 70  VAL X CG1   1 
ATOM   568  C CG2   . VAL A 1 70  ? 12.357  -1.128  -13.871 1.00 26.56 ? 70  VAL X CG2   1 
ATOM   569  N N     . GLU A 1 71  ? 11.044  -3.653  -17.598 1.00 36.59 ? 71  GLU X N     1 
ATOM   570  C CA    . GLU A 1 71  ? 10.087  -4.534  -18.243 1.00 50.59 ? 71  GLU X CA    1 
ATOM   571  C C     . GLU A 1 71  ? 8.915   -4.810  -17.300 1.00 44.25 ? 71  GLU X C     1 
ATOM   572  O O     . GLU A 1 71  ? 9.095   -5.396  -16.224 1.00 39.60 ? 71  GLU X O     1 
ATOM   573  C CB    . GLU A 1 71  ? 10.779  -5.840  -18.666 1.00 43.39 ? 71  GLU X CB    1 
ATOM   574  C CG    . GLU A 1 71  ? 9.839   -7.025  -18.908 1.00 56.60 ? 71  GLU X CG    1 
ATOM   575  C CD    . GLU A 1 71  ? 9.018   -6.918  -20.206 1.00 67.63 ? 71  GLU X CD    1 
ATOM   576  O OE1   . GLU A 1 71  ? 8.750   -7.969  -20.827 1.00 63.78 ? 71  GLU X OE1   1 
ATOM   577  O OE2   . GLU A 1 71  ? 8.624   -5.797  -20.609 1.00 76.46 ? 71  GLU X OE2   1 
ATOM   578  N N     . GLY A 1 72  ? 7.721   -4.359  -17.705 1.00 32.44 ? 72  GLY X N     1 
ATOM   579  C CA    . GLY A 1 72  ? 6.488   -4.610  -16.993 1.00 40.00 ? 72  GLY X CA    1 
ATOM   580  C C     . GLY A 1 72  ? 5.986   -3.462  -16.139 1.00 42.70 ? 72  GLY X C     1 
ATOM   581  O O     . GLY A 1 72  ? 4.989   -3.634  -15.417 1.00 41.14 ? 72  GLY X O     1 
ATOM   582  N N     . VAL A 1 73  ? 6.646   -2.306  -16.196 1.00 41.38 ? 73  VAL X N     1 
ATOM   583  C CA    . VAL A 1 73  ? 6.340   -1.154  -15.354 1.00 29.48 ? 73  VAL X CA    1 
ATOM   584  C C     . VAL A 1 73  ? 6.134   0.047   -16.255 1.00 34.34 ? 73  VAL X C     1 
ATOM   585  O O     . VAL A 1 73  ? 6.947   0.301   -17.154 1.00 32.35 ? 73  VAL X O     1 
ATOM   586  C CB    . VAL A 1 73  ? 7.475   -0.867  -14.358 1.00 28.19 ? 73  VAL X CB    1 
ATOM   587  C CG1   . VAL A 1 73  ? 7.277   0.467   -13.684 1.00 22.20 ? 73  VAL X CG1   1 
ATOM   588  C CG2   . VAL A 1 73  ? 7.606   -1.998  -13.364 1.00 26.66 ? 73  VAL X CG2   1 
ATOM   589  N N     . ASP A 1 74  ? 5.057   0.779   -16.012 1.00 32.29 ? 74  ASP X N     1 
ATOM   590  C CA    . ASP A 1 74  ? 4.800   2.071   -16.633 1.00 31.55 ? 74  ASP X CA    1 
ATOM   591  C C     . ASP A 1 74  ? 5.245   3.185   -15.683 1.00 38.40 ? 74  ASP X C     1 
ATOM   592  O O     . ASP A 1 74  ? 4.891   3.178   -14.498 1.00 43.74 ? 74  ASP X O     1 
ATOM   593  C CB    . ASP A 1 74  ? 3.310   2.226   -16.956 1.00 38.10 ? 74  ASP X CB    1 
ATOM   594  C CG    . ASP A 1 74  ? 2.786   1.116   -17.826 1.00 39.43 ? 74  ASP X CG    1 
ATOM   595  O OD1   . ASP A 1 74  ? 1.560   0.863   -17.783 1.00 44.40 ? 74  ASP X OD1   1 
ATOM   596  O OD2   . ASP A 1 74  ? 3.598   0.493   -18.550 1.00 47.16 ? 74  ASP X OD2   1 
ATOM   597  N N     . VAL A 1 75  ? 5.993   4.149   -16.204 1.00 36.63 ? 75  VAL X N     1 
ATOM   598  C CA    . VAL A 1 75  ? 6.601   5.197   -15.386 1.00 37.56 ? 75  VAL X CA    1 
ATOM   599  C C     . VAL A 1 75  ? 5.753   6.460   -15.462 1.00 33.06 ? 75  VAL X C     1 
ATOM   600  O O     . VAL A 1 75  ? 5.235   6.809   -16.527 1.00 36.93 ? 75  VAL X O     1 
ATOM   601  C CB    . VAL A 1 75  ? 8.055   5.448   -15.840 1.00 31.25 ? 75  VAL X CB    1 
ATOM   602  C CG1   . VAL A 1 75  ? 8.726   6.532   -15.006 1.00 35.85 ? 75  VAL X CG1   1 
ATOM   603  C CG2   . VAL A 1 75  ? 8.845   4.148   -15.757 1.00 36.11 ? 75  VAL X CG2   1 
ATOM   604  N N     . ILE A 1 76  ? 5.573   7.130   -14.326 1.00 31.48 ? 76  ILE X N     1 
ATOM   605  C CA    . ILE A 1 76  ? 5.041   8.488   -14.299 1.00 34.33 ? 76  ILE X CA    1 
ATOM   606  C C     . ILE A 1 76  ? 6.034   9.360   -13.553 1.00 29.19 ? 76  ILE X C     1 
ATOM   607  O O     . ILE A 1 76  ? 6.879   8.868   -12.807 1.00 29.96 ? 76  ILE X O     1 
ATOM   608  C CB    . ILE A 1 76  ? 3.637   8.591   -13.659 1.00 35.87 ? 76  ILE X CB    1 
ATOM   609  C CG1   . ILE A 1 76  ? 3.618   7.919   -12.272 1.00 38.57 ? 76  ILE X CG1   1 
ATOM   610  C CG2   . ILE A 1 76  ? 2.596   7.997   -14.596 1.00 32.27 ? 76  ILE X CG2   1 
ATOM   611  C CD1   . ILE A 1 76  ? 2.458   8.365   -11.351 1.00 33.06 ? 76  ILE X CD1   1 
ATOM   612  N N     . HIS A 1 77  ? 5.924   10.678  -13.770 1.00 38.19 ? 77  HIS X N     1 
ATOM   613  C CA    . HIS A 1 77  ? 6.886   11.651  -13.253 1.00 35.74 ? 77  HIS X CA    1 
ATOM   614  C C     . HIS A 1 77  ? 6.248   12.741  -12.420 1.00 37.76 ? 77  HIS X C     1 
ATOM   615  O O     . HIS A 1 77  ? 6.965   13.631  -11.950 1.00 42.13 ? 77  HIS X O     1 
ATOM   616  C CB    . HIS A 1 77  ? 7.681   12.320  -14.392 1.00 34.88 ? 77  HIS X CB    1 
ATOM   617  C CG    . HIS A 1 77  ? 8.469   11.355  -15.206 1.00 32.29 ? 77  HIS X CG    1 
ATOM   618  N ND1   . HIS A 1 77  ? 9.508   10.619  -14.678 1.00 39.25 ? 77  HIS X ND1   1 
ATOM   619  C CD2   . HIS A 1 77  ? 8.341   10.957  -16.493 1.00 38.17 ? 77  HIS X CD2   1 
ATOM   620  C CE1   . HIS A 1 77  ? 10.003  9.825   -15.613 1.00 38.95 ? 77  HIS X CE1   1 
ATOM   621  N NE2   . HIS A 1 77  ? 9.313   10.011  -16.724 1.00 39.61 ? 77  HIS X NE2   1 
ATOM   622  N N     . SER A 1 78  ? 4.932   12.727  -12.241 1.00 35.16 ? 78  SER X N     1 
ATOM   623  C CA    . SER A 1 78  ? 4.324   13.687  -11.336 1.00 37.12 ? 78  SER X CA    1 
ATOM   624  C C     . SER A 1 78  ? 3.075   13.080  -10.716 1.00 33.62 ? 78  SER X C     1 
ATOM   625  O O     . SER A 1 78  ? 2.418   12.219  -11.314 1.00 34.79 ? 78  SER X O     1 
ATOM   626  C CB    . SER A 1 78  ? 3.985   15.003  -12.048 1.00 37.26 ? 78  SER X CB    1 
ATOM   627  O OG    . SER A 1 78  ? 2.863   14.832  -12.896 1.00 49.12 ? 78  SER X OG    1 
ATOM   628  N N     . ILE A 1 79  ? 2.777   13.542  -9.497  1.00 35.81 ? 79  ILE X N     1 
ATOM   629  C CA    . ILE A 1 79  ? 1.519   13.214  -8.836  1.00 33.23 ? 79  ILE X CA    1 
ATOM   630  C C     . ILE A 1 79  ? 0.354   13.342  -9.808  1.00 39.81 ? 79  ILE X C     1 
ATOM   631  O O     . ILE A 1 79  ? -0.539  12.486  -9.846  1.00 34.15 ? 79  ILE X O     1 
ATOM   632  C CB    . ILE A 1 79  ? 1.338   14.120  -7.604  1.00 40.61 ? 79  ILE X CB    1 
ATOM   633  C CG1   . ILE A 1 79  ? 2.220   13.625  -6.471  1.00 41.95 ? 79  ILE X CG1   1 
ATOM   634  C CG2   . ILE A 1 79  ? -0.109  14.163  -7.135  1.00 49.35 ? 79  ILE X CG2   1 
ATOM   635  C CD1   . ILE A 1 79  ? 2.013   12.185  -6.192  1.00 38.64 ? 79  ILE X CD1   1 
ATOM   636  N N     . GLU A 1 80  ? 0.373   14.393  -10.643 1.00 38.91 ? 80  GLU X N     1 
ATOM   637  C CA    . GLU A 1 80  ? -0.775  14.717  -11.488 1.00 38.53 ? 80  GLU X CA    1 
ATOM   638  C C     . GLU A 1 80  ? -1.072  13.619  -12.497 1.00 38.34 ? 80  GLU X C     1 
ATOM   639  O O     . GLU A 1 80  ? -2.217  13.483  -12.936 1.00 42.05 ? 80  GLU X O     1 
ATOM   640  C CB    . GLU A 1 80  ? -0.545  16.047  -12.217 1.00 44.73 ? 80  GLU X CB    1 
ATOM   641  C CG    . GLU A 1 80  ? -0.834  17.271  -11.363 1.00 57.83 ? 80  GLU X CG    1 
ATOM   642  C CD    . GLU A 1 80  ? 0.160   17.437  -10.213 1.00 69.77 ? 80  GLU X CD    1 
ATOM   643  O OE1   . GLU A 1 80  ? 1.372   17.134  -10.419 1.00 60.38 ? 80  GLU X OE1   1 
ATOM   644  O OE2   . GLU A 1 80  ? -0.274  17.877  -9.112  1.00 68.61 ? 80  GLU X OE2   1 
ATOM   645  N N     . ASP A 1 81  ? -0.070  12.823  -12.874 1.00 36.74 ? 81  ASP X N     1 
ATOM   646  C CA    . ASP A 1 81  ? -0.339  11.719  -13.784 1.00 37.03 ? 81  ASP X CA    1 
ATOM   647  C C     . ASP A 1 81  ? -1.147  10.605  -13.127 1.00 44.91 ? 81  ASP X C     1 
ATOM   648  O O     . ASP A 1 81  ? -1.722  9.770   -13.845 1.00 39.37 ? 81  ASP X O     1 
ATOM   649  C CB    . ASP A 1 81  ? 0.966   11.149  -14.321 1.00 39.26 ? 81  ASP X CB    1 
ATOM   650  C CG    . ASP A 1 81  ? 1.781   12.179  -15.052 1.00 44.38 ? 81  ASP X CG    1 
ATOM   651  O OD1   . ASP A 1 81  ? 1.198   13.155  -15.588 1.00 45.46 ? 81  ASP X OD1   1 
ATOM   652  O OD2   . ASP A 1 81  ? 3.013   11.998  -15.087 1.00 50.43 ? 81  ASP X OD2   1 
ATOM   653  N N     . ILE A 1 82  ? -1.192  10.558  -11.787 1.00 41.14 ? 82  ILE X N     1 
ATOM   654  C CA    . ILE A 1 82  ? -1.990  9.538   -11.108 1.00 37.49 ? 82  ILE X CA    1 
ATOM   655  C C     . ILE A 1 82  ? -3.455  9.694   -11.488 1.00 38.50 ? 82  ILE X C     1 
ATOM   656  O O     . ILE A 1 82  ? -4.143  8.709   -11.791 1.00 40.13 ? 82  ILE X O     1 
ATOM   657  C CB    . ILE A 1 82  ? -1.786  9.609   -9.579  1.00 36.89 ? 82  ILE X CB    1 
ATOM   658  C CG1   . ILE A 1 82  ? -0.346  9.250   -9.193  1.00 38.39 ? 82  ILE X CG1   1 
ATOM   659  C CG2   . ILE A 1 82  ? -2.754  8.668   -8.851  1.00 40.23 ? 82  ILE X CG2   1 
ATOM   660  C CD1   . ILE A 1 82  ? -0.089  9.241   -7.690  1.00 32.29 ? 82  ILE X CD1   1 
ATOM   661  N N     . TYR A 1 83  ? -3.928  10.940  -11.553 1.00 37.26 ? 83  TYR X N     1 
ATOM   662  C CA    . TYR A 1 83  ? -5.334  11.227  -11.813 1.00 41.55 ? 83  TYR X CA    1 
ATOM   663  C C     . TYR A 1 83  ? -5.748  10.886  -13.238 1.00 41.43 ? 83  TYR X C     1 
ATOM   664  O O     . TYR A 1 83  ? -6.949  10.758  -13.507 1.00 44.93 ? 83  TYR X O     1 
ATOM   665  C CB    . TYR A 1 83  ? -5.607  12.702  -11.497 1.00 34.17 ? 83  TYR X CB    1 
ATOM   666  C CG    . TYR A 1 83  ? -5.198  13.080  -10.082 1.00 36.95 ? 83  TYR X CG    1 
ATOM   667  C CD1   . TYR A 1 83  ? -5.876  12.564  -8.984  1.00 35.40 ? 83  TYR X CD1   1 
ATOM   668  C CD2   . TYR A 1 83  ? -4.138  13.943  -9.846  1.00 39.32 ? 83  TYR X CD2   1 
ATOM   669  C CE1   . TYR A 1 83  ? -5.506  12.898  -7.677  1.00 37.79 ? 83  TYR X CE1   1 
ATOM   670  C CE2   . TYR A 1 83  ? -3.760  14.286  -8.545  1.00 44.93 ? 83  TYR X CE2   1 
ATOM   671  C CZ    . TYR A 1 83  ? -4.447  13.755  -7.460  1.00 46.35 ? 83  TYR X CZ    1 
ATOM   672  O OH    . TYR A 1 83  ? -4.085  14.082  -6.160  1.00 49.39 ? 83  TYR X OH    1 
ATOM   673  N N     . GLN A 1 84  ? -4.786  10.729  -14.147 1.00 41.05 ? 84  GLN X N     1 
ATOM   674  C CA    . GLN A 1 84  ? -5.062  10.314  -15.516 1.00 44.18 ? 84  GLN X CA    1 
ATOM   675  C C     . GLN A 1 84  ? -5.108  8.810   -15.663 1.00 42.94 ? 84  GLN X C     1 
ATOM   676  O O     . GLN A 1 84  ? -5.504  8.316   -16.724 1.00 44.71 ? 84  GLN X O     1 
ATOM   677  C CB    . GLN A 1 84  ? -4.006  10.883  -16.478 1.00 45.15 ? 84  GLN X CB    1 
ATOM   678  C CG    . GLN A 1 84  ? -3.823  12.396  -16.361 1.00 48.64 ? 84  GLN X CG    1 
ATOM   679  C CD    . GLN A 1 84  ? -5.135  13.158  -16.547 1.00 52.96 ? 84  GLN X CD    1 
ATOM   680  O OE1   . GLN A 1 84  ? -5.807  13.027  -17.578 1.00 58.48 ? 84  GLN X OE1   1 
ATOM   681  N NE2   . GLN A 1 84  ? -5.509  13.951  -15.545 1.00 53.60 ? 84  GLN X NE2   1 
ATOM   682  N N     . LEU A 1 85  ? -4.705  8.078   -14.646 1.00 42.55 ? 85  LEU X N     1 
ATOM   683  C CA    . LEU A 1 85  ? -4.747  6.635   -14.732 1.00 39.27 ? 85  LEU X CA    1 
ATOM   684  C C     . LEU A 1 85  ? -6.194  6.162   -14.694 1.00 43.51 ? 85  LEU X C     1 
ATOM   685  O O     . LEU A 1 85  ? -6.978  6.628   -13.852 1.00 43.53 ? 85  LEU X O     1 
ATOM   686  C CB    . LEU A 1 85  ? -3.959  6.001   -13.602 1.00 35.42 ? 85  LEU X CB    1 
ATOM   687  C CG    . LEU A 1 85  ? -2.466  6.246   -13.684 1.00 42.88 ? 85  LEU X CG    1 
ATOM   688  C CD1   . LEU A 1 85  ? -1.844  5.872   -12.360 1.00 33.77 ? 85  LEU X CD1   1 
ATOM   689  C CD2   . LEU A 1 85  ? -1.874  5.419   -14.831 1.00 37.80 ? 85  LEU X CD2   1 
ATOM   690  N N     . PRO A 1 86  ? -6.587  5.264   -15.588 1.00 41.14 ? 86  PRO X N     1 
ATOM   691  C CA    . PRO A 1 86  ? -7.961  4.748   -15.579 1.00 43.87 ? 86  PRO X CA    1 
ATOM   692  C C     . PRO A 1 86  ? -8.159  3.607   -14.589 1.00 38.37 ? 86  PRO X C     1 
ATOM   693  O O     . PRO A 1 86  ? -7.221  2.903   -14.194 1.00 42.77 ? 86  PRO X O     1 
ATOM   694  C CB    . PRO A 1 86  ? -8.149  4.253   -17.019 1.00 40.77 ? 86  PRO X CB    1 
ATOM   695  C CG    . PRO A 1 86  ? -6.744  3.868   -17.456 1.00 39.74 ? 86  PRO X CG    1 
ATOM   696  C CD    . PRO A 1 86  ? -5.825  4.858   -16.788 1.00 31.57 ? 86  PRO X CD    1 
ATOM   697  N N     . GLY A 1 87  ? -9.422  3.421   -14.209 1.00 38.09 ? 87  GLY X N     1 
ATOM   698  C CA    . GLY A 1 87  ? -9.829  2.244   -13.449 1.00 36.58 ? 87  GLY X CA    1 
ATOM   699  C C     . GLY A 1 87  ? -9.708  2.450   -11.952 1.00 37.61 ? 87  GLY X C     1 
ATOM   700  O O     . GLY A 1 87  ? -9.668  3.581   -11.447 1.00 41.38 ? 87  GLY X O     1 
ATOM   701  N N     . HIS A 1 88  ? -9.654  1.330   -11.228 1.00 36.72 ? 88  HIS X N     1 
ATOM   702  C CA    . HIS A 1 88  ? -9.439  1.363   -9.784  1.00 38.86 ? 88  HIS X CA    1 
ATOM   703  C C     . HIS A 1 88  ? -7.940  1.379   -9.499  1.00 38.83 ? 88  HIS X C     1 
ATOM   704  O O     . HIS A 1 88  ? -7.236  0.415   -9.828  1.00 31.36 ? 88  HIS X O     1 
ATOM   705  C CB    . HIS A 1 88  ? -10.083 0.167   -9.092  1.00 39.30 ? 88  HIS X CB    1 
ATOM   706  C CG    . HIS A 1 88  ? -10.287 0.375   -7.625  1.00 36.79 ? 88  HIS X CG    1 
ATOM   707  N ND1   . HIS A 1 88  ? -11.067 -0.462  -6.857  1.00 35.47 ? 88  HIS X ND1   1 
ATOM   708  C CD2   . HIS A 1 88  ? -9.832  1.343   -6.790  1.00 36.84 ? 88  HIS X CD2   1 
ATOM   709  C CE1   . HIS A 1 88  ? -11.080 -0.023  -5.609  1.00 40.77 ? 88  HIS X CE1   1 
ATOM   710  N NE2   . HIS A 1 88  ? -10.340 1.071   -5.540  1.00 36.38 ? 88  HIS X NE2   1 
ATOM   711  N N     . VAL A 1 89  ? -7.462  2.462   -8.872  1.00 35.76 ? 89  VAL X N     1 
ATOM   712  C CA    . VAL A 1 89  ? -6.034  2.711   -8.688  1.00 32.44 ? 89  VAL X CA    1 
ATOM   713  C C     . VAL A 1 89  ? -5.720  2.635   -7.203  1.00 28.20 ? 89  VAL X C     1 
ATOM   714  O O     . VAL A 1 89  ? -6.347  3.328   -6.403  1.00 30.82 ? 89  VAL X O     1 
ATOM   715  C CB    . VAL A 1 89  ? -5.627  4.081   -9.269  1.00 38.49 ? 89  VAL X CB    1 
ATOM   716  C CG1   . VAL A 1 89  ? -4.199  4.459   -8.874  1.00 30.45 ? 89  VAL X CG1   1 
ATOM   717  C CG2   . VAL A 1 89  ? -5.751  4.058   -10.776 1.00 42.72 ? 89  VAL X CG2   1 
ATOM   718  N N     . PHE A 1 90  ? -4.755  1.794   -6.830  1.00 29.19 ? 90  PHE X N     1 
ATOM   719  C CA    . PHE A 1 90  ? -4.342  1.653   -5.437  1.00 27.89 ? 90  PHE X CA    1 
ATOM   720  C C     . PHE A 1 90  ? -2.966  2.275   -5.236  1.00 38.01 ? 90  PHE X C     1 
ATOM   721  O O     . PHE A 1 90  ? -1.993  1.841   -5.867  1.00 27.30 ? 90  PHE X O     1 
ATOM   722  C CB    . PHE A 1 90  ? -4.278  0.192   -5.026  1.00 27.97 ? 90  PHE X CB    1 
ATOM   723  C CG    . PHE A 1 90  ? -5.588  -0.524  -5.077  1.00 33.86 ? 90  PHE X CG    1 
ATOM   724  C CD1   . PHE A 1 90  ? -6.433  -0.530  -3.968  1.00 27.84 ? 90  PHE X CD1   1 
ATOM   725  C CD2   . PHE A 1 90  ? -5.961  -1.232  -6.216  1.00 28.84 ? 90  PHE X CD2   1 
ATOM   726  C CE1   . PHE A 1 90  ? -7.643  -1.227  -3.991  1.00 33.52 ? 90  PHE X CE1   1 
ATOM   727  C CE2   . PHE A 1 90  ? -7.169  -1.935  -6.254  1.00 39.10 ? 90  PHE X CE2   1 
ATOM   728  C CZ    . PHE A 1 90  ? -8.013  -1.939  -5.141  1.00 34.34 ? 90  PHE X CZ    1 
ATOM   729  N N     . ILE A 1 91  ? -2.866  3.240   -4.323  1.00 33.34 ? 91  ILE X N     1 
ATOM   730  C CA    . ILE A 1 91  ? -1.553  3.733   -3.921  1.00 25.42 ? 91  ILE X CA    1 
ATOM   731  C C     . ILE A 1 91  ? -0.950  2.784   -2.893  1.00 28.87 ? 91  ILE X C     1 
ATOM   732  O O     . ILE A 1 91  ? -1.485  2.615   -1.788  1.00 29.01 ? 91  ILE X O     1 
ATOM   733  C CB    . ILE A 1 91  ? -1.633  5.158   -3.380  1.00 28.02 ? 91  ILE X CB    1 
ATOM   734  C CG1   . ILE A 1 91  ? -1.972  6.103   -4.523  1.00 35.04 ? 91  ILE X CG1   1 
ATOM   735  C CG2   . ILE A 1 91  ? -0.298  5.536   -2.793  1.00 27.02 ? 91  ILE X CG2   1 
ATOM   736  C CD1   . ILE A 1 91  ? -3.000  7.105   -4.139  1.00 43.22 ? 91  ILE X CD1   1 
ATOM   737  N N     . PHE A 1 92  ? 0.194   2.199   -3.250  1.00 27.55 ? 92  PHE X N     1 
ATOM   738  C CA    . PHE A 1 92  ? 0.758   1.028   -2.600  1.00 25.61 ? 92  PHE X CA    1 
ATOM   739  C C     . PHE A 1 92  ? 1.925   1.351   -1.674  1.00 28.46 ? 92  PHE X C     1 
ATOM   740  O O     . PHE A 1 92  ? 2.265   0.508   -0.829  1.00 23.32 ? 92  PHE X O     1 
ATOM   741  C CB    . PHE A 1 92  ? 1.215   0.039   -3.682  1.00 22.08 ? 92  PHE X CB    1 
ATOM   742  C CG    . PHE A 1 92  ? 1.310   -1.393  -3.232  1.00 27.78 ? 92  PHE X CG    1 
ATOM   743  C CD1   . PHE A 1 92  ? 2.522   -2.077  -3.319  1.00 24.96 ? 92  PHE X CD1   1 
ATOM   744  C CD2   . PHE A 1 92  ? 0.185   -2.078  -2.764  1.00 28.62 ? 92  PHE X CD2   1 
ATOM   745  C CE1   . PHE A 1 92  ? 2.614   -3.416  -2.922  1.00 26.63 ? 92  PHE X CE1   1 
ATOM   746  C CE2   . PHE A 1 92  ? 0.268   -3.399  -2.358  1.00 23.96 ? 92  PHE X CE2   1 
ATOM   747  C CZ    . PHE A 1 92  ? 1.486   -4.075  -2.440  1.00 23.93 ? 92  PHE X CZ    1 
ATOM   748  N N     . GLY A 1 93  ? 2.529   2.527   -1.800  1.00 22.13 ? 93  GLY X N     1 
ATOM   749  C CA    . GLY A 1 93  ? 3.721   2.874   -1.037  1.00 23.49 ? 93  GLY X CA    1 
ATOM   750  C C     . GLY A 1 93  ? 4.566   3.891   -1.783  1.00 25.91 ? 93  GLY X C     1 
ATOM   751  O O     . GLY A 1 93  ? 4.346   4.173   -2.957  1.00 28.01 ? 93  GLY X O     1 
ATOM   752  N N     . GLY A 1 94  ? 5.530   4.490   -1.066  1.00 22.16 ? 94  GLY X N     1 
ATOM   753  C CA    . GLY A 1 94  ? 5.776   4.273   0.353   1.00 25.93 ? 94  GLY X CA    1 
ATOM   754  C C     . GLY A 1 94  ? 5.375   5.425   1.265   1.00 23.68 ? 94  GLY X C     1 
ATOM   755  O O     . GLY A 1 94  ? 4.355   6.087   1.023   1.00 23.47 ? 94  GLY X O     1 
ATOM   756  N N     . GLN A 1 95  ? 6.161   5.652   2.328   1.00 23.36 ? 95  GLN X N     1 
ATOM   757  C CA    . GLN A 1 95  ? 5.858   6.734   3.263   1.00 21.06 ? 95  GLN X CA    1 
ATOM   758  C C     . GLN A 1 95  ? 5.675   8.075   2.543   1.00 27.79 ? 95  GLN X C     1 
ATOM   759  O O     . GLN A 1 95  ? 4.692   8.787   2.786   1.00 24.59 ? 95  GLN X O     1 
ATOM   760  C CB    . GLN A 1 95  ? 6.951   6.866   4.331   1.00 21.30 ? 95  GLN X CB    1 
ATOM   761  C CG    . GLN A 1 95  ? 6.841   8.242   5.068   1.00 24.95 ? 95  GLN X CG    1 
ATOM   762  C CD    . GLN A 1 95  ? 7.669   8.348   6.349   1.00 28.11 ? 95  GLN X CD    1 
ATOM   763  O OE1   . GLN A 1 95  ? 8.273   7.369   6.805   1.00 22.40 ? 95  GLN X OE1   1 
ATOM   764  N NE2   . GLN A 1 95  ? 7.699   9.555   6.939   1.00 27.56 ? 95  GLN X NE2   1 
ATOM   765  N N     . THR A 1 96  ? 6.619   8.437   1.657   1.00 23.71 ? 96  THR X N     1 
ATOM   766  C CA    . THR A 1 96  ? 6.548   9.724   0.963   1.00 21.51 ? 96  THR X CA    1 
ATOM   767  C C     . THR A 1 96  ? 5.253   9.849   0.171   1.00 23.99 ? 96  THR X C     1 
ATOM   768  O O     . THR A 1 96  ? 4.464   10.785  0.369   1.00 26.81 ? 96  THR X O     1 
ATOM   769  C CB    . THR A 1 96  ? 7.750   9.890   0.027   1.00 23.25 ? 96  THR X CB    1 
ATOM   770  O OG1   . THR A 1 96  ? 8.968   9.813   0.773   1.00 19.15 ? 96  THR X OG1   1 
ATOM   771  C CG2   . THR A 1 96  ? 7.695   11.240  -0.686  1.00 21.23 ? 96  THR X CG2   1 
ATOM   772  N N     . LEU A 1 97  ? 5.013   8.900   -0.734  1.00 27.12 ? 97  LEU X N     1 
ATOM   773  C CA    . LEU A 1 97  ? 3.822   8.958   -1.574  1.00 30.08 ? 97  LEU X CA    1 
ATOM   774  C C     . LEU A 1 97  ? 2.537   8.943   -0.744  1.00 28.14 ? 97  LEU X C     1 
ATOM   775  O O     . LEU A 1 97  ? 1.568   9.639   -1.082  1.00 29.24 ? 97  LEU X O     1 
ATOM   776  C CB    . LEU A 1 97  ? 3.833   7.795   -2.559  1.00 27.02 ? 97  LEU X CB    1 
ATOM   777  C CG    . LEU A 1 97  ? 2.736   7.859   -3.614  1.00 28.28 ? 97  LEU X CG    1 
ATOM   778  C CD1   . LEU A 1 97  ? 2.750   9.219   -4.260  1.00 21.55 ? 97  LEU X CD1   1 
ATOM   779  C CD2   . LEU A 1 97  ? 2.944   6.763   -4.642  1.00 34.64 ? 97  LEU X CD2   1 
ATOM   780  N N     . PHE A 1 98  ? 2.498   8.147   0.334   1.00 21.25 ? 98  PHE X N     1 
ATOM   781  C CA    . PHE A 1 98  ? 1.333   8.177   1.222   1.00 28.57 ? 98  PHE X CA    1 
ATOM   782  C C     . PHE A 1 98  ? 1.139   9.577   1.811   1.00 24.56 ? 98  PHE X C     1 
ATOM   783  O O     . PHE A 1 98  ? 0.006   10.069  1.893   1.00 26.52 ? 98  PHE X O     1 
ATOM   784  C CB    . PHE A 1 98  ? 1.468   7.144   2.351   1.00 19.31 ? 98  PHE X CB    1 
ATOM   785  C CG    . PHE A 1 98  ? 1.249   5.709   1.928   1.00 22.60 ? 98  PHE X CG    1 
ATOM   786  C CD1   . PHE A 1 98  ? 0.285   5.376   0.989   1.00 20.88 ? 98  PHE X CD1   1 
ATOM   787  C CD2   . PHE A 1 98  ? 1.988   4.692   2.510   1.00 18.12 ? 98  PHE X CD2   1 
ATOM   788  C CE1   . PHE A 1 98  ? 0.081   4.058   0.606   1.00 21.19 ? 98  PHE X CE1   1 
ATOM   789  C CE2   . PHE A 1 98  ? 1.799   3.352   2.132   1.00 23.57 ? 98  PHE X CE2   1 
ATOM   790  C CZ    . PHE A 1 98  ? 0.842   3.031   1.173   1.00 22.51 ? 98  PHE X CZ    1 
ATOM   791  N N     . GLU A 1 99  ? 2.231   10.234  2.227   1.00 24.10 ? 99  GLU X N     1 
ATOM   792  C CA    . GLU A 1 99  ? 2.130   11.616  2.698   1.00 30.13 ? 99  GLU X CA    1 
ATOM   793  C C     . GLU A 1 99  ? 1.608   12.542  1.608   1.00 28.96 ? 99  GLU X C     1 
ATOM   794  O O     . GLU A 1 99  ? 0.864   13.490  1.895   1.00 29.17 ? 99  GLU X O     1 
ATOM   795  C CB    . GLU A 1 99  ? 3.484   12.105  3.197   1.00 23.01 ? 99  GLU X CB    1 
ATOM   796  C CG    . GLU A 1 99  ? 3.880   11.488  4.534   1.00 29.34 ? 99  GLU X CG    1 
ATOM   797  C CD    . GLU A 1 99  ? 5.355   11.680  4.891   1.00 29.16 ? 99  GLU X CD    1 
ATOM   798  O OE1   . GLU A 1 99  ? 5.767   11.211  5.979   1.00 30.20 ? 99  GLU X OE1   1 
ATOM   799  O OE2   . GLU A 1 99  ? 6.104   12.297  4.091   1.00 40.15 ? 99  GLU X OE2   1 
ATOM   800  N N     . GLU A 1 100 ? 1.955   12.252  0.355   1.00 25.12 ? 100 GLU X N     1 
ATOM   801  C CA    . GLU A 1 100 ? 1.483   13.027  -0.783  1.00 28.71 ? 100 GLU X CA    1 
ATOM   802  C C     . GLU A 1 100 ? 0.036   12.734  -1.136  1.00 30.01 ? 100 GLU X C     1 
ATOM   803  O O     . GLU A 1 100 ? -0.638  13.591  -1.720  1.00 32.68 ? 100 GLU X O     1 
ATOM   804  C CB    . GLU A 1 100 ? 2.371   12.744  -1.997  1.00 21.67 ? 100 GLU X CB    1 
ATOM   805  C CG    . GLU A 1 100 ? 3.724   13.426  -1.907  1.00 25.47 ? 100 GLU X CG    1 
ATOM   806  C CD    . GLU A 1 100 ? 4.617   13.093  -3.087  1.00 31.03 ? 100 GLU X CD    1 
ATOM   807  O OE1   . GLU A 1 100 ? 5.050   11.928  -3.192  1.00 27.51 ? 100 GLU X OE1   1 
ATOM   808  O OE2   . GLU A 1 100 ? 4.879   13.996  -3.915  1.00 35.06 ? 100 GLU X OE2   1 
ATOM   809  N N     . MET A 1 101 ? -0.458  11.535  -0.811  1.00 27.98 ? 101 MET X N     1 
ATOM   810  C CA    . MET A 1 101 ? -1.740  11.094  -1.335  1.00 25.67 ? 101 MET X CA    1 
ATOM   811  C C     . MET A 1 101 ? -2.820  10.897  -0.286  1.00 30.00 ? 101 MET X C     1 
ATOM   812  O O     . MET A 1 101 ? -3.989  10.785  -0.666  1.00 37.24 ? 101 MET X O     1 
ATOM   813  C CB    . MET A 1 101 ? -1.577  9.777   -2.108  1.00 28.31 ? 101 MET X CB    1 
ATOM   814  C CG    . MET A 1 101 ? -0.698  9.884   -3.352  1.00 36.95 ? 101 MET X CG    1 
ATOM   815  S SD    . MET A 1 101 ? -1.220  11.210  -4.465  1.00 36.68 ? 101 MET X SD    1 
ATOM   816  C CE    . MET A 1 101 ? -2.864  10.630  -4.903  1.00 26.81 ? 101 MET X CE    1 
ATOM   817  N N     . ILE A 1 102 ? -2.475  10.822  1.005   1.00 30.27 ? 102 ILE X N     1 
ATOM   818  C CA    . ILE A 1 102 ? -3.485  10.428  2.000   1.00 30.86 ? 102 ILE X CA    1 
ATOM   819  C C     . ILE A 1 102 ? -4.624  11.438  2.055   1.00 30.38 ? 102 ILE X C     1 
ATOM   820  O O     . ILE A 1 102 ? -5.772  11.070  2.317   1.00 32.52 ? 102 ILE X O     1 
ATOM   821  C CB    . ILE A 1 102 ? -2.861  10.225  3.397   1.00 30.59 ? 102 ILE X CB    1 
ATOM   822  C CG1   . ILE A 1 102 ? -3.943  9.740   4.386   1.00 29.46 ? 102 ILE X CG1   1 
ATOM   823  C CG2   . ILE A 1 102 ? -2.218  11.514  3.900   1.00 27.39 ? 102 ILE X CG2   1 
ATOM   824  C CD1   . ILE A 1 102 ? -3.412  9.210   5.690   1.00 22.64 ? 102 ILE X CD1   1 
ATOM   825  N N     . ASP A 1 103 ? -4.351  12.711  1.779   1.00 30.68 ? 103 ASP X N     1 
ATOM   826  C CA    . ASP A 1 103 ? -5.431  13.694  1.746   1.00 35.81 ? 103 ASP X CA    1 
ATOM   827  C C     . ASP A 1 103 ? -6.185  13.735  0.422   1.00 33.57 ? 103 ASP X C     1 
ATOM   828  O O     . ASP A 1 103 ? -7.101  14.541  0.291   1.00 37.86 ? 103 ASP X O     1 
ATOM   829  C CB    . ASP A 1 103 ? -4.897  15.094  2.068   1.00 39.82 ? 103 ASP X CB    1 
ATOM   830  C CG    . ASP A 1 103 ? -4.634  15.289  3.563   1.00 45.00 ? 103 ASP X CG    1 
ATOM   831  O OD1   . ASP A 1 103 ? -3.684  16.025  3.918   1.00 47.15 ? 103 ASP X OD1   1 
ATOM   832  O OD2   . ASP A 1 103 ? -5.375  14.694  4.387   1.00 51.02 ? 103 ASP X OD2   1 
ATOM   833  N N     . LYS A 1 104 ? -5.855  12.880  -0.536  1.00 35.45 ? 104 LYS X N     1 
ATOM   834  C CA    . LYS A 1 104 ? -6.486  12.886  -1.847  1.00 35.01 ? 104 LYS X CA    1 
ATOM   835  C C     . LYS A 1 104 ? -7.309  11.646  -2.159  1.00 31.05 ? 104 LYS X C     1 
ATOM   836  O O     . LYS A 1 104 ? -8.201  11.723  -2.998  1.00 38.33 ? 104 LYS X O     1 
ATOM   837  C CB    . LYS A 1 104 ? -5.419  13.032  -2.942  1.00 31.27 ? 104 LYS X CB    1 
ATOM   838  C CG    . LYS A 1 104 ? -4.416  14.099  -2.651  1.00 40.68 ? 104 LYS X CG    1 
ATOM   839  C CD    . LYS A 1 104 ? -5.017  15.448  -2.888  1.00 37.10 ? 104 LYS X CD    1 
ATOM   840  C CE    . LYS A 1 104 ? -3.949  16.518  -2.869  1.00 49.55 ? 104 LYS X CE    1 
ATOM   841  N NZ    . LYS A 1 104 ? -4.579  17.840  -3.167  1.00 54.81 ? 104 LYS X NZ    1 
ATOM   842  N N     . VAL A 1 105 ? -7.018  10.503  -1.546  1.00 32.15 ? 105 VAL X N     1 
ATOM   843  C CA    . VAL A 1 105 ? -7.654  9.257   -1.960  1.00 32.62 ? 105 VAL X CA    1 
ATOM   844  C C     . VAL A 1 105 ? -9.101  9.204   -1.469  1.00 39.21 ? 105 VAL X C     1 
ATOM   845  O O     . VAL A 1 105 ? -9.482  9.850   -0.486  1.00 32.99 ? 105 VAL X O     1 
ATOM   846  C CB    . VAL A 1 105 ? -6.849  8.046   -1.462  1.00 35.43 ? 105 VAL X CB    1 
ATOM   847  C CG1   . VAL A 1 105 ? -5.429  8.113   -2.010  1.00 33.62 ? 105 VAL X CG1   1 
ATOM   848  C CG2   . VAL A 1 105 ? -6.856  7.990   0.078   1.00 28.04 ? 105 VAL X CG2   1 
ATOM   849  N N     . ASP A 1 106 ? -9.919  8.406   -2.172  1.00 33.25 ? 106 ASP X N     1 
ATOM   850  C CA    . ASP A 1 106 ? -11.314 8.216   -1.779  1.00 39.13 ? 106 ASP X CA    1 
ATOM   851  C C     . ASP A 1 106 ? -11.435 7.338   -0.535  1.00 37.83 ? 106 ASP X C     1 
ATOM   852  O O     . ASP A 1 106 ? -12.265 7.602   0.347   1.00 36.68 ? 106 ASP X O     1 
ATOM   853  C CB    . ASP A 1 106 ? -12.104 7.578   -2.922  1.00 41.85 ? 106 ASP X CB    1 
ATOM   854  C CG    . ASP A 1 106 ? -12.094 8.408   -4.180  1.00 39.70 ? 106 ASP X CG    1 
ATOM   855  O OD1   . ASP A 1 106 ? -12.543 9.568   -4.121  1.00 43.60 ? 106 ASP X OD1   1 
ATOM   856  O OD2   . ASP A 1 106 ? -11.665 7.886   -5.233  1.00 38.59 ? 106 ASP X OD2   1 
ATOM   857  N N     . ASP A 1 107 ? -10.654 6.262   -0.463  1.00 33.53 ? 107 ASP X N     1 
ATOM   858  C CA    . ASP A 1 107 ? -10.752 5.354   0.670   1.00 30.84 ? 107 ASP X CA    1 
ATOM   859  C C     . ASP A 1 107 ? -9.402  4.683   0.880   1.00 30.52 ? 107 ASP X C     1 
ATOM   860  O O     . ASP A 1 107 ? -8.466  4.857   0.093   1.00 31.24 ? 107 ASP X O     1 
ATOM   861  C CB    . ASP A 1 107 ? -11.885 4.332   0.467   1.00 31.19 ? 107 ASP X CB    1 
ATOM   862  C CG    . ASP A 1 107 ? -11.727 3.517   -0.795  1.00 33.55 ? 107 ASP X CG    1 
ATOM   863  O OD1   . ASP A 1 107 ? -12.518 2.562   -0.957  1.00 35.22 ? 107 ASP X OD1   1 
ATOM   864  O OD2   . ASP A 1 107 ? -10.830 3.826   -1.627  1.00 33.03 ? 107 ASP X OD2   1 
ATOM   865  N N     . MET A 1 108 ? -9.298  3.938   1.980   1.00 32.31 ? 108 MET X N     1 
ATOM   866  C CA    . MET A 1 108 ? -8.064  3.259   2.365   1.00 25.04 ? 108 MET X CA    1 
ATOM   867  C C     . MET A 1 108 ? -8.402  1.845   2.810   1.00 31.33 ? 108 MET X C     1 
ATOM   868  O O     . MET A 1 108 ? -9.324  1.648   3.605   1.00 28.59 ? 108 MET X O     1 
ATOM   869  C CB    . MET A 1 108 ? -7.350  4.013   3.492   1.00 20.78 ? 108 MET X CB    1 
ATOM   870  C CG    . MET A 1 108 ? -7.137  5.483   3.178   1.00 23.50 ? 108 MET X CG    1 
ATOM   871  S SD    . MET A 1 108 ? -6.069  6.233   4.405   1.00 27.01 ? 108 MET X SD    1 
ATOM   872  C CE    . MET A 1 108 ? -7.039  5.972   5.889   1.00 31.82 ? 108 MET X CE    1 
ATOM   873  N N     . TYR A 1 109 ? -7.670  0.869   2.279   1.00 27.63 ? 109 TYR X N     1 
ATOM   874  C CA    . TYR A 1 109 ? -7.732  -0.515  2.731   1.00 25.16 ? 109 TYR X CA    1 
ATOM   875  C C     . TYR A 1 109 ? -6.485  -0.750  3.569   1.00 28.01 ? 109 TYR X C     1 
ATOM   876  O O     . TYR A 1 109 ? -5.385  -0.946  3.035   1.00 30.69 ? 109 TYR X O     1 
ATOM   877  C CB    . TYR A 1 109 ? -7.790  -1.485  1.558   1.00 28.53 ? 109 TYR X CB    1 
ATOM   878  C CG    . TYR A 1 109 ? -9.010  -1.362  0.680   1.00 32.36 ? 109 TYR X CG    1 
ATOM   879  C CD1   . TYR A 1 109 ? -9.064  -0.421  -0.352  1.00 30.16 ? 109 TYR X CD1   1 
ATOM   880  C CD2   . TYR A 1 109 ? -10.110 -2.191  0.878   1.00 28.62 ? 109 TYR X CD2   1 
ATOM   881  C CE1   . TYR A 1 109 ? -10.187 -0.311  -1.165  1.00 32.28 ? 109 TYR X CE1   1 
ATOM   882  C CE2   . TYR A 1 109 ? -11.233 -2.092  0.067   1.00 35.29 ? 109 TYR X CE2   1 
ATOM   883  C CZ    . TYR A 1 109 ? -11.264 -1.158  -0.951  1.00 35.52 ? 109 TYR X CZ    1 
ATOM   884  O OH    . TYR A 1 109 ? -12.385 -1.077  -1.740  1.00 33.97 ? 109 TYR X OH    1 
ATOM   885  N N     . ILE A 1 110 ? -6.653  -0.729  4.883   1.00 27.87 ? 110 ILE X N     1 
ATOM   886  C CA    . ILE A 1 110 ? -5.547  -0.843  5.822   1.00 26.67 ? 110 ILE X CA    1 
ATOM   887  C C     . ILE A 1 110 ? -5.586  -2.227  6.464   1.00 28.41 ? 110 ILE X C     1 
ATOM   888  O O     . ILE A 1 110 ? -6.649  -2.681  6.893   1.00 27.36 ? 110 ILE X O     1 
ATOM   889  C CB    . ILE A 1 110 ? -5.629  0.270   6.877   1.00 18.47 ? 110 ILE X CB    1 
ATOM   890  C CG1   . ILE A 1 110 ? -5.479  1.635   6.197   1.00 24.56 ? 110 ILE X CG1   1 
ATOM   891  C CG2   . ILE A 1 110 ? -4.599  0.032   7.969   1.00 19.15 ? 110 ILE X CG2   1 
ATOM   892  C CD1   . ILE A 1 110 ? -5.722  2.825   7.116   1.00 30.36 ? 110 ILE X CD1   1 
ATOM   893  N N     . THR A 1 111 ? -4.441  -2.910  6.492   1.00 24.18 ? 111 THR X N     1 
ATOM   894  C CA    . THR A 1 111 ? -4.238  -4.079  7.345   1.00 21.39 ? 111 THR X CA    1 
ATOM   895  C C     . THR A 1 111 ? -3.487  -3.607  8.592   1.00 28.11 ? 111 THR X C     1 
ATOM   896  O O     . THR A 1 111 ? -2.334  -3.168  8.504   1.00 27.66 ? 111 THR X O     1 
ATOM   897  C CB    . THR A 1 111 ? -3.463  -5.167  6.607   1.00 21.99 ? 111 THR X CB    1 
ATOM   898  O OG1   . THR A 1 111 ? -4.216  -5.584  5.469   1.00 24.37 ? 111 THR X OG1   1 
ATOM   899  C CG2   . THR A 1 111 ? -3.194  -6.370  7.509   1.00 21.94 ? 111 THR X CG2   1 
ATOM   900  N N     . VAL A 1 112 ? -4.151  -3.656  9.745   1.00 22.71 ? 112 VAL X N     1 
ATOM   901  C CA    . VAL A 1 112 ? -3.531  -3.283  11.007  1.00 19.07 ? 112 VAL X CA    1 
ATOM   902  C C     . VAL A 1 112 ? -2.862  -4.516  11.598  1.00 29.73 ? 112 VAL X C     1 
ATOM   903  O O     . VAL A 1 112 ? -3.542  -5.475  11.978  1.00 26.58 ? 112 VAL X O     1 
ATOM   904  C CB    . VAL A 1 112 ? -4.558  -2.720  11.986  1.00 22.97 ? 112 VAL X CB    1 
ATOM   905  C CG1   . VAL A 1 112 ? -3.830  -2.270  13.237  1.00 22.92 ? 112 VAL X CG1   1 
ATOM   906  C CG2   . VAL A 1 112 ? -5.318  -1.600  11.336  1.00 23.77 ? 112 VAL X CG2   1 
ATOM   907  N N     . ILE A 1 113 ? -1.537  -4.487  11.702  1.00 26.74 ? 113 ILE X N     1 
ATOM   908  C CA    . ILE A 1 113 ? -0.793  -5.550  12.369  1.00 29.53 ? 113 ILE X CA    1 
ATOM   909  C C     . ILE A 1 113 ? -0.766  -5.217  13.853  1.00 28.54 ? 113 ILE X C     1 
ATOM   910  O O     . ILE A 1 113 ? -0.207  -4.193  14.242  1.00 29.21 ? 113 ILE X O     1 
ATOM   911  C CB    . ILE A 1 113 ? 0.638   -5.669  11.823  1.00 30.45 ? 113 ILE X CB    1 
ATOM   912  C CG1   . ILE A 1 113 ? 0.697   -5.505  10.293  1.00 34.05 ? 113 ILE X CG1   1 
ATOM   913  C CG2   . ILE A 1 113 ? 1.256   -6.941  12.285  1.00 23.63 ? 113 ILE X CG2   1 
ATOM   914  C CD1   . ILE A 1 113 ? -0.023  -6.560  9.537   1.00 29.32 ? 113 ILE X CD1   1 
ATOM   915  N N     . GLU A 1 114 ? -1.343  -6.083  14.687  1.00 30.36 ? 114 GLU X N     1 
ATOM   916  C CA    . GLU A 1 114 ? -1.476  -5.810  16.122  1.00 30.59 ? 114 GLU X CA    1 
ATOM   917  C C     . GLU A 1 114 ? -0.171  -6.127  16.854  1.00 29.94 ? 114 GLU X C     1 
ATOM   918  O O     . GLU A 1 114 ? -0.120  -6.945  17.782  1.00 25.14 ? 114 GLU X O     1 
ATOM   919  C CB    . GLU A 1 114 ? -2.634  -6.607  16.711  1.00 32.44 ? 114 GLU X CB    1 
ATOM   920  C CG    . GLU A 1 114 ? -3.904  -6.615  15.872  1.00 33.26 ? 114 GLU X CG    1 
ATOM   921  C CD    . GLU A 1 114 ? -4.687  -5.317  15.967  1.00 45.46 ? 114 GLU X CD    1 
ATOM   922  O OE1   . GLU A 1 114 ? -4.458  -4.538  16.930  1.00 41.17 ? 114 GLU X OE1   1 
ATOM   923  O OE2   . GLU A 1 114 ? -5.550  -5.090  15.081  1.00 45.67 ? 114 GLU X OE2   1 
ATOM   924  N N     . GLY A 1 115 ? 0.896   -5.457  16.400  1.00 22.71 ? 115 GLY X N     1 
ATOM   925  C CA    . GLY A 1 115 ? 2.244   -5.674  16.893  1.00 23.03 ? 115 GLY X CA    1 
ATOM   926  C C     . GLY A 1 115 ? 2.989   -4.354  16.902  1.00 28.83 ? 115 GLY X C     1 
ATOM   927  O O     . GLY A 1 115 ? 2.546   -3.374  16.297  1.00 29.15 ? 115 GLY X O     1 
ATOM   928  N N     . LYS A 1 116 ? 4.122   -4.330  17.616  1.00 28.82 ? 116 LYS X N     1 
ATOM   929  C CA    . LYS A 1 116 ? 5.007   -3.158  17.687  1.00 29.42 ? 116 LYS X CA    1 
ATOM   930  C C     . LYS A 1 116 ? 6.369   -3.555  17.123  1.00 23.86 ? 116 LYS X C     1 
ATOM   931  O O     . LYS A 1 116 ? 7.190   -4.165  17.815  1.00 23.08 ? 116 LYS X O     1 
ATOM   932  C CB    . LYS A 1 116 ? 5.142   -2.641  19.116  1.00 28.43 ? 116 LYS X CB    1 
ATOM   933  C CG    . LYS A 1 116 ? 3.895   -1.952  19.650  1.00 33.62 ? 116 LYS X CG    1 
ATOM   934  C CD    . LYS A 1 116 ? 4.130   -1.332  21.019  1.00 37.25 ? 116 LYS X CD    1 
ATOM   935  C CE    . LYS A 1 116 ? 3.012   -0.324  21.361  1.00 42.00 ? 116 LYS X CE    1 
ATOM   936  N NZ    . LYS A 1 116 ? 3.208   0.305   22.694  1.00 43.56 ? 116 LYS X NZ    1 
ATOM   937  N N     . PHE A 1 117 ? 6.627   -3.204  15.878  1.00 22.37 ? 117 PHE X N     1 
ATOM   938  C CA    . PHE A 1 117 ? 7.870   -3.601  15.243  1.00 30.18 ? 117 PHE X CA    1 
ATOM   939  C C     . PHE A 1 117 ? 8.849   -2.444  15.210  1.00 31.62 ? 117 PHE X C     1 
ATOM   940  O O     . PHE A 1 117 ? 8.480   -1.273  15.331  1.00 24.94 ? 117 PHE X O     1 
ATOM   941  C CB    . PHE A 1 117 ? 7.617   -4.090  13.824  1.00 26.41 ? 117 PHE X CB    1 
ATOM   942  C CG    . PHE A 1 117 ? 6.848   -5.352  13.767  1.00 28.92 ? 117 PHE X CG    1 
ATOM   943  C CD1   . PHE A 1 117 ? 7.485   -6.538  13.439  1.00 31.01 ? 117 PHE X CD1   1 
ATOM   944  C CD2   . PHE A 1 117 ? 5.487   -5.367  14.039  1.00 25.15 ? 117 PHE X CD2   1 
ATOM   945  C CE1   . PHE A 1 117 ? 6.782   -7.718  13.373  1.00 32.70 ? 117 PHE X CE1   1 
ATOM   946  C CE2   . PHE A 1 117 ? 4.783   -6.537  13.971  1.00 27.51 ? 117 PHE X CE2   1 
ATOM   947  C CZ    . PHE A 1 117 ? 5.440   -7.714  13.632  1.00 26.12 ? 117 PHE X CZ    1 
ATOM   948  N N     . ARG A 1 118 ? 10.111  -2.784  15.037  1.00 28.68 ? 118 ARG X N     1 
ATOM   949  C CA    . ARG A 1 118 ? 11.085  -1.757  14.719  1.00 33.16 ? 118 ARG X CA    1 
ATOM   950  C C     . ARG A 1 118 ? 10.931  -1.332  13.261  1.00 31.00 ? 118 ARG X C     1 
ATOM   951  O O     . ARG A 1 118 ? 10.848  -2.176  12.358  1.00 27.14 ? 118 ARG X O     1 
ATOM   952  C CB    . ARG A 1 118 ? 12.484  -2.272  14.992  1.00 30.22 ? 118 ARG X CB    1 
ATOM   953  C CG    . ARG A 1 118 ? 13.461  -1.721  14.034  1.00 44.78 ? 118 ARG X CG    1 
ATOM   954  C CD    . ARG A 1 118 ? 14.778  -2.354  14.287  1.00 48.64 ? 118 ARG X CD    1 
ATOM   955  N NE    . ARG A 1 118 ? 15.399  -1.532  15.303  1.00 54.75 ? 118 ARG X NE    1 
ATOM   956  C CZ    . ARG A 1 118 ? 15.596  -1.985  16.524  1.00 63.08 ? 118 ARG X CZ    1 
ATOM   957  N NH1   . ARG A 1 118 ? 15.231  -3.246  16.806  1.00 56.18 ? 118 ARG X NH1   1 
ATOM   958  N NH2   . ARG A 1 118 ? 16.126  -1.183  17.429  1.00 64.30 ? 118 ARG X NH2   1 
ATOM   959  N N     . GLY A 1 119 ? 10.884  -0.026  13.020  1.00 21.79 ? 119 GLY X N     1 
ATOM   960  C CA    . GLY A 1 119 ? 10.655  0.465   11.676  1.00 25.80 ? 119 GLY X CA    1 
ATOM   961  C C     . GLY A 1 119 ? 11.491  1.688   11.363  1.00 20.22 ? 119 GLY X C     1 
ATOM   962  O O     . GLY A 1 119 ? 12.064  2.324   12.243  1.00 18.31 ? 119 GLY X O     1 
ATOM   963  N N     . ASP A 1 120 ? 11.568  1.997   10.074  1.00 18.08 ? 120 ASP X N     1 
ATOM   964  C CA    . ASP A 1 120 ? 12.155  3.257   9.641   1.00 23.38 ? 120 ASP X CA    1 
ATOM   965  C C     . ASP A 1 120 ? 11.293  3.914   8.577   1.00 20.78 ? 120 ASP X C     1 
ATOM   966  O O     . ASP A 1 120 ? 11.691  4.920   8.008   1.00 21.67 ? 120 ASP X O     1 
ATOM   967  C CB    . ASP A 1 120 ? 13.607  3.079   9.153   1.00 22.57 ? 120 ASP X CB    1 
ATOM   968  C CG    . ASP A 1 120 ? 13.755  2.069   8.014   1.00 31.29 ? 120 ASP X CG    1 
ATOM   969  O OD1   . ASP A 1 120 ? 14.893  1.572   7.792   1.00 32.72 ? 120 ASP X OD1   1 
ATOM   970  O OD2   . ASP A 1 120 ? 12.750  1.761   7.342   1.00 30.66 ? 120 ASP X OD2   1 
ATOM   971  N N     . THR A 1 121 ? 10.101  3.394   8.341   1.00 24.50 ? 121 THR X N     1 
ATOM   972  C CA    . THR A 1 121 ? 9.203   3.894   7.315   1.00 26.47 ? 121 THR X CA    1 
ATOM   973  C C     . THR A 1 121 ? 7.797   3.815   7.883   1.00 24.27 ? 121 THR X C     1 
ATOM   974  O O     . THR A 1 121 ? 7.399   2.764   8.398   1.00 23.22 ? 121 THR X O     1 
ATOM   975  C CB    . THR A 1 121 ? 9.329   3.055   6.040   1.00 23.34 ? 121 THR X CB    1 
ATOM   976  O OG1   . THR A 1 121 ? 10.717  2.880   5.748   1.00 27.39 ? 121 THR X OG1   1 
ATOM   977  C CG2   . THR A 1 121 ? 8.662   3.750   4.887   1.00 19.40 ? 121 THR X CG2   1 
ATOM   978  N N     . PHE A 1 122 ? 7.059   4.923   7.820   1.00 22.83 ? 122 PHE X N     1 
ATOM   979  C CA    . PHE A 1 122 ? 5.809   5.051   8.563   1.00 24.91 ? 122 PHE X CA    1 
ATOM   980  C C     . PHE A 1 122 ? 4.680   5.544   7.678   1.00 27.75 ? 122 PHE X C     1 
ATOM   981  O O     . PHE A 1 122 ? 4.881   6.393   6.800   1.00 23.40 ? 122 PHE X O     1 
ATOM   982  C CB    . PHE A 1 122 ? 5.928   6.035   9.728   1.00 23.01 ? 122 PHE X CB    1 
ATOM   983  C CG    . PHE A 1 122 ? 6.690   5.504   10.883  1.00 26.14 ? 122 PHE X CG    1 
ATOM   984  C CD1   . PHE A 1 122 ? 6.016   5.071   12.024  1.00 23.84 ? 122 PHE X CD1   1 
ATOM   985  C CD2   . PHE A 1 122 ? 8.089   5.445   10.844  1.00 21.33 ? 122 PHE X CD2   1 
ATOM   986  C CE1   . PHE A 1 122 ? 6.709   4.565   13.123  1.00 21.50 ? 122 PHE X CE1   1 
ATOM   987  C CE2   . PHE A 1 122 ? 8.792   4.950   11.934  1.00 23.87 ? 122 PHE X CE2   1 
ATOM   988  C CZ    . PHE A 1 122 ? 8.095   4.499   13.083  1.00 26.59 ? 122 PHE X CZ    1 
ATOM   989  N N     . PHE A 1 123 ? 3.506   5.041   7.945   1.00 23.97 ? 123 PHE X N     1 
ATOM   990  C CA    . PHE A 1 123 ? 2.294   5.564   7.351   1.00 23.91 ? 123 PHE X CA    1 
ATOM   991  C C     . PHE A 1 123 ? 1.917   6.880   8.030   1.00 22.90 ? 123 PHE X C     1 
ATOM   992  O O     . PHE A 1 123 ? 2.216   7.074   9.210   1.00 25.17 ? 123 PHE X O     1 
ATOM   993  C CB    . PHE A 1 123 ? 1.169   4.542   7.510   1.00 23.24 ? 123 PHE X CB    1 
ATOM   994  C CG    . PHE A 1 123 ? -0.024  4.838   6.681   1.00 24.11 ? 123 PHE X CG    1 
ATOM   995  C CD1   . PHE A 1 123 ? -0.010  4.595   5.314   1.00 24.72 ? 123 PHE X CD1   1 
ATOM   996  C CD2   . PHE A 1 123 ? -1.159  5.371   7.254   1.00 21.27 ? 123 PHE X CD2   1 
ATOM   997  C CE1   . PHE A 1 123 ? -1.116  4.883   4.528   1.00 24.81 ? 123 PHE X CE1   1 
ATOM   998  C CE2   . PHE A 1 123 ? -2.276  5.660   6.473   1.00 23.20 ? 123 PHE X CE2   1 
ATOM   999  C CZ    . PHE A 1 123 ? -2.254  5.418   5.118   1.00 26.50 ? 123 PHE X CZ    1 
ATOM   1000 N N     . PRO A 1 124 ? 1.273   7.800   7.315   1.00 23.80 ? 124 PRO X N     1 
ATOM   1001 C CA    . PRO A 1 124 ? 0.930   9.083   7.924   1.00 20.65 ? 124 PRO X CA    1 
ATOM   1002 C C     . PRO A 1 124 ? -0.058  8.896   9.059   1.00 27.96 ? 124 PRO X C     1 
ATOM   1003 O O     . PRO A 1 124 ? -0.888  7.971   9.038   1.00 31.53 ? 124 PRO X O     1 
ATOM   1004 C CB    . PRO A 1 124 ? 0.302   9.871   6.764   1.00 23.78 ? 124 PRO X CB    1 
ATOM   1005 C CG    . PRO A 1 124 ? 0.892   9.273   5.527   1.00 25.17 ? 124 PRO X CG    1 
ATOM   1006 C CD    . PRO A 1 124 ? 1.052   7.809   5.854   1.00 24.78 ? 124 PRO X CD    1 
ATOM   1007 N N     . PRO A 1 125 ? -0.020  9.764   10.059  1.00 27.56 ? 125 PRO X N     1 
ATOM   1008 C CA    . PRO A 1 125 ? -1.083  9.763   11.064  1.00 27.01 ? 125 PRO X CA    1 
ATOM   1009 C C     . PRO A 1 125 ? -2.422  10.119  10.430  1.00 30.59 ? 125 PRO X C     1 
ATOM   1010 O O     . PRO A 1 125 ? -2.493  10.899  9.479   1.00 29.35 ? 125 PRO X O     1 
ATOM   1011 C CB    . PRO A 1 125 ? -0.632  10.836  12.061  1.00 31.04 ? 125 PRO X CB    1 
ATOM   1012 C CG    . PRO A 1 125 ? 0.829   11.142  11.690  1.00 28.98 ? 125 PRO X CG    1 
ATOM   1013 C CD    . PRO A 1 125 ? 0.928   10.877  10.240  1.00 27.54 ? 125 PRO X CD    1 
ATOM   1014 N N     . TYR A 1 126 ? -3.487  9.514   10.957  1.00 28.50 ? 126 TYR X N     1 
ATOM   1015 C CA    . TYR A 1 126 ? -4.848  9.762   10.500  1.00 33.37 ? 126 TYR X CA    1 
ATOM   1016 C C     . TYR A 1 126 ? -5.785  9.580   11.682  1.00 34.78 ? 126 TYR X C     1 
ATOM   1017 O O     . TYR A 1 126 ? -5.456  8.900   12.654  1.00 34.04 ? 126 TYR X O     1 
ATOM   1018 C CB    . TYR A 1 126 ? -5.260  8.829   9.354   1.00 26.93 ? 126 TYR X CB    1 
ATOM   1019 C CG    . TYR A 1 126 ? -5.223  7.336   9.679   1.00 32.71 ? 126 TYR X CG    1 
ATOM   1020 C CD1   . TYR A 1 126 ? -6.386  6.650   10.030  1.00 32.89 ? 126 TYR X CD1   1 
ATOM   1021 C CD2   . TYR A 1 126 ? -4.028  6.605   9.604   1.00 29.53 ? 126 TYR X CD2   1 
ATOM   1022 C CE1   . TYR A 1 126 ? -6.363  5.282   10.321  1.00 29.15 ? 126 TYR X CE1   1 
ATOM   1023 C CE2   . TYR A 1 126 ? -3.993  5.237   9.888   1.00 27.87 ? 126 TYR X CE2   1 
ATOM   1024 C CZ    . TYR A 1 126 ? -5.164  4.582   10.240  1.00 35.45 ? 126 TYR X CZ    1 
ATOM   1025 O OH    . TYR A 1 126 ? -5.150  3.234   10.523  1.00 35.53 ? 126 TYR X OH    1 
ATOM   1026 N N     . THR A 1 127 ? -6.965  10.180  11.591  1.00 33.40 ? 127 THR X N     1 
ATOM   1027 C CA    . THR A 1 127 ? -7.922  10.107  12.686  1.00 40.07 ? 127 THR X CA    1 
ATOM   1028 C C     . THR A 1 127 ? -9.286  9.634   12.196  1.00 38.53 ? 127 THR X C     1 
ATOM   1029 O O     . THR A 1 127 ? -9.745  10.031  11.121  1.00 43.12 ? 127 THR X O     1 
ATOM   1030 C CB    . THR A 1 127 ? -8.051  11.465  13.385  1.00 39.63 ? 127 THR X CB    1 
ATOM   1031 O OG1   . THR A 1 127 ? -9.190  11.427  14.241  1.00 48.84 ? 127 THR X OG1   1 
ATOM   1032 C CG2   . THR A 1 127 ? -8.202  12.614  12.357  1.00 37.43 ? 127 THR X CG2   1 
ATOM   1033 N N     . PHE A 1 128 ? -9.945  8.792   12.995  1.00 47.88 ? 128 PHE X N     1 
ATOM   1034 C CA    . PHE A 1 128 ? -11.247 8.262   12.599  1.00 43.33 ? 128 PHE X CA    1 
ATOM   1035 C C     . PHE A 1 128 ? -12.354 9.308   12.580  1.00 47.03 ? 128 PHE X C     1 
ATOM   1036 O O     . PHE A 1 128 ? -13.467 8.987   12.156  1.00 54.34 ? 128 PHE X O     1 
ATOM   1037 C CB    . PHE A 1 128 ? -11.655 7.127   13.524  1.00 46.78 ? 128 PHE X CB    1 
ATOM   1038 C CG    . PHE A 1 128 ? -10.814 5.919   13.374  1.00 50.76 ? 128 PHE X CG    1 
ATOM   1039 C CD1   . PHE A 1 128 ? -10.911 5.141   12.239  1.00 46.47 ? 128 PHE X CD1   1 
ATOM   1040 C CD2   . PHE A 1 128 ? -9.896  5.569   14.353  1.00 53.85 ? 128 PHE X CD2   1 
ATOM   1041 C CE1   . PHE A 1 128 ? -10.124 4.032   12.091  1.00 46.56 ? 128 PHE X CE1   1 
ATOM   1042 C CE2   . PHE A 1 128 ? -9.100  4.456   14.207  1.00 42.54 ? 128 PHE X CE2   1 
ATOM   1043 C CZ    . PHE A 1 128 ? -9.212  3.691   13.079  1.00 46.56 ? 128 PHE X CZ    1 
ATOM   1044 N N     . GLU A 1 129 ? -12.101 10.534  13.036  1.00 47.53 ? 129 GLU X N     1 
ATOM   1045 C CA    . GLU A 1 129 ? -13.080 11.595  12.810  1.00 52.85 ? 129 GLU X CA    1 
ATOM   1046 C C     . GLU A 1 129 ? -13.269 11.866  11.320  1.00 56.64 ? 129 GLU X C     1 
ATOM   1047 O O     . GLU A 1 129 ? -14.327 12.358  10.911  1.00 65.65 ? 129 GLU X O     1 
ATOM   1048 C CB    . GLU A 1 129 ? -12.662 12.903  13.503  1.00 58.60 ? 129 GLU X CB    1 
ATOM   1049 C CG    . GLU A 1 129 ? -12.535 12.882  15.030  1.00 64.89 ? 129 GLU X CG    1 
ATOM   1050 C CD    . GLU A 1 129 ? -11.700 14.065  15.550  1.00 71.61 ? 129 GLU X CD    1 
ATOM   1051 O OE1   . GLU A 1 129 ? -12.099 15.235  15.318  1.00 72.22 ? 129 GLU X OE1   1 
ATOM   1052 O OE2   . GLU A 1 129 ? -10.632 13.816  16.165  1.00 60.35 ? 129 GLU X OE2   1 
ATOM   1053 N N     . ASP A 1 130 ? -12.254 11.580  10.496  1.00 43.72 ? 130 ASP X N     1 
ATOM   1054 C CA    . ASP A 1 130 ? -12.323 11.843  9.064   1.00 42.33 ? 130 ASP X CA    1 
ATOM   1055 C C     . ASP A 1 130 ? -12.670 10.609  8.239   1.00 43.48 ? 130 ASP X C     1 
ATOM   1056 O O     . ASP A 1 130 ? -12.928 10.745  7.035   1.00 46.76 ? 130 ASP X O     1 
ATOM   1057 C CB    . ASP A 1 130 ? -10.990 12.426  8.562   1.00 45.95 ? 130 ASP X CB    1 
ATOM   1058 C CG    . ASP A 1 130 ? -10.457 13.530  9.463   1.00 46.95 ? 130 ASP X CG    1 
ATOM   1059 O OD1   . ASP A 1 130 ? -9.239  13.828  9.414   1.00 47.15 ? 130 ASP X OD1   1 
ATOM   1060 O OD2   . ASP A 1 130 ? -11.266 14.093  10.224  1.00 43.17 ? 130 ASP X OD2   1 
ATOM   1061 N N     . TRP A 1 131 ? -12.686 9.420   8.844   1.00 38.40 ? 131 TRP X N     1 
ATOM   1062 C CA    . TRP A 1 131 ? -12.850 8.163   8.115   1.00 39.54 ? 131 TRP X CA    1 
ATOM   1063 C C     . TRP A 1 131 ? -13.931 7.341   8.776   1.00 35.46 ? 131 TRP X C     1 
ATOM   1064 O O     . TRP A 1 131 ? -13.817 7.021   9.960   1.00 41.71 ? 131 TRP X O     1 
ATOM   1065 C CB    . TRP A 1 131 ? -11.549 7.356   8.098   1.00 34.33 ? 131 TRP X CB    1 
ATOM   1066 C CG    . TRP A 1 131 ? -10.449 8.132   7.514   1.00 35.87 ? 131 TRP X CG    1 
ATOM   1067 C CD1   . TRP A 1 131 ? -9.558  8.931   8.175   1.00 34.75 ? 131 TRP X CD1   1 
ATOM   1068 C CD2   . TRP A 1 131 ? -10.128 8.222   6.130   1.00 32.47 ? 131 TRP X CD2   1 
ATOM   1069 N NE1   . TRP A 1 131 ? -8.694  9.500   7.285   1.00 34.20 ? 131 TRP X NE1   1 
ATOM   1070 C CE2   . TRP A 1 131 ? -9.025  9.090   6.018   1.00 31.30 ? 131 TRP X CE2   1 
ATOM   1071 C CE3   . TRP A 1 131 ? -10.667 7.642   4.964   1.00 32.14 ? 131 TRP X CE3   1 
ATOM   1072 C CZ2   . TRP A 1 131 ? -8.442  9.400   4.789   1.00 34.09 ? 131 TRP X CZ2   1 
ATOM   1073 C CZ3   . TRP A 1 131 ? -10.089 7.946   3.739   1.00 31.41 ? 131 TRP X CZ3   1 
ATOM   1074 C CH2   . TRP A 1 131 ? -8.986  8.818   3.662   1.00 38.28 ? 131 TRP X CH2   1 
ATOM   1075 N N     . GLU A 1 132 ? -14.966 6.985   8.020   1.00 36.59 ? 132 GLU X N     1 
ATOM   1076 C CA    . GLU A 1 132 ? -15.921 6.009   8.520   1.00 32.51 ? 132 GLU X CA    1 
ATOM   1077 C C     . GLU A 1 132 ? -15.420 4.604   8.215   1.00 35.17 ? 132 GLU X C     1 
ATOM   1078 O O     . GLU A 1 132 ? -14.733 4.365   7.212   1.00 30.81 ? 132 GLU X O     1 
ATOM   1079 C CB    . GLU A 1 132 ? -17.313 6.204   7.919   1.00 40.71 ? 132 GLU X CB    1 
ATOM   1080 C CG    . GLU A 1 132 ? -18.445 5.601   8.792   1.00 50.21 ? 132 GLU X CG    1 
ATOM   1081 C CD    . GLU A 1 132 ? -19.730 5.314   8.008   1.00 53.27 ? 132 GLU X CD    1 
ATOM   1082 O OE1   . GLU A 1 132 ? -19.854 5.803   6.863   1.00 57.31 ? 132 GLU X OE1   1 
ATOM   1083 O OE2   . GLU A 1 132 ? -20.609 4.579   8.526   1.00 58.32 ? 132 GLU X OE2   1 
ATOM   1084 N N     . VAL A 1 133 ? -15.783 3.676   9.095   1.00 28.68 ? 133 VAL X N     1 
ATOM   1085 C CA    . VAL A 1 133 ? -15.351 2.290   9.025   1.00 25.63 ? 133 VAL X CA    1 
ATOM   1086 C C     . VAL A 1 133 ? -16.378 1.519   8.193   1.00 27.58 ? 133 VAL X C     1 
ATOM   1087 O O     . VAL A 1 133 ? -17.456 1.172   8.679   1.00 27.28 ? 133 VAL X O     1 
ATOM   1088 C CB    . VAL A 1 133 ? -15.194 1.709   10.429  1.00 30.91 ? 133 VAL X CB    1 
ATOM   1089 C CG1   . VAL A 1 133 ? -14.883 0.232   10.360  1.00 26.84 ? 133 VAL X CG1   1 
ATOM   1090 C CG2   . VAL A 1 133 ? -14.122 2.508   11.216  1.00 21.93 ? 133 VAL X CG2   1 
ATOM   1091 N N     . ALA A 1 134 ? -16.058 1.263   6.921   1.00 23.28 ? 134 ALA X N     1 
ATOM   1092 C CA    . ALA A 1 134 ? -16.959 0.467   6.087   1.00 26.40 ? 134 ALA X CA    1 
ATOM   1093 C C     . ALA A 1 134 ? -16.986 -0.986  6.535   1.00 27.39 ? 134 ALA X C     1 
ATOM   1094 O O     . ALA A 1 134 ? -18.038 -1.643  6.508   1.00 31.63 ? 134 ALA X O     1 
ATOM   1095 C CB    . ALA A 1 134 ? -16.542 0.553   4.617   1.00 23.76 ? 134 ALA X CB    1 
ATOM   1096 N N     . SER A 1 135 ? -15.832 -1.514  6.927   1.00 33.06 ? 135 SER X N     1 
ATOM   1097 C CA    . SER A 1 135 ? -15.722 -2.896  7.356   1.00 29.29 ? 135 SER X CA    1 
ATOM   1098 C C     . SER A 1 135 ? -14.467 -3.045  8.201   1.00 30.37 ? 135 SER X C     1 
ATOM   1099 O O     . SER A 1 135 ? -13.514 -2.273  8.078   1.00 25.88 ? 135 SER X O     1 
ATOM   1100 C CB    . SER A 1 135 ? -15.689 -3.849  6.167   1.00 25.12 ? 135 SER X CB    1 
ATOM   1101 O OG    . SER A 1 135 ? -14.730 -3.427  5.232   1.00 27.16 ? 135 SER X OG    1 
ATOM   1102 N N     . SER A 1 136 ? -14.510 -4.031  9.088   1.00 29.80 ? 136 SER X N     1 
ATOM   1103 C CA    . SER A 1 136 ? -13.426 -4.335  10.012  1.00 25.30 ? 136 SER X CA    1 
ATOM   1104 C C     . SER A 1 136 ? -13.493 -5.839  10.241  1.00 33.03 ? 136 SER X C     1 
ATOM   1105 O O     . SER A 1 136 ? -14.435 -6.324  10.871  1.00 27.55 ? 136 SER X O     1 
ATOM   1106 C CB    . SER A 1 136 ? -13.586 -3.556  11.312  1.00 26.39 ? 136 SER X CB    1 
ATOM   1107 O OG    . SER A 1 136 ? -12.492 -3.799  12.173  1.00 27.86 ? 136 SER X OG    1 
ATOM   1108 N N     . VAL A 1 137 ? -12.542 -6.579  9.674   1.00 28.74 ? 137 VAL X N     1 
ATOM   1109 C CA    . VAL A 1 137 ? -12.574 -8.035  9.643   1.00 27.23 ? 137 VAL X CA    1 
ATOM   1110 C C     . VAL A 1 137 ? -11.277 -8.539  10.250  1.00 31.79 ? 137 VAL X C     1 
ATOM   1111 O O     . VAL A 1 137 ? -10.188 -8.235  9.742   1.00 30.77 ? 137 VAL X O     1 
ATOM   1112 C CB    . VAL A 1 137 ? -12.738 -8.568  8.214   1.00 25.26 ? 137 VAL X CB    1 
ATOM   1113 C CG1   . VAL A 1 137 ? -12.631 -10.076 8.215   1.00 24.54 ? 137 VAL X CG1   1 
ATOM   1114 C CG2   . VAL A 1 137 ? -14.044 -8.103  7.610   1.00 23.28 ? 137 VAL X CG2   1 
ATOM   1115 N N     . GLU A 1 138 ? -11.387 -9.309  11.324  1.00 33.87 ? 138 GLU X N     1 
ATOM   1116 C CA    . GLU A 1 138 ? -10.205 -9.887  11.945  1.00 29.34 ? 138 GLU X CA    1 
ATOM   1117 C C     . GLU A 1 138 ? -9.601  -10.969 11.071  1.00 31.11 ? 138 GLU X C     1 
ATOM   1118 O O     . GLU A 1 138 ? -10.311 -11.772 10.460  1.00 39.93 ? 138 GLU X O     1 
ATOM   1119 C CB    . GLU A 1 138 ? -10.556 -10.482 13.284  1.00 31.47 ? 138 GLU X CB    1 
ATOM   1120 C CG    . GLU A 1 138 ? -9.972  -9.788  14.446  1.00 41.55 ? 138 GLU X CG    1 
ATOM   1121 C CD    . GLU A 1 138 ? -10.296 -10.540 15.717  1.00 59.75 ? 138 GLU X CD    1 
ATOM   1122 O OE1   . GLU A 1 138 ? -11.131 -10.025 16.492  1.00 63.06 ? 138 GLU X OE1   1 
ATOM   1123 O OE2   . GLU A 1 138 ? -9.742  -11.653 15.928  1.00 59.14 ? 138 GLU X OE2   1 
ATOM   1124 N N     . GLY A 1 139 ? -8.282  -10.991 11.012  1.00 28.05 ? 139 GLY X N     1 
ATOM   1125 C CA    . GLY A 1 139 ? -7.606  -12.072 10.347  1.00 31.37 ? 139 GLY X CA    1 
ATOM   1126 C C     . GLY A 1 139 ? -7.545  -13.273 11.263  1.00 38.54 ? 139 GLY X C     1 
ATOM   1127 O O     . GLY A 1 139 ? -7.485  -13.140 12.483  1.00 32.97 ? 139 GLY X O     1 
ATOM   1128 N N     . LYS A 1 140 ? -7.600  -14.456 10.664  1.00 39.10 ? 140 LYS X N     1 
ATOM   1129 C CA    . LYS A 1 140 ? -7.539  -15.694 11.429  1.00 38.27 ? 140 LYS X CA    1 
ATOM   1130 C C     . LYS A 1 140 ? -6.083  -16.055 11.684  1.00 36.78 ? 140 LYS X C     1 
ATOM   1131 O O     . LYS A 1 140 ? -5.273  -16.104 10.755  1.00 40.79 ? 140 LYS X O     1 
ATOM   1132 C CB    . LYS A 1 140 ? -8.263  -16.841 10.713  1.00 46.11 ? 140 LYS X CB    1 
ATOM   1133 C CG    . LYS A 1 140 ? -9.673  -17.164 11.291  1.00 52.84 ? 140 LYS X CG    1 
ATOM   1134 C CD    . LYS A 1 140 ? -10.692 -16.045 10.992  1.00 56.01 ? 140 LYS X CD    1 
ATOM   1135 C CE    . LYS A 1 140 ? -12.040 -16.596 10.478  1.00 50.09 ? 140 LYS X CE    1 
ATOM   1136 N NZ    . LYS A 1 140 ? -12.993 -15.512 10.017  1.00 55.88 ? 140 LYS X NZ    1 
ATOM   1137 N N     . LEU A 1 141 ? -5.752  -16.264 12.952  1.00 40.49 ? 141 LEU X N     1 
ATOM   1138 C CA    . LEU A 1 141 ? -4.432  -16.751 13.319  1.00 44.30 ? 141 LEU X CA    1 
ATOM   1139 C C     . LEU A 1 141 ? -4.292  -18.226 12.964  1.00 48.01 ? 141 LEU X C     1 
ATOM   1140 O O     . LEU A 1 141 ? -5.241  -18.999 13.113  1.00 49.01 ? 141 LEU X O     1 
ATOM   1141 C CB    . LEU A 1 141 ? -4.222  -16.584 14.814  1.00 43.53 ? 141 LEU X CB    1 
ATOM   1142 C CG    . LEU A 1 141 ? -3.993  -15.209 15.385  1.00 36.88 ? 141 LEU X CG    1 
ATOM   1143 C CD1   . LEU A 1 141 ? -3.611  -15.392 16.845  1.00 43.74 ? 141 LEU X CD1   1 
ATOM   1144 C CD2   . LEU A 1 141 ? -2.899  -14.569 14.614  1.00 40.95 ? 141 LEU X CD2   1 
ATOM   1145 N N     . ASP A 1 142 ? -3.096  -18.631 12.528  1.00 47.17 ? 142 ASP X N     1 
ATOM   1146 C CA    . ASP A 1 142 ? -2.883  -20.061 12.317  1.00 48.63 ? 142 ASP X CA    1 
ATOM   1147 C C     . ASP A 1 142 ? -1.423  -20.448 12.169  1.00 51.66 ? 142 ASP X C     1 
ATOM   1148 O O     . ASP A 1 142 ? -0.518  -19.716 12.596  1.00 53.69 ? 142 ASP X O     1 
ATOM   1149 C CB    . ASP A 1 142 ? -3.653  -20.558 11.083  1.00 51.92 ? 142 ASP X CB    1 
ATOM   1150 C CG    . ASP A 1 142 ? -3.239  -19.854 9.784   1.00 54.91 ? 142 ASP X CG    1 
ATOM   1151 O OD1   . ASP A 1 142 ? -4.121  -19.638 8.928   1.00 55.60 ? 142 ASP X OD1   1 
ATOM   1152 O OD2   . ASP A 1 142 ? -2.041  -19.539 9.592   1.00 56.27 ? 142 ASP X OD2   1 
ATOM   1153 N N     . GLU A 1 143 ? -1.225  -21.631 11.578  1.00 57.79 ? 143 GLU X N     1 
ATOM   1154 C CA    . GLU A 1 143 ? 0.039   -22.170 11.089  1.00 67.34 ? 143 GLU X CA    1 
ATOM   1155 C C     . GLU A 1 143 ? 1.032   -21.060 10.771  1.00 54.28 ? 143 GLU X C     1 
ATOM   1156 O O     . GLU A 1 143 ? 1.960   -20.795 11.546  1.00 55.58 ? 143 GLU X O     1 
ATOM   1157 C CB    . GLU A 1 143 ? -0.204  -23.007 9.819   1.00 69.00 ? 143 GLU X CB    1 
ATOM   1158 C CG    . GLU A 1 143 ? -1.135  -24.234 9.930   1.00 76.39 ? 143 GLU X CG    1 
ATOM   1159 C CD    . GLU A 1 143 ? -2.298  -24.207 8.905   1.00 78.43 ? 143 GLU X CD    1 
ATOM   1160 O OE1   . GLU A 1 143 ? -2.929  -23.140 8.743   1.00 78.07 ? 143 GLU X OE1   1 
ATOM   1161 O OE2   . GLU A 1 143 ? -2.571  -25.238 8.245   1.00 74.77 ? 143 GLU X OE2   1 
ATOM   1162 N N     . LYS A 1 144 ? 0.790   -20.379 9.645   1.00 59.16 ? 144 LYS X N     1 
ATOM   1163 C CA    . LYS A 1 144 ? 1.734   -19.455 9.025   1.00 61.70 ? 144 LYS X CA    1 
ATOM   1164 C C     . LYS A 1 144 ? 1.412   -17.986 9.269   1.00 56.07 ? 144 LYS X C     1 
ATOM   1165 O O     . LYS A 1 144 ? 2.242   -17.124 8.949   1.00 50.61 ? 144 LYS X O     1 
ATOM   1166 C CB    . LYS A 1 144 ? 1.806   -19.713 7.507   1.00 58.30 ? 144 LYS X CB    1 
ATOM   1167 C CG    . LYS A 1 144 ? 1.678   -21.219 7.109   1.00 67.32 ? 144 LYS X CG    1 
ATOM   1168 C CD    . LYS A 1 144 ? 0.228   -21.642 6.761   1.00 72.45 ? 144 LYS X CD    1 
ATOM   1169 C CE    . LYS A 1 144 ? 0.176   -23.021 6.075   1.00 72.89 ? 144 LYS X CE    1 
ATOM   1170 N NZ    . LYS A 1 144 ? -1.218  -23.450 5.725   1.00 64.90 ? 144 LYS X NZ    1 
ATOM   1171 N N     . ASN A 1 145 ? 0.246   -17.674 9.825   1.00 47.82 ? 145 ASN X N     1 
ATOM   1172 C CA    . ASN A 1 145 ? -0.133  -16.299 10.142  1.00 48.95 ? 145 ASN X CA    1 
ATOM   1173 C C     . ASN A 1 145 ? -0.169  -16.175 11.659  1.00 42.01 ? 145 ASN X C     1 
ATOM   1174 O O     . ASN A 1 145 ? -1.179  -16.467 12.298  1.00 39.81 ? 145 ASN X O     1 
ATOM   1175 C CB    . ASN A 1 145 ? -1.451  -15.954 9.494   1.00 48.64 ? 145 ASN X CB    1 
ATOM   1176 C CG    . ASN A 1 145 ? -1.409  -16.153 7.990   1.00 45.15 ? 145 ASN X CG    1 
ATOM   1177 O OD1   . ASN A 1 145 ? -1.064  -15.235 7.243   1.00 44.57 ? 145 ASN X OD1   1 
ATOM   1178 N ND2   . ASN A 1 145 ? -1.725  -17.358 7.544   1.00 38.85 ? 145 ASN X ND2   1 
ATOM   1179 N N     . THR A 1 146 ? 0.952   -15.724 12.222  1.00 40.11 ? 146 THR X N     1 
ATOM   1180 C CA    . THR A 1 146 ? 1.255   -15.820 13.644  1.00 39.23 ? 146 THR X CA    1 
ATOM   1181 C C     . THR A 1 146 ? 0.987   -14.532 14.413  1.00 42.04 ? 146 THR X C     1 
ATOM   1182 O O     . THR A 1 146 ? 1.121   -14.523 15.645  1.00 34.85 ? 146 THR X O     1 
ATOM   1183 C CB    . THR A 1 146 ? 2.730   -16.224 13.810  1.00 43.04 ? 146 THR X CB    1 
ATOM   1184 O OG1   . THR A 1 146 ? 3.030   -17.257 12.862  1.00 60.74 ? 146 THR X OG1   1 
ATOM   1185 C CG2   . THR A 1 146 ? 3.029   -16.737 15.231  1.00 47.96 ? 146 THR X CG2   1 
ATOM   1186 N N     . ILE A 1 147 ? 0.628   -13.451 13.731  1.00 40.43 ? 147 ILE X N     1 
ATOM   1187 C CA    . ILE A 1 147 ? 0.506   -12.141 14.365  1.00 35.02 ? 147 ILE X CA    1 
ATOM   1188 C C     . ILE A 1 147 ? -0.917  -11.628 14.198  1.00 28.62 ? 147 ILE X C     1 
ATOM   1189 O O     . ILE A 1 147 ? -1.494  -11.758 13.111  1.00 29.77 ? 147 ILE X O     1 
ATOM   1190 C CB    . ILE A 1 147 ? 1.547   -11.168 13.789  1.00 42.10 ? 147 ILE X CB    1 
ATOM   1191 C CG1   . ILE A 1 147 ? 1.564   -9.864  14.577  1.00 36.49 ? 147 ILE X CG1   1 
ATOM   1192 C CG2   . ILE A 1 147 ? 1.357   -10.932 12.300  1.00 37.15 ? 147 ILE X CG2   1 
ATOM   1193 C CD1   . ILE A 1 147 ? 2.950   -9.437  14.836  1.00 47.08 ? 147 ILE X CD1   1 
ATOM   1194 N N     . PRO A 1 148 ? -1.543  -11.064 15.225  1.00 32.19 ? 148 PRO X N     1 
ATOM   1195 C CA    . PRO A 1 148 ? -2.925  -10.622 15.044  1.00 30.99 ? 148 PRO X CA    1 
ATOM   1196 C C     . PRO A 1 148 ? -2.976  -9.457  14.073  1.00 31.20 ? 148 PRO X C     1 
ATOM   1197 O O     . PRO A 1 148 ? -2.095  -8.592  14.053  1.00 33.73 ? 148 PRO X O     1 
ATOM   1198 C CB    . PRO A 1 148 ? -3.368  -10.220 16.456  1.00 28.40 ? 148 PRO X CB    1 
ATOM   1199 C CG    . PRO A 1 148 ? -2.303  -10.784 17.381  1.00 29.63 ? 148 PRO X CG    1 
ATOM   1200 C CD    . PRO A 1 148 ? -1.059  -10.770 16.588  1.00 30.81 ? 148 PRO X CD    1 
ATOM   1201 N N     . HIS A 1 149 ? -3.992  -9.476  13.222  1.00 26.70 ? 149 HIS X N     1 
ATOM   1202 C CA    . HIS A 1 149 ? -4.133  -8.450  12.208  1.00 29.45 ? 149 HIS X CA    1 
ATOM   1203 C C     . HIS A 1 149 ? -5.613  -8.229  11.948  1.00 30.88 ? 149 HIS X C     1 
ATOM   1204 O O     . HIS A 1 149 ? -6.460  -9.053  12.309  1.00 37.51 ? 149 HIS X O     1 
ATOM   1205 C CB    . HIS A 1 149 ? -3.403  -8.825  10.913  1.00 24.86 ? 149 HIS X CB    1 
ATOM   1206 C CG    . HIS A 1 149 ? -3.743  -10.191 10.402  1.00 28.40 ? 149 HIS X CG    1 
ATOM   1207 N ND1   . HIS A 1 149 ? -3.381  -11.344 11.065  1.00 31.88 ? 149 HIS X ND1   1 
ATOM   1208 C CD2   . HIS A 1 149 ? -4.397  -10.589 9.283   1.00 28.05 ? 149 HIS X CD2   1 
ATOM   1209 C CE1   . HIS A 1 149 ? -3.803  -12.394 10.381  1.00 36.01 ? 149 HIS X CE1   1 
ATOM   1210 N NE2   . HIS A 1 149 ? -4.423  -11.962 9.296   1.00 32.69 ? 149 HIS X NE2   1 
ATOM   1211 N N     . THR A 1 150 ? -5.911  -7.098  11.316  1.00 22.49 ? 150 THR X N     1 
ATOM   1212 C CA    . THR A 1 150 ? -7.286  -6.687  11.106  1.00 29.22 ? 150 THR X CA    1 
ATOM   1213 C C     . THR A 1 150 ? -7.407  -5.904  9.811   1.00 29.61 ? 150 THR X C     1 
ATOM   1214 O O     . THR A 1 150 ? -6.675  -4.932  9.582   1.00 27.13 ? 150 THR X O     1 
ATOM   1215 C CB    . THR A 1 150 ? -7.779  -5.856  12.283  1.00 27.18 ? 150 THR X CB    1 
ATOM   1216 O OG1   . THR A 1 150 ? -7.856  -6.715  13.422  1.00 39.78 ? 150 THR X OG1   1 
ATOM   1217 C CG2   . THR A 1 150 ? -9.150  -5.279  11.975  1.00 25.23 ? 150 THR X CG2   1 
ATOM   1218 N N     . PHE A 1 151 ? -8.340  -6.331  8.969   1.00 26.03 ? 151 PHE X N     1 
ATOM   1219 C CA    . PHE A 1 151 ? -8.571  -5.685  7.690   1.00 29.12 ? 151 PHE X CA    1 
ATOM   1220 C C     . PHE A 1 151 ? -9.614  -4.595  7.874   1.00 28.21 ? 151 PHE X C     1 
ATOM   1221 O O     . PHE A 1 151 ? -10.781 -4.879  8.156   1.00 26.38 ? 151 PHE X O     1 
ATOM   1222 C CB    . PHE A 1 151 ? -9.000  -6.709  6.650   1.00 27.67 ? 151 PHE X CB    1 
ATOM   1223 C CG    . PHE A 1 151 ? -7.971  -7.758  6.391   1.00 26.04 ? 151 PHE X CG    1 
ATOM   1224 C CD1   . PHE A 1 151 ? -6.834  -7.459  5.659   1.00 26.38 ? 151 PHE X CD1   1 
ATOM   1225 C CD2   . PHE A 1 151 ? -8.152  -9.054  6.866   1.00 22.44 ? 151 PHE X CD2   1 
ATOM   1226 C CE1   . PHE A 1 151 ? -5.879  -8.455  5.394   1.00 26.46 ? 151 PHE X CE1   1 
ATOM   1227 C CE2   . PHE A 1 151 ? -7.214  -10.056 6.609   1.00 27.55 ? 151 PHE X CE2   1 
ATOM   1228 C CZ    . PHE A 1 151 ? -6.068  -9.757  5.870   1.00 26.74 ? 151 PHE X CZ    1 
ATOM   1229 N N     . LEU A 1 152 ? -9.181  -3.349  7.712   1.00 26.67 ? 152 LEU X N     1 
ATOM   1230 C CA    . LEU A 1 152 ? -10.029 -2.167  7.734   1.00 25.10 ? 152 LEU X CA    1 
ATOM   1231 C C     . LEU A 1 152 ? -10.198 -1.614  6.328   1.00 30.96 ? 152 LEU X C     1 
ATOM   1232 O O     . LEU A 1 152 ? -9.213  -1.430  5.597   1.00 28.81 ? 152 LEU X O     1 
ATOM   1233 C CB    . LEU A 1 152 ? -9.424  -1.062  8.585   1.00 20.93 ? 152 LEU X CB    1 
ATOM   1234 C CG    . LEU A 1 152 ? -9.018  -1.274  10.025  1.00 29.97 ? 152 LEU X CG    1 
ATOM   1235 C CD1   . LEU A 1 152 ? -8.804  0.121   10.581  1.00 34.50 ? 152 LEU X CD1   1 
ATOM   1236 C CD2   . LEU A 1 152 ? -10.088 -2.001  10.803  1.00 21.14 ? 152 LEU X CD2   1 
ATOM   1237 N N     . HIS A 1 153 ? -11.426 -1.316  5.972   1.00 28.25 ? 153 HIS X N     1 
ATOM   1238 C CA    . HIS A 1 153 ? -11.733 -0.519  4.798   1.00 28.77 ? 153 HIS X CA    1 
ATOM   1239 C C     . HIS A 1 153 ? -12.334 0.761   5.346   1.00 26.25 ? 153 HIS X C     1 
ATOM   1240 O O     . HIS A 1 153 ? -13.407 0.718   5.960   1.00 26.13 ? 153 HIS X O     1 
ATOM   1241 C CB    . HIS A 1 153 ? -12.702 -1.252  3.877   1.00 26.06 ? 153 HIS X CB    1 
ATOM   1242 C CG    . HIS A 1 153 ? -13.072 -0.473  2.666   1.00 27.43 ? 153 HIS X CG    1 
ATOM   1243 N ND1   . HIS A 1 153 ? -14.275 -0.640  2.013   1.00 26.82 ? 153 HIS X ND1   1 
ATOM   1244 C CD2   . HIS A 1 153 ? -12.399 0.485   1.987   1.00 26.60 ? 153 HIS X CD2   1 
ATOM   1245 C CE1   . HIS A 1 153 ? -14.330 0.187   0.984   1.00 27.35 ? 153 HIS X CE1   1 
ATOM   1246 N NE2   . HIS A 1 153 ? -13.199 0.873   0.939   1.00 30.16 ? 153 HIS X NE2   1 
ATOM   1247 N N     . LEU A 1 154 ? -11.621 1.870   5.162   1.00 26.20 ? 154 LEU X N     1 
ATOM   1248 C CA    . LEU A 1 154 ? -11.984 3.194   5.668   1.00 30.21 ? 154 LEU X CA    1 
ATOM   1249 C C     . LEU A 1 154 ? -12.394 4.070   4.497   1.00 31.27 ? 154 LEU X C     1 
ATOM   1250 O O     . LEU A 1 154 ? -11.698 4.096   3.476   1.00 31.09 ? 154 LEU X O     1 
ATOM   1251 C CB    . LEU A 1 154 ? -10.808 3.867   6.382   1.00 23.86 ? 154 LEU X CB    1 
ATOM   1252 C CG    . LEU A 1 154 ? -10.380 3.470   7.785   1.00 38.01 ? 154 LEU X CG    1 
ATOM   1253 C CD1   . LEU A 1 154 ? -10.061 2.009   7.817   1.00 41.50 ? 154 LEU X CD1   1 
ATOM   1254 C CD2   . LEU A 1 154 ? -9.169  4.307   8.255   1.00 26.21 ? 154 LEU X CD2   1 
ATOM   1255 N N     . ILE A 1 155 ? -13.489 4.812   4.650   1.00 30.38 ? 155 ILE X N     1 
ATOM   1256 C CA    . ILE A 1 155 ? -13.982 5.689   3.594   1.00 32.17 ? 155 ILE X CA    1 
ATOM   1257 C C     . ILE A 1 155 ? -14.087 7.103   4.141   1.00 30.36 ? 155 ILE X C     1 
ATOM   1258 O O     . ILE A 1 155 ? -14.555 7.307   5.265   1.00 37.11 ? 155 ILE X O     1 
ATOM   1259 C CB    . ILE A 1 155 ? -15.334 5.220   3.029   1.00 35.49 ? 155 ILE X CB    1 
ATOM   1260 C CG1   . ILE A 1 155 ? -15.227 3.779   2.523   1.00 28.66 ? 155 ILE X CG1   1 
ATOM   1261 C CG2   . ILE A 1 155 ? -15.782 6.167   1.902   1.00 42.18 ? 155 ILE X CG2   1 
ATOM   1262 C CD1   . ILE A 1 155 ? -16.495 3.271   1.930   1.00 37.90 ? 155 ILE X CD1   1 
ATOM   1263 N N     . ARG A 1 156 ? -13.643 8.076   3.350   1.00 37.86 ? 156 ARG X N     1 
ATOM   1264 C CA    . ARG A 1 156 ? -13.541 9.443   3.849   1.00 42.18 ? 156 ARG X CA    1 
ATOM   1265 C C     . ARG A 1 156 ? -14.926 10.028  4.076   1.00 38.48 ? 156 ARG X C     1 
ATOM   1266 O O     . ARG A 1 156 ? -15.806 9.896   3.223   1.00 40.20 ? 156 ARG X O     1 
ATOM   1267 C CB    . ARG A 1 156 ? -12.760 10.326  2.876   1.00 40.66 ? 156 ARG X CB    1 
ATOM   1268 C CG    . ARG A 1 156 ? -12.543 11.734  3.429   1.00 45.64 ? 156 ARG X CG    1 
ATOM   1269 C CD    . ARG A 1 156 ? -12.034 12.688  2.374   1.00 40.75 ? 156 ARG X CD    1 
ATOM   1270 N NE    . ARG A 1 156 ? -10.898 12.139  1.644   1.00 43.24 ? 156 ARG X NE    1 
ATOM   1271 C CZ    . ARG A 1 156 ? -9.643  12.145  2.086   1.00 40.28 ? 156 ARG X CZ    1 
ATOM   1272 N NH1   . ARG A 1 156 ? -9.335  12.667  3.275   1.00 28.75 ? 156 ARG X NH1   1 
ATOM   1273 N NH2   . ARG A 1 156 ? -8.692  11.619  1.328   1.00 40.82 ? 156 ARG X NH2   1 
ATOM   1274 N N     . LYS A 1 157 ? -15.112 10.675  5.222   1.00 40.55 ? 157 LYS X N     1 
ATOM   1275 C CA    . LYS A 1 157 ? -16.401 11.274  5.588   1.00 49.69 ? 157 LYS X CA    1 
ATOM   1276 C C     . LYS A 1 157 ? -16.705 12.590  4.824   1.00 58.05 ? 157 LYS X C     1 
ATOM   1277 O O     . LYS A 1 157 ? -17.808 12.797  4.284   1.00 51.96 ? 157 LYS X O     1 
ATOM   1278 C CB    . LYS A 1 157 ? -16.434 11.512  7.102   1.00 44.32 ? 157 LYS X CB    1 
ATOM   1279 C CG    . LYS A 1 157 ? -16.680 10.235  7.940   1.00 46.30 ? 157 LYS X CG    1 
ATOM   1280 C CD    . LYS A 1 157 ? -16.430 10.467  9.441   1.00 38.68 ? 157 LYS X CD    1 
ATOM   1281 C CE    . LYS A 1 157 ? -17.150 9.455   10.305  1.00 40.43 ? 157 LYS X CE    1 
ATOM   1282 N NZ    . LYS A 1 157 ? -16.890 9.751   11.746  1.00 52.45 ? 157 LYS X NZ    1 
ATOM   1283 O OXT   . LYS A 1 157 ? -15.851 13.481  4.708   1.00 63.40 ? 157 LYS X OXT   1 
HETATM 1284 C C1    . GOL B 2 .   ? -3.792  4.450   13.971  1.00 46.83 ? 201 GOL X C1    1 
HETATM 1285 O O1    . GOL B 2 .   ? -5.080  5.024   14.122  1.00 53.13 ? 201 GOL X O1    1 
HETATM 1286 C C2    . GOL B 2 .   ? -2.786  5.585   13.768  1.00 45.84 ? 201 GOL X C2    1 
HETATM 1287 O O2    . GOL B 2 .   ? -1.698  5.471   14.675  1.00 48.31 ? 201 GOL X O2    1 
HETATM 1288 C C3    . GOL B 2 .   ? -3.492  6.925   13.952  1.00 40.98 ? 201 GOL X C3    1 
HETATM 1289 O O3    . GOL B 2 .   ? -2.620  8.007   13.681  1.00 36.19 ? 201 GOL X O3    1 
HETATM 1290 C C4    . G8J C 3 .   ? 1.293   -5.117  1.970   1.00 25.01 ? 202 G8J X C4    1 
HETATM 1291 C C5    . G8J C 3 .   ? 1.643   -3.945  1.301   1.00 27.37 ? 202 G8J X C5    1 
HETATM 1292 C C6    . G8J C 3 .   ? 0.647   -2.988  1.061   1.00 25.78 ? 202 G8J X C6    1 
HETATM 1293 N N1    . G8J C 3 .   ? -0.611  -3.225  1.452   1.00 24.93 ? 202 G8J X N1    1 
HETATM 1294 N N3    . G8J C 3 .   ? 0.021   -5.305  2.341   1.00 22.56 ? 202 G8J X N3    1 
HETATM 1295 C CAJ   . G8J C 3 .   ? 1.860   -7.410  1.587   1.00 31.85 ? 202 G8J X CAJ   1 
HETATM 1296 C CAI   . G8J C 3 .   ? 2.256   -6.077  2.240   1.00 23.23 ? 202 G8J X CAI   1 
HETATM 1297 C C2    . G8J C 3 .   ? -0.919  -4.372  2.097   1.00 29.47 ? 202 G8J X C2    1 
HETATM 1298 N NAG   . G8J C 3 .   ? -2.182  -4.584  2.497   1.00 28.93 ? 202 G8J X NAG   1 
HETATM 1299 N NAH   . G8J C 3 .   ? 0.980   -1.851  0.447   1.00 22.81 ? 202 G8J X NAH   1 
HETATM 1300 C CAK   . G8J C 3 .   ? 3.040   -3.769  0.917   1.00 26.58 ? 202 G8J X CAK   1 
HETATM 1301 C CAL   . G8J C 3 .   ? 4.357   -3.658  0.588   1.00 25.98 ? 202 G8J X CAL   1 
HETATM 1302 C CAM   . G8J C 3 .   ? 5.757   -3.599  0.241   1.00 23.49 ? 202 G8J X CAM   1 
HETATM 1303 C CAZ   . G8J C 3 .   ? 5.907   -2.644  -0.901  1.00 26.85 ? 202 G8J X CAZ   1 
HETATM 1304 C CAN   . G8J C 3 .   ? 6.198   -4.846  -0.239  1.00 31.73 ? 202 G8J X CAN   1 
HETATM 1305 C CAO   . G8J C 3 .   ? 5.335   -5.730  -0.924  1.00 26.14 ? 202 G8J X CAO   1 
HETATM 1306 C CAS   . G8J C 3 .   ? 7.528   -5.211  -0.041  1.00 27.88 ? 202 G8J X CAS   1 
HETATM 1307 O OBA   . G8J C 3 .   ? 8.317   -4.317  0.631   1.00 28.78 ? 202 G8J X OBA   1 
HETATM 1308 C CBB   . G8J C 3 .   ? 9.578   -4.860  1.023   1.00 27.72 ? 202 G8J X CBB   1 
HETATM 1309 C CAR   . G8J C 3 .   ? 7.990   -6.448  -0.502  1.00 31.41 ? 202 G8J X CAR   1 
HETATM 1310 C CAQ   . G8J C 3 .   ? 7.131   -7.314  -1.188  1.00 25.78 ? 202 G8J X CAQ   1 
HETATM 1311 C CAP   . G8J C 3 .   ? 5.793   -6.968  -1.409  1.00 33.90 ? 202 G8J X CAP   1 
HETATM 1312 C CAT   . G8J C 3 .   ? 4.952   -7.862  -2.116  1.00 33.67 ? 202 G8J X CAT   1 
HETATM 1313 C CAU   . G8J C 3 .   ? 5.493   -8.943  -2.809  1.00 40.90 ? 202 G8J X CAU   1 
HETATM 1314 C CAV   . G8J C 3 .   ? 4.667   -9.804  -3.534  1.00 43.03 ? 202 G8J X CAV   1 
HETATM 1315 N NAW   . G8J C 3 .   ? 3.271   -9.614  -3.577  1.00 39.80 ? 202 G8J X NAW   1 
HETATM 1316 C CAX   . G8J C 3 .   ? 2.729   -8.527  -2.899  1.00 38.65 ? 202 G8J X CAX   1 
HETATM 1317 C CAY   . G8J C 3 .   ? 3.575   -7.665  -2.197  1.00 37.52 ? 202 G8J X CAY   1 
HETATM 1318 O "O3'" . XNP D 4 .   ? 13.185  2.768   2.417   1.00 30.24 ? 203 XNP X "O3'" 1 
HETATM 1319 C "C3'" . XNP D 4 .   ? 12.262  2.503   1.375   1.00 31.98 ? 203 XNP X "C3'" 1 
HETATM 1320 C "C2'" . XNP D 4 .   ? 11.311  1.520   1.844   1.00 35.38 ? 203 XNP X "C2'" 1 
HETATM 1321 O "O2'" . XNP D 4 .   ? 11.550  0.139   1.661   1.00 30.05 ? 203 XNP X "O2'" 1 
HETATM 1322 C CAA   . XNP D 4 .   ? 10.234  -0.130  2.337   1.00 29.85 ? 203 XNP X CAA   1 
HETATM 1323 C CAB   . XNP D 4 .   ? 9.578   -1.486  2.284   1.00 33.38 ? 203 XNP X CAB   1 
HETATM 1324 C CAC   . XNP D 4 .   ? 8.231   -1.311  2.972   1.00 26.57 ? 203 XNP X CAC   1 
HETATM 1325 C CAD   . XNP D 4 .   ? 7.463   -0.367  2.261   1.00 26.90 ? 203 XNP X CAD   1 
HETATM 1326 C CBT   . XNP D 4 .   ? 6.080   -0.447  2.182   1.00 29.29 ? 203 XNP X CBT   1 
HETATM 1327 O OBV   . XNP D 4 .   ? 5.467   0.404   1.530   1.00 26.58 ? 203 XNP X OBV   1 
HETATM 1328 N NBU   . XNP D 4 .   ? 5.504   -1.494  2.807   1.00 29.21 ? 203 XNP X NBU   1 
HETATM 1329 C CAE   . XNP D 4 .   ? 8.059   0.656   1.538   1.00 25.80 ? 203 XNP X CAE   1 
HETATM 1330 N NAF   . XNP D 4 .   ? 9.341   0.901   1.761   1.00 33.00 ? 203 XNP X NAF   1 
HETATM 1331 C "C1'" . XNP D 4 .   ? 10.166  1.755   0.924   1.00 30.81 ? 203 XNP X "C1'" 1 
HETATM 1332 O "O4'" . XNP D 4 .   ? 9.919   3.080   1.427   1.00 23.57 ? 203 XNP X "O4'" 1 
HETATM 1333 C "C4'" . XNP D 4 .   ? 11.231  3.658   1.293   1.00 33.30 ? 203 XNP X "C4'" 1 
HETATM 1334 C "C5'" . XNP D 4 .   ? 11.276  4.701   2.386   1.00 29.50 ? 203 XNP X "C5'" 1 
HETATM 1335 O "O5'" . XNP D 4 .   ? 11.296  5.917   1.621   1.00 27.40 ? 203 XNP X "O5'" 1 
HETATM 1336 P PAN   . XNP D 4 .   ? 10.006  6.408   0.734   1.00 25.16 ? 203 XNP X PAN   1 
HETATM 1337 O OBP   . XNP D 4 .   ? 10.478  7.846   0.158   1.00 26.71 ? 203 XNP X OBP   1 
HETATM 1338 O OBO   . XNP D 4 .   ? 8.835   6.478   1.617   1.00 27.22 ? 203 XNP X OBO   1 
HETATM 1339 O OAO   . XNP D 4 .   ? 9.676   5.477   -0.470  1.00 27.06 ? 203 XNP X OAO   1 
HETATM 1340 P PAP   . XNP D 4 .   ? 8.785   5.826   -1.805  1.00 27.68 ? 203 XNP X PAP   1 
HETATM 1341 O OBQ   . XNP D 4 .   ? 7.619   6.799   -1.395  1.00 25.99 ? 203 XNP X OBQ   1 
HETATM 1342 O OBR   . XNP D 4 .   ? 8.275   4.551   -2.393  1.00 28.89 ? 203 XNP X OBR   1 
HETATM 1343 O OAQ   . XNP D 4 .   ? 9.811   6.482   -2.868  1.00 35.97 ? 203 XNP X OAQ   1 
HETATM 1344 C CAR   . XNP D 4 .   ? 10.060  7.887   -3.003  1.00 28.09 ? 203 XNP X CAR   1 
HETATM 1345 C CAS   . XNP D 4 .   ? 10.564  8.117   -4.425  1.00 30.93 ? 203 XNP X CAS   1 
HETATM 1346 O OAW   . XNP D 4 .   ? 9.489   8.207   -5.455  1.00 35.61 ? 203 XNP X OAW   1 
HETATM 1347 C CAT   . XNP D 4 .   ? 11.230  9.503   -4.431  1.00 28.39 ? 203 XNP X CAT   1 
HETATM 1348 O OAZ   . XNP D 4 .   ? 12.602  9.447   -4.070  1.00 29.90 ? 203 XNP X OAZ   1 
HETATM 1349 C CAU   . XNP D 4 .   ? 10.955  9.903   -5.834  1.00 31.07 ? 203 XNP X CAU   1 
HETATM 1350 O OAY   . XNP D 4 .   ? 11.566  8.922   -6.744  1.00 31.12 ? 203 XNP X OAY   1 
HETATM 1351 P PBA   . XNP D 4 .   ? 13.091  9.259   -7.374  1.00 28.81 ? 203 XNP X PBA   1 
HETATM 1352 O OBB   . XNP D 4 .   ? 13.731  8.138   -8.151  1.00 32.43 ? 203 XNP X OBB   1 
HETATM 1353 O OBC   . XNP D 4 .   ? 14.033  9.630   -6.137  1.00 21.02 ? 203 XNP X OBC   1 
HETATM 1354 O OBD   . XNP D 4 .   ? 12.913  10.639  -8.216  1.00 25.69 ? 203 XNP X OBD   1 
HETATM 1355 C CAV   . XNP D 4 .   ? 9.477   9.583   -5.471  1.00 35.54 ? 203 XNP X CAV   1 
HETATM 1356 N NAX   . XNP D 4 .   ? 8.514   10.622  -5.812  1.00 39.09 ? 203 XNP X NAX   1 
HETATM 1357 C CBE   . XNP D 4 .   ? 7.673   10.878  -4.803  1.00 33.56 ? 203 XNP X CBE   1 
HETATM 1358 N NBF   . XNP D 4 .   ? 6.909   11.892  -5.167  1.00 37.44 ? 203 XNP X NBF   1 
HETATM 1359 C CBG   . XNP D 4 .   ? 7.302   12.297  -6.371  1.00 41.43 ? 203 XNP X CBG   1 
HETATM 1360 C CBH   . XNP D 4 .   ? 8.323   11.511  -6.762  1.00 35.49 ? 203 XNP X CBH   1 
HETATM 1361 N NBL   . XNP D 4 .   ? 8.911   11.671  -7.945  1.00 35.69 ? 203 XNP X NBL   1 
HETATM 1362 C CBK   . XNP D 4 .   ? 8.439   12.693  -8.789  1.00 35.31 ? 203 XNP X CBK   1 
HETATM 1363 N NBJ   . XNP D 4 .   ? 7.377   13.508  -8.353  1.00 38.44 ? 203 XNP X NBJ   1 
HETATM 1364 C CBI   . XNP D 4 .   ? 6.843   13.279  -7.146  1.00 37.82 ? 203 XNP X CBI   1 
HETATM 1365 N NBM   . XNP D 4 .   ? 5.829   14.002  -6.671  1.00 35.02 ? 203 XNP X NBM   1 
HETATM 1366 O O     . HOH E 5 .   ? 18.253  4.940   -13.543 1.00 31.82 ? 301 HOH X O     1 
HETATM 1367 O O     . HOH E 5 .   ? 3.042   0.142   1.778   1.00 23.53 ? 302 HOH X O     1 
HETATM 1368 O O     . HOH E 5 .   ? 13.321  -5.819  -0.030  1.00 32.35 ? 303 HOH X O     1 
HETATM 1369 O O     . HOH E 5 .   ? -0.454  -9.694  -5.224  1.00 38.63 ? 304 HOH X O     1 
HETATM 1370 O O     . HOH E 5 .   ? -7.287  13.390  5.240   1.00 37.90 ? 305 HOH X O     1 
HETATM 1371 O O     . HOH E 5 .   ? 6.064   -0.044  16.088  1.00 29.37 ? 306 HOH X O     1 
HETATM 1372 O O     . HOH E 5 .   ? -12.627 0.976   -3.135  1.00 29.75 ? 307 HOH X O     1 
HETATM 1373 O O     . HOH E 5 .   ? 17.101  9.742   -19.723 1.00 37.73 ? 308 HOH X O     1 
HETATM 1374 O O     . HOH E 5 .   ? 1.849   -7.800  5.411   1.00 27.02 ? 309 HOH X O     1 
HETATM 1375 O O     . HOH E 5 .   ? 0.030   6.474   16.425  1.00 38.25 ? 310 HOH X O     1 
HETATM 1376 O O     . HOH E 5 .   ? 9.725   0.939   -17.849 1.00 38.15 ? 311 HOH X O     1 
HETATM 1377 O O     . HOH E 5 .   ? 0.005   -10.247 -2.926  1.00 41.98 ? 312 HOH X O     1 
HETATM 1378 O O     . HOH E 5 .   ? -15.933 -2.598  2.745   1.00 29.84 ? 313 HOH X O     1 
HETATM 1379 O O     . HOH E 5 .   ? 12.673  9.336   0.476   1.00 29.02 ? 314 HOH X O     1 
HETATM 1380 O O     . HOH E 5 .   ? 11.944  7.118   -16.507 1.00 40.11 ? 315 HOH X O     1 
HETATM 1381 O O     . HOH E 5 .   ? 6.373   15.728  -9.500  1.00 44.02 ? 316 HOH X O     1 
HETATM 1382 O O     . HOH E 5 .   ? 10.880  -5.391  15.127  1.00 33.24 ? 317 HOH X O     1 
HETATM 1383 O O     . HOH E 5 .   ? -11.621 -2.016  14.040  1.00 40.63 ? 318 HOH X O     1 
HETATM 1384 O O     . HOH E 5 .   ? 9.959   -7.821  2.946   1.00 29.56 ? 319 HOH X O     1 
HETATM 1385 O O     . HOH E 5 .   ? -11.885 -2.867  -7.895  1.00 31.07 ? 320 HOH X O     1 
HETATM 1386 O O     . HOH E 5 .   ? 16.292  7.451   -8.874  1.00 29.29 ? 321 HOH X O     1 
HETATM 1387 O O     . HOH E 5 .   ? 2.212   -1.913  3.585   1.00 22.93 ? 322 HOH X O     1 
HETATM 1388 O O     . HOH E 5 .   ? -6.163  -11.432 14.262  1.00 32.65 ? 323 HOH X O     1 
HETATM 1389 O O     . HOH E 5 .   ? -4.812  -3.735  3.442   1.00 21.92 ? 324 HOH X O     1 
HETATM 1390 O O     . HOH E 5 .   ? 13.065  0.781   4.625   1.00 29.36 ? 325 HOH X O     1 
HETATM 1391 O O     . HOH E 5 .   ? -8.322  -3.616  4.017   1.00 28.66 ? 326 HOH X O     1 
HETATM 1392 O O     . HOH E 5 .   ? 4.732   5.828   15.878  1.00 25.10 ? 327 HOH X O     1 
HETATM 1393 O O     . HOH E 5 .   ? 19.327  8.465   -14.120 1.00 37.37 ? 328 HOH X O     1 
HETATM 1394 O O     . HOH E 5 .   ? 16.002  5.392   -10.277 1.00 34.41 ? 329 HOH X O     1 
HETATM 1395 O O     . HOH E 5 .   ? 17.465  8.673   -1.090  1.00 34.61 ? 330 HOH X O     1 
HETATM 1396 O O     . HOH E 5 .   ? -6.977  11.953  9.254   1.00 34.18 ? 331 HOH X O     1 
HETATM 1397 O O     . HOH E 5 .   ? -6.653  -12.224 16.634  1.00 32.79 ? 332 HOH X O     1 
HETATM 1398 O O     . HOH E 5 .   ? -12.202 -6.008  1.235   1.00 35.25 ? 333 HOH X O     1 
HETATM 1399 O O     . HOH E 5 .   ? 17.085  11.823  -14.262 1.00 35.52 ? 334 HOH X O     1 
HETATM 1400 O O     . HOH E 5 .   ? 11.347  8.268   4.998   1.00 36.93 ? 335 HOH X O     1 
HETATM 1401 O O     . HOH E 5 .   ? -10.853 -4.717  3.482   1.00 28.08 ? 336 HOH X O     1 
HETATM 1402 O O     . HOH E 5 .   ? 8.899   14.836  -3.904  1.00 45.69 ? 337 HOH X O     1 
# 
loop_
_database_PDB_caveat.id 
_database_PDB_caveat.text 
1 
;XNP X 203 HAS WRONG CHIRALITY AT ATOM C2'
;
2 
;XNP X 203 HAS WRONG CHIRALITY AT ATOM C1'
;
3 
;XNP X 203 HAS WRONG CHIRALITY AT ATOM C4'
;
4 'XNP X 203 HAS WRONG CHIRALITY AT ATOM CAV' 
# 
loop_
_pdbx_poly_seq_scheme.asym_id 
_pdbx_poly_seq_scheme.entity_id 
_pdbx_poly_seq_scheme.seq_id 
_pdbx_poly_seq_scheme.mon_id 
_pdbx_poly_seq_scheme.ndb_seq_num 
_pdbx_poly_seq_scheme.pdb_seq_num 
_pdbx_poly_seq_scheme.auth_seq_num 
_pdbx_poly_seq_scheme.pdb_mon_id 
_pdbx_poly_seq_scheme.auth_mon_id 
_pdbx_poly_seq_scheme.pdb_strand_id 
_pdbx_poly_seq_scheme.pdb_ins_code 
_pdbx_poly_seq_scheme.hetero 
A 1 1   THR 1   1   1   THR THR X . n 
A 1 2   LEU 2   2   2   LEU LEU X . n 
A 1 3   SER 3   3   3   SER SER X . n 
A 1 4   ILE 4   4   4   ILE ILE X . n 
A 1 5   LEU 5   5   5   LEU LEU X . n 
A 1 6   VAL 6   6   6   VAL VAL X . n 
A 1 7   ALA 7   7   7   ALA ALA X . n 
A 1 8   HIS 8   8   8   HIS HIS X . n 
A 1 9   ASP 9   9   9   ASP ASP X . n 
A 1 10  LEU 10  10  10  LEU LEU X . n 
A 1 11  GLN 11  11  11  GLN GLN X . n 
A 1 12  ARG 12  12  12  ARG ARG X . n 
A 1 13  VAL 13  13  13  VAL VAL X . n 
A 1 14  ILE 14  14  14  ILE ILE X . n 
A 1 15  GLY 15  15  15  GLY GLY X . n 
A 1 16  PHE 16  16  16  PHE PHE X . n 
A 1 17  GLU 17  17  17  GLU GLU X . n 
A 1 18  ASN 18  18  18  ASN ASN X . n 
A 1 19  GLN 19  19  19  GLN GLN X . n 
A 1 20  LEU 20  20  20  LEU LEU X . n 
A 1 21  PRO 21  21  21  PRO PRO X . n 
A 1 22  TRP 22  22  22  TRP TRP X . n 
A 1 23  HIS 23  23  23  HIS HIS X . n 
A 1 24  LEU 24  24  24  LEU LEU X . n 
A 1 25  PRO 25  25  25  PRO PRO X . n 
A 1 26  ASN 26  26  26  ASN ASN X . n 
A 1 27  ASP 27  27  27  ASP ASP X . n 
A 1 28  LEU 28  28  28  LEU LEU X . n 
A 1 29  LYS 29  29  29  LYS LYS X . n 
A 1 30  HIS 30  30  30  HIS HIS X . n 
A 1 31  VAL 31  31  31  VAL VAL X . n 
A 1 32  LYS 32  32  32  LYS LYS X . n 
A 1 33  LYS 33  33  33  LYS LYS X . n 
A 1 34  LEU 34  34  34  LEU LEU X . n 
A 1 35  SER 35  35  35  SER SER X . n 
A 1 36  THR 36  36  36  THR THR X . n 
A 1 37  GLY 37  37  37  GLY GLY X . n 
A 1 38  HIS 38  38  38  HIS HIS X . n 
A 1 39  THR 39  39  39  THR THR X . n 
A 1 40  LEU 40  40  40  LEU LEU X . n 
A 1 41  VAL 41  41  41  VAL VAL X . n 
A 1 42  MET 42  42  42  MET MET X . n 
A 1 43  GLY 43  43  43  GLY GLY X . n 
A 1 44  ARG 44  44  44  ARG ARG X . n 
A 1 45  LYS 45  45  45  LYS LYS X . n 
A 1 46  THR 46  46  46  THR THR X . n 
A 1 47  PHE 47  47  47  PHE PHE X . n 
A 1 48  GLU 48  48  48  GLU GLU X . n 
A 1 49  SER 49  49  49  SER SER X . n 
A 1 50  ILE 50  50  50  ILE ILE X . n 
A 1 51  GLY 51  51  51  GLY GLY X . n 
A 1 52  LYS 52  52  52  LYS LYS X . n 
A 1 53  PRO 53  53  53  PRO PRO X . n 
A 1 54  LEU 54  54  54  LEU LEU X . n 
A 1 55  PRO 55  55  55  PRO PRO X . n 
A 1 56  ASN 56  56  56  ASN ASN X . n 
A 1 57  ARG 57  57  57  ARG ARG X . n 
A 1 58  ARG 58  58  58  ARG ARG X . n 
A 1 59  ASN 59  59  59  ASN ASN X . n 
A 1 60  VAL 60  60  60  VAL VAL X . n 
A 1 61  VAL 61  61  61  VAL VAL X . n 
A 1 62  LEU 62  62  62  LEU LEU X . n 
A 1 63  THR 63  63  63  THR THR X . n 
A 1 64  SER 64  64  64  SER SER X . n 
A 1 65  ASP 65  65  65  ASP ASP X . n 
A 1 66  THR 66  66  66  THR THR X . n 
A 1 67  SER 67  67  67  SER SER X . n 
A 1 68  PHE 68  68  68  PHE PHE X . n 
A 1 69  ASN 69  69  69  ASN ASN X . n 
A 1 70  VAL 70  70  70  VAL VAL X . n 
A 1 71  GLU 71  71  71  GLU GLU X . n 
A 1 72  GLY 72  72  72  GLY GLY X . n 
A 1 73  VAL 73  73  73  VAL VAL X . n 
A 1 74  ASP 74  74  74  ASP ASP X . n 
A 1 75  VAL 75  75  75  VAL VAL X . n 
A 1 76  ILE 76  76  76  ILE ILE X . n 
A 1 77  HIS 77  77  77  HIS HIS X . n 
A 1 78  SER 78  78  78  SER SER X . n 
A 1 79  ILE 79  79  79  ILE ILE X . n 
A 1 80  GLU 80  80  80  GLU GLU X . n 
A 1 81  ASP 81  81  81  ASP ASP X . n 
A 1 82  ILE 82  82  82  ILE ILE X . n 
A 1 83  TYR 83  83  83  TYR TYR X . n 
A 1 84  GLN 84  84  84  GLN GLN X . n 
A 1 85  LEU 85  85  85  LEU LEU X . n 
A 1 86  PRO 86  86  86  PRO PRO X . n 
A 1 87  GLY 87  87  87  GLY GLY X . n 
A 1 88  HIS 88  88  88  HIS HIS X . n 
A 1 89  VAL 89  89  89  VAL VAL X . n 
A 1 90  PHE 90  90  90  PHE PHE X . n 
A 1 91  ILE 91  91  91  ILE ILE X . n 
A 1 92  PHE 92  92  92  PHE PHE X . n 
A 1 93  GLY 93  93  93  GLY GLY X . n 
A 1 94  GLY 94  94  94  GLY GLY X . n 
A 1 95  GLN 95  95  95  GLN GLN X . n 
A 1 96  THR 96  96  96  THR THR X . n 
A 1 97  LEU 97  97  97  LEU LEU X . n 
A 1 98  PHE 98  98  98  PHE PHE X . n 
A 1 99  GLU 99  99  99  GLU GLU X . n 
A 1 100 GLU 100 100 100 GLU GLU X . n 
A 1 101 MET 101 101 101 MET MET X . n 
A 1 102 ILE 102 102 102 ILE ILE X . n 
A 1 103 ASP 103 103 103 ASP ASP X . n 
A 1 104 LYS 104 104 104 LYS LYS X . n 
A 1 105 VAL 105 105 105 VAL VAL X . n 
A 1 106 ASP 106 106 106 ASP ASP X . n 
A 1 107 ASP 107 107 107 ASP ASP X . n 
A 1 108 MET 108 108 108 MET MET X . n 
A 1 109 TYR 109 109 109 TYR TYR X . n 
A 1 110 ILE 110 110 110 ILE ILE X . n 
A 1 111 THR 111 111 111 THR THR X . n 
A 1 112 VAL 112 112 112 VAL VAL X . n 
A 1 113 ILE 113 113 113 ILE ILE X . n 
A 1 114 GLU 114 114 114 GLU GLU X . n 
A 1 115 GLY 115 115 115 GLY GLY X . n 
A 1 116 LYS 116 116 116 LYS LYS X . n 
A 1 117 PHE 117 117 117 PHE PHE X . n 
A 1 118 ARG 118 118 118 ARG ARG X . n 
A 1 119 GLY 119 119 119 GLY GLY X . n 
A 1 120 ASP 120 120 120 ASP ASP X . n 
A 1 121 THR 121 121 121 THR THR X . n 
A 1 122 PHE 122 122 122 PHE PHE X . n 
A 1 123 PHE 123 123 123 PHE PHE X . n 
A 1 124 PRO 124 124 124 PRO PRO X . n 
A 1 125 PRO 125 125 125 PRO PRO X . n 
A 1 126 TYR 126 126 126 TYR TYR X . n 
A 1 127 THR 127 127 127 THR THR X . n 
A 1 128 PHE 128 128 128 PHE PHE X . n 
A 1 129 GLU 129 129 129 GLU GLU X . n 
A 1 130 ASP 130 130 130 ASP ASP X . n 
A 1 131 TRP 131 131 131 TRP TRP X . n 
A 1 132 GLU 132 132 132 GLU GLU X . n 
A 1 133 VAL 133 133 133 VAL VAL X . n 
A 1 134 ALA 134 134 134 ALA ALA X . n 
A 1 135 SER 135 135 135 SER SER X . n 
A 1 136 SER 136 136 136 SER SER X . n 
A 1 137 VAL 137 137 137 VAL VAL X . n 
A 1 138 GLU 138 138 138 GLU GLU X . n 
A 1 139 GLY 139 139 139 GLY GLY X . n 
A 1 140 LYS 140 140 140 LYS LYS X . n 
A 1 141 LEU 141 141 141 LEU LEU X . n 
A 1 142 ASP 142 142 142 ASP ASP X . n 
A 1 143 GLU 143 143 143 GLU GLU X . n 
A 1 144 LYS 144 144 144 LYS LYS X . n 
A 1 145 ASN 145 145 145 ASN ASN X . n 
A 1 146 THR 146 146 146 THR THR X . n 
A 1 147 ILE 147 147 147 ILE ILE X . n 
A 1 148 PRO 148 148 148 PRO PRO X . n 
A 1 149 HIS 149 149 149 HIS HIS X . n 
A 1 150 THR 150 150 150 THR THR X . n 
A 1 151 PHE 151 151 151 PHE PHE X . n 
A 1 152 LEU 152 152 152 LEU LEU X . n 
A 1 153 HIS 153 153 153 HIS HIS X . n 
A 1 154 LEU 154 154 154 LEU LEU X . n 
A 1 155 ILE 155 155 155 ILE ILE X . n 
A 1 156 ARG 156 156 156 ARG ARG X . n 
A 1 157 LYS 157 157 157 LYS LYS X . n 
# 
loop_
_pdbx_nonpoly_scheme.asym_id 
_pdbx_nonpoly_scheme.entity_id 
_pdbx_nonpoly_scheme.mon_id 
_pdbx_nonpoly_scheme.ndb_seq_num 
_pdbx_nonpoly_scheme.pdb_seq_num 
_pdbx_nonpoly_scheme.auth_seq_num 
_pdbx_nonpoly_scheme.pdb_mon_id 
_pdbx_nonpoly_scheme.auth_mon_id 
_pdbx_nonpoly_scheme.pdb_strand_id 
_pdbx_nonpoly_scheme.pdb_ins_code 
B 2 GOL 1  201 221 GOL GOL X . 
C 3 G8J 1  202 1   G8J DRG X . 
D 4 XNP 1  203 1   XNP ANH X . 
E 5 HOH 1  301 3   HOH HOH X . 
E 5 HOH 2  302 2   HOH HOH X . 
E 5 HOH 3  303 6   HOH HOH X . 
E 5 HOH 4  304 26  HOH HOH X . 
E 5 HOH 5  305 16  HOH HOH X . 
E 5 HOH 6  306 27  HOH HOH X . 
E 5 HOH 7  307 9   HOH HOH X . 
E 5 HOH 8  308 23  HOH HOH X . 
E 5 HOH 9  309 37  HOH HOH X . 
E 5 HOH 10 310 36  HOH HOH X . 
E 5 HOH 11 311 19  HOH HOH X . 
E 5 HOH 12 312 39  HOH HOH X . 
E 5 HOH 13 313 22  HOH HOH X . 
E 5 HOH 14 314 7   HOH HOH X . 
E 5 HOH 15 315 21  HOH HOH X . 
E 5 HOH 16 316 25  HOH HOH X . 
E 5 HOH 17 317 30  HOH HOH X . 
E 5 HOH 18 318 24  HOH HOH X . 
E 5 HOH 19 319 17  HOH HOH X . 
E 5 HOH 20 320 14  HOH HOH X . 
E 5 HOH 21 321 8   HOH HOH X . 
E 5 HOH 22 322 4   HOH HOH X . 
E 5 HOH 23 323 29  HOH HOH X . 
E 5 HOH 24 324 1   HOH HOH X . 
E 5 HOH 25 325 15  HOH HOH X . 
E 5 HOH 26 326 10  HOH HOH X . 
E 5 HOH 27 327 5   HOH HOH X . 
E 5 HOH 28 328 34  HOH HOH X . 
E 5 HOH 29 329 35  HOH HOH X . 
E 5 HOH 30 330 20  HOH HOH X . 
E 5 HOH 31 331 11  HOH HOH X . 
E 5 HOH 32 332 13  HOH HOH X . 
E 5 HOH 33 333 31  HOH HOH X . 
E 5 HOH 34 334 33  HOH HOH X . 
E 5 HOH 35 335 12  HOH HOH X . 
E 5 HOH 36 336 28  HOH HOH X . 
E 5 HOH 37 337 32  HOH HOH X . 
# 
_pdbx_struct_assembly.id                   1 
_pdbx_struct_assembly.details              author_and_software_defined_assembly 
_pdbx_struct_assembly.method_details       PISA 
_pdbx_struct_assembly.oligomeric_details   monomeric 
_pdbx_struct_assembly.oligomeric_count     1 
# 
_pdbx_struct_assembly_gen.assembly_id       1 
_pdbx_struct_assembly_gen.oper_expression   1 
_pdbx_struct_assembly_gen.asym_id_list      A,B,C,D,E 
# 
_pdbx_struct_oper_list.id                   1 
_pdbx_struct_oper_list.type                 'identity operation' 
_pdbx_struct_oper_list.name                 1_555 
_pdbx_struct_oper_list.symmetry_operation   x,y,z 
_pdbx_struct_oper_list.matrix[1][1]         1.0000000000 
_pdbx_struct_oper_list.matrix[1][2]         0.0000000000 
_pdbx_struct_oper_list.matrix[1][3]         0.0000000000 
_pdbx_struct_oper_list.vector[1]            0.0000000000 
_pdbx_struct_oper_list.matrix[2][1]         0.0000000000 
_pdbx_struct_oper_list.matrix[2][2]         1.0000000000 
_pdbx_struct_oper_list.matrix[2][3]         0.0000000000 
_pdbx_struct_oper_list.vector[2]            0.0000000000 
_pdbx_struct_oper_list.matrix[3][1]         0.0000000000 
_pdbx_struct_oper_list.matrix[3][2]         0.0000000000 
_pdbx_struct_oper_list.matrix[3][3]         1.0000000000 
_pdbx_struct_oper_list.vector[3]            0.0000000000 
# 
loop_
_pdbx_audit_revision_history.ordinal 
_pdbx_audit_revision_history.data_content_type 
_pdbx_audit_revision_history.major_revision 
_pdbx_audit_revision_history.minor_revision 
_pdbx_audit_revision_history.revision_date 
1 'Structure model' 1 0 2019-09-25 
2 'Structure model' 1 1 2019-12-18 
3 'Structure model' 1 2 2023-10-11 
# 
_pdbx_audit_revision_details.ordinal             1 
_pdbx_audit_revision_details.revision_ordinal    1 
_pdbx_audit_revision_details.data_content_type   'Structure model' 
_pdbx_audit_revision_details.provider            repository 
_pdbx_audit_revision_details.type                'Initial release' 
_pdbx_audit_revision_details.description         ? 
_pdbx_audit_revision_details.details             ? 
# 
loop_
_pdbx_audit_revision_group.ordinal 
_pdbx_audit_revision_group.revision_ordinal 
_pdbx_audit_revision_group.data_content_type 
_pdbx_audit_revision_group.group 
1 2 'Structure model' 'Author supporting evidence' 
2 3 'Structure model' 'Data collection'            
3 3 'Structure model' 'Database references'        
4 3 'Structure model' 'Refinement description'     
# 
loop_
_pdbx_audit_revision_category.ordinal 
_pdbx_audit_revision_category.revision_ordinal 
_pdbx_audit_revision_category.data_content_type 
_pdbx_audit_revision_category.category 
1 2 'Structure model' pdbx_audit_support            
2 3 'Structure model' chem_comp_atom                
3 3 'Structure model' chem_comp_bond                
4 3 'Structure model' database_2                    
5 3 'Structure model' pdbx_initial_refinement_model 
# 
loop_
_pdbx_audit_revision_item.ordinal 
_pdbx_audit_revision_item.revision_ordinal 
_pdbx_audit_revision_item.data_content_type 
_pdbx_audit_revision_item.item 
1 2 'Structure model' '_pdbx_audit_support.funding_organization' 
2 3 'Structure model' '_database_2.pdbx_DOI'                     
3 3 'Structure model' '_database_2.pdbx_database_accession'      
# 
loop_
_software.citation_id 
_software.classification 
_software.compiler_name 
_software.compiler_version 
_software.contact_author 
_software.contact_author_email 
_software.date 
_software.description 
_software.dependencies 
_software.hardware 
_software.language 
_software.location 
_software.mods 
_software.name 
_software.os 
_software.os_version 
_software.type 
_software.version 
_software.pdbx_ordinal 
? refinement       ? ? ? ? ? ? ? ? ? ? ? PHENIX   ? ? ? '(1.11.1_2575: ???)' 1 
? 'data reduction' ? ? ? ? ? ? ? ? ? ? ? HKL-2000 ? ? ? .                    2 
? 'data scaling'   ? ? ? ? ? ? ? ? ? ? ? HKL-2000 ? ? ? .                    3 
? phasing          ? ? ? ? ? ? ? ? ? ? ? PHENIX   ? ? ? .                    4 
# 
loop_
_pdbx_validate_torsion.id 
_pdbx_validate_torsion.PDB_model_num 
_pdbx_validate_torsion.auth_comp_id 
_pdbx_validate_torsion.auth_asym_id 
_pdbx_validate_torsion.auth_seq_id 
_pdbx_validate_torsion.PDB_ins_code 
_pdbx_validate_torsion.label_alt_id 
_pdbx_validate_torsion.phi 
_pdbx_validate_torsion.psi 
1 1 HIS X 38  ? ? -127.89 -159.67 
2 1 ASP X 142 ? ? -165.22 -160.33 
3 1 GLU X 143 ? ? -24.22  -74.86  
# 
loop_
_pdbx_validate_chiral.id 
_pdbx_validate_chiral.PDB_model_num 
_pdbx_validate_chiral.auth_atom_id 
_pdbx_validate_chiral.label_alt_id 
_pdbx_validate_chiral.auth_asym_id 
_pdbx_validate_chiral.auth_comp_id 
_pdbx_validate_chiral.auth_seq_id 
_pdbx_validate_chiral.PDB_ins_code 
_pdbx_validate_chiral.details 
_pdbx_validate_chiral.omega 
1 1 "C2'" ? X XNP 203 ? 'WRONG HAND' . 
2 1 "C1'" ? X XNP 203 ? 'WRONG HAND' . 
3 1 "C4'" ? X XNP 203 ? 'WRONG HAND' . 
4 1 CAV   ? X XNP 203 ? 'WRONG HAND' . 
# 
loop_
_chem_comp_atom.comp_id 
_chem_comp_atom.atom_id 
_chem_comp_atom.type_symbol 
_chem_comp_atom.pdbx_aromatic_flag 
_chem_comp_atom.pdbx_stereo_config 
_chem_comp_atom.pdbx_ordinal 
ALA N     N N N 1   
ALA CA    C N S 2   
ALA C     C N N 3   
ALA O     O N N 4   
ALA CB    C N N 5   
ALA OXT   O N N 6   
ALA H     H N N 7   
ALA H2    H N N 8   
ALA HA    H N N 9   
ALA HB1   H N N 10  
ALA HB2   H N N 11  
ALA HB3   H N N 12  
ALA HXT   H N N 13  
ARG N     N N N 14  
ARG CA    C N S 15  
ARG C     C N N 16  
ARG O     O N N 17  
ARG CB    C N N 18  
ARG CG    C N N 19  
ARG CD    C N N 20  
ARG NE    N N N 21  
ARG CZ    C N N 22  
ARG NH1   N N N 23  
ARG NH2   N N N 24  
ARG OXT   O N N 25  
ARG H     H N N 26  
ARG H2    H N N 27  
ARG HA    H N N 28  
ARG HB2   H N N 29  
ARG HB3   H N N 30  
ARG HG2   H N N 31  
ARG HG3   H N N 32  
ARG HD2   H N N 33  
ARG HD3   H N N 34  
ARG HE    H N N 35  
ARG HH11  H N N 36  
ARG HH12  H N N 37  
ARG HH21  H N N 38  
ARG HH22  H N N 39  
ARG HXT   H N N 40  
ASN N     N N N 41  
ASN CA    C N S 42  
ASN C     C N N 43  
ASN O     O N N 44  
ASN CB    C N N 45  
ASN CG    C N N 46  
ASN OD1   O N N 47  
ASN ND2   N N N 48  
ASN OXT   O N N 49  
ASN H     H N N 50  
ASN H2    H N N 51  
ASN HA    H N N 52  
ASN HB2   H N N 53  
ASN HB3   H N N 54  
ASN HD21  H N N 55  
ASN HD22  H N N 56  
ASN HXT   H N N 57  
ASP N     N N N 58  
ASP CA    C N S 59  
ASP C     C N N 60  
ASP O     O N N 61  
ASP CB    C N N 62  
ASP CG    C N N 63  
ASP OD1   O N N 64  
ASP OD2   O N N 65  
ASP OXT   O N N 66  
ASP H     H N N 67  
ASP H2    H N N 68  
ASP HA    H N N 69  
ASP HB2   H N N 70  
ASP HB3   H N N 71  
ASP HD2   H N N 72  
ASP HXT   H N N 73  
G8J C4    C Y N 74  
G8J C5    C Y N 75  
G8J C6    C Y N 76  
G8J N1    N Y N 77  
G8J N3    N Y N 78  
G8J CAJ   C N N 79  
G8J CAI   C N N 80  
G8J C2    C Y N 81  
G8J NAG   N N N 82  
G8J NAH   N N N 83  
G8J CAK   C N N 84  
G8J CAL   C N N 85  
G8J CAM   C N S 86  
G8J CAZ   C N N 87  
G8J CAN   C Y N 88  
G8J CAO   C Y N 89  
G8J CAS   C Y N 90  
G8J OBA   O N N 91  
G8J CBB   C N N 92  
G8J CAR   C Y N 93  
G8J CAQ   C Y N 94  
G8J CAP   C Y N 95  
G8J CAT   C Y N 96  
G8J CAU   C Y N 97  
G8J CAV   C Y N 98  
G8J NAW   N Y N 99  
G8J CAX   C Y N 100 
G8J CAY   C Y N 101 
G8J H1    H N N 102 
G8J H2    H N N 103 
G8J H3    H N N 104 
G8J H4    H N N 105 
G8J H5    H N N 106 
G8J H6    H N N 107 
G8J H7    H N N 108 
G8J H8    H N N 109 
G8J H9    H N N 110 
G8J H10   H N N 111 
G8J H11   H N N 112 
G8J H12   H N N 113 
G8J H13   H N N 114 
G8J H14   H N N 115 
G8J H15   H N N 116 
G8J H16   H N N 117 
G8J H17   H N N 118 
G8J H18   H N N 119 
G8J H19   H N N 120 
G8J H20   H N N 121 
G8J H21   H N N 122 
G8J H22   H N N 123 
G8J H23   H N N 124 
GLN N     N N N 125 
GLN CA    C N S 126 
GLN C     C N N 127 
GLN O     O N N 128 
GLN CB    C N N 129 
GLN CG    C N N 130 
GLN CD    C N N 131 
GLN OE1   O N N 132 
GLN NE2   N N N 133 
GLN OXT   O N N 134 
GLN H     H N N 135 
GLN H2    H N N 136 
GLN HA    H N N 137 
GLN HB2   H N N 138 
GLN HB3   H N N 139 
GLN HG2   H N N 140 
GLN HG3   H N N 141 
GLN HE21  H N N 142 
GLN HE22  H N N 143 
GLN HXT   H N N 144 
GLU N     N N N 145 
GLU CA    C N S 146 
GLU C     C N N 147 
GLU O     O N N 148 
GLU CB    C N N 149 
GLU CG    C N N 150 
GLU CD    C N N 151 
GLU OE1   O N N 152 
GLU OE2   O N N 153 
GLU OXT   O N N 154 
GLU H     H N N 155 
GLU H2    H N N 156 
GLU HA    H N N 157 
GLU HB2   H N N 158 
GLU HB3   H N N 159 
GLU HG2   H N N 160 
GLU HG3   H N N 161 
GLU HE2   H N N 162 
GLU HXT   H N N 163 
GLY N     N N N 164 
GLY CA    C N N 165 
GLY C     C N N 166 
GLY O     O N N 167 
GLY OXT   O N N 168 
GLY H     H N N 169 
GLY H2    H N N 170 
GLY HA2   H N N 171 
GLY HA3   H N N 172 
GLY HXT   H N N 173 
GOL C1    C N N 174 
GOL O1    O N N 175 
GOL C2    C N N 176 
GOL O2    O N N 177 
GOL C3    C N N 178 
GOL O3    O N N 179 
GOL H11   H N N 180 
GOL H12   H N N 181 
GOL HO1   H N N 182 
GOL H2    H N N 183 
GOL HO2   H N N 184 
GOL H31   H N N 185 
GOL H32   H N N 186 
GOL HO3   H N N 187 
HIS N     N N N 188 
HIS CA    C N S 189 
HIS C     C N N 190 
HIS O     O N N 191 
HIS CB    C N N 192 
HIS CG    C Y N 193 
HIS ND1   N Y N 194 
HIS CD2   C Y N 195 
HIS CE1   C Y N 196 
HIS NE2   N Y N 197 
HIS OXT   O N N 198 
HIS H     H N N 199 
HIS H2    H N N 200 
HIS HA    H N N 201 
HIS HB2   H N N 202 
HIS HB3   H N N 203 
HIS HD1   H N N 204 
HIS HD2   H N N 205 
HIS HE1   H N N 206 
HIS HE2   H N N 207 
HIS HXT   H N N 208 
HOH O     O N N 209 
HOH H1    H N N 210 
HOH H2    H N N 211 
ILE N     N N N 212 
ILE CA    C N S 213 
ILE C     C N N 214 
ILE O     O N N 215 
ILE CB    C N S 216 
ILE CG1   C N N 217 
ILE CG2   C N N 218 
ILE CD1   C N N 219 
ILE OXT   O N N 220 
ILE H     H N N 221 
ILE H2    H N N 222 
ILE HA    H N N 223 
ILE HB    H N N 224 
ILE HG12  H N N 225 
ILE HG13  H N N 226 
ILE HG21  H N N 227 
ILE HG22  H N N 228 
ILE HG23  H N N 229 
ILE HD11  H N N 230 
ILE HD12  H N N 231 
ILE HD13  H N N 232 
ILE HXT   H N N 233 
LEU N     N N N 234 
LEU CA    C N S 235 
LEU C     C N N 236 
LEU O     O N N 237 
LEU CB    C N N 238 
LEU CG    C N N 239 
LEU CD1   C N N 240 
LEU CD2   C N N 241 
LEU OXT   O N N 242 
LEU H     H N N 243 
LEU H2    H N N 244 
LEU HA    H N N 245 
LEU HB2   H N N 246 
LEU HB3   H N N 247 
LEU HG    H N N 248 
LEU HD11  H N N 249 
LEU HD12  H N N 250 
LEU HD13  H N N 251 
LEU HD21  H N N 252 
LEU HD22  H N N 253 
LEU HD23  H N N 254 
LEU HXT   H N N 255 
LYS N     N N N 256 
LYS CA    C N S 257 
LYS C     C N N 258 
LYS O     O N N 259 
LYS CB    C N N 260 
LYS CG    C N N 261 
LYS CD    C N N 262 
LYS CE    C N N 263 
LYS NZ    N N N 264 
LYS OXT   O N N 265 
LYS H     H N N 266 
LYS H2    H N N 267 
LYS HA    H N N 268 
LYS HB2   H N N 269 
LYS HB3   H N N 270 
LYS HG2   H N N 271 
LYS HG3   H N N 272 
LYS HD2   H N N 273 
LYS HD3   H N N 274 
LYS HE2   H N N 275 
LYS HE3   H N N 276 
LYS HZ1   H N N 277 
LYS HZ2   H N N 278 
LYS HZ3   H N N 279 
LYS HXT   H N N 280 
MET N     N N N 281 
MET CA    C N S 282 
MET C     C N N 283 
MET O     O N N 284 
MET CB    C N N 285 
MET CG    C N N 286 
MET SD    S N N 287 
MET CE    C N N 288 
MET OXT   O N N 289 
MET H     H N N 290 
MET H2    H N N 291 
MET HA    H N N 292 
MET HB2   H N N 293 
MET HB3   H N N 294 
MET HG2   H N N 295 
MET HG3   H N N 296 
MET HE1   H N N 297 
MET HE2   H N N 298 
MET HE3   H N N 299 
MET HXT   H N N 300 
PHE N     N N N 301 
PHE CA    C N S 302 
PHE C     C N N 303 
PHE O     O N N 304 
PHE CB    C N N 305 
PHE CG    C Y N 306 
PHE CD1   C Y N 307 
PHE CD2   C Y N 308 
PHE CE1   C Y N 309 
PHE CE2   C Y N 310 
PHE CZ    C Y N 311 
PHE OXT   O N N 312 
PHE H     H N N 313 
PHE H2    H N N 314 
PHE HA    H N N 315 
PHE HB2   H N N 316 
PHE HB3   H N N 317 
PHE HD1   H N N 318 
PHE HD2   H N N 319 
PHE HE1   H N N 320 
PHE HE2   H N N 321 
PHE HZ    H N N 322 
PHE HXT   H N N 323 
PRO N     N N N 324 
PRO CA    C N S 325 
PRO C     C N N 326 
PRO O     O N N 327 
PRO CB    C N N 328 
PRO CG    C N N 329 
PRO CD    C N N 330 
PRO OXT   O N N 331 
PRO H     H N N 332 
PRO HA    H N N 333 
PRO HB2   H N N 334 
PRO HB3   H N N 335 
PRO HG2   H N N 336 
PRO HG3   H N N 337 
PRO HD2   H N N 338 
PRO HD3   H N N 339 
PRO HXT   H N N 340 
SER N     N N N 341 
SER CA    C N S 342 
SER C     C N N 343 
SER O     O N N 344 
SER CB    C N N 345 
SER OG    O N N 346 
SER OXT   O N N 347 
SER H     H N N 348 
SER H2    H N N 349 
SER HA    H N N 350 
SER HB2   H N N 351 
SER HB3   H N N 352 
SER HG    H N N 353 
SER HXT   H N N 354 
THR N     N N N 355 
THR CA    C N S 356 
THR C     C N N 357 
THR O     O N N 358 
THR CB    C N R 359 
THR OG1   O N N 360 
THR CG2   C N N 361 
THR OXT   O N N 362 
THR H     H N N 363 
THR H2    H N N 364 
THR HA    H N N 365 
THR HB    H N N 366 
THR HG1   H N N 367 
THR HG21  H N N 368 
THR HG22  H N N 369 
THR HG23  H N N 370 
THR HXT   H N N 371 
TRP N     N N N 372 
TRP CA    C N S 373 
TRP C     C N N 374 
TRP O     O N N 375 
TRP CB    C N N 376 
TRP CG    C Y N 377 
TRP CD1   C Y N 378 
TRP CD2   C Y N 379 
TRP NE1   N Y N 380 
TRP CE2   C Y N 381 
TRP CE3   C Y N 382 
TRP CZ2   C Y N 383 
TRP CZ3   C Y N 384 
TRP CH2   C Y N 385 
TRP OXT   O N N 386 
TRP H     H N N 387 
TRP H2    H N N 388 
TRP HA    H N N 389 
TRP HB2   H N N 390 
TRP HB3   H N N 391 
TRP HD1   H N N 392 
TRP HE1   H N N 393 
TRP HE3   H N N 394 
TRP HZ2   H N N 395 
TRP HZ3   H N N 396 
TRP HH2   H N N 397 
TRP HXT   H N N 398 
TYR N     N N N 399 
TYR CA    C N S 400 
TYR C     C N N 401 
TYR O     O N N 402 
TYR CB    C N N 403 
TYR CG    C Y N 404 
TYR CD1   C Y N 405 
TYR CD2   C Y N 406 
TYR CE1   C Y N 407 
TYR CE2   C Y N 408 
TYR CZ    C Y N 409 
TYR OH    O N N 410 
TYR OXT   O N N 411 
TYR H     H N N 412 
TYR H2    H N N 413 
TYR HA    H N N 414 
TYR HB2   H N N 415 
TYR HB3   H N N 416 
TYR HD1   H N N 417 
TYR HD2   H N N 418 
TYR HE1   H N N 419 
TYR HE2   H N N 420 
TYR HH    H N N 421 
TYR HXT   H N N 422 
VAL N     N N N 423 
VAL CA    C N S 424 
VAL C     C N N 425 
VAL O     O N N 426 
VAL CB    C N N 427 
VAL CG1   C N N 428 
VAL CG2   C N N 429 
VAL OXT   O N N 430 
VAL H     H N N 431 
VAL H2    H N N 432 
VAL HA    H N N 433 
VAL HB    H N N 434 
VAL HG11  H N N 435 
VAL HG12  H N N 436 
VAL HG13  H N N 437 
VAL HG21  H N N 438 
VAL HG22  H N N 439 
VAL HG23  H N N 440 
VAL HXT   H N N 441 
XNP "O3'" O N N 442 
XNP "C3'" C N R 443 
XNP "C2'" C N R 444 
XNP "O2'" O N N 445 
XNP CAA   C N R 446 
XNP CAB   C N N 447 
XNP CAC   C N N 448 
XNP CAD   C N N 449 
XNP CBT   C N N 450 
XNP OBV   O N N 451 
XNP NBU   N N N 452 
XNP CAE   C N N 453 
XNP NAF   N N N 454 
XNP "C1'" C N R 455 
XNP "O4'" O N N 456 
XNP "C4'" C N R 457 
XNP "C5'" C N N 458 
XNP "O5'" O N N 459 
XNP PAN   P N N 460 
XNP OBP   O N N 461 
XNP OBO   O N N 462 
XNP OAO   O N N 463 
XNP PAP   P N N 464 
XNP OBQ   O N N 465 
XNP OBR   O N N 466 
XNP OAQ   O N N 467 
XNP CAR   C N N 468 
XNP CAS   C N R 469 
XNP OAW   O N N 470 
XNP CAT   C N R 471 
XNP OAZ   O N N 472 
XNP CAU   C N R 473 
XNP OAY   O N N 474 
XNP PBA   P N N 475 
XNP OBB   O N N 476 
XNP OBC   O N N 477 
XNP OBD   O N N 478 
XNP CAV   C N R 479 
XNP NAX   N Y N 480 
XNP CBE   C Y N 481 
XNP NBF   N Y N 482 
XNP CBG   C Y N 483 
XNP CBH   C Y N 484 
XNP NBL   N Y N 485 
XNP CBK   C Y N 486 
XNP NBJ   N Y N 487 
XNP CBI   C Y N 488 
XNP NBM   N N N 489 
XNP H1    H N N 490 
XNP H2    H N N 491 
XNP H3    H N N 492 
XNP H4    H N N 493 
XNP H5    H N N 494 
XNP H6    H N N 495 
XNP H7    H N N 496 
XNP H8    H N N 497 
XNP H9    H N N 498 
XNP H10   H N N 499 
XNP H11   H N N 500 
XNP H12   H N N 501 
XNP H13   H N N 502 
XNP H14   H N N 503 
XNP H15   H N N 504 
XNP H16   H N N 505 
XNP H17   H N N 506 
XNP H18   H N N 507 
XNP H19   H N N 508 
XNP H20   H N N 509 
XNP H21   H N N 510 
XNP H22   H N N 511 
XNP H23   H N N 512 
XNP H24   H N N 513 
XNP H25   H N N 514 
XNP H26   H N N 515 
XNP H27   H N N 516 
XNP H30   H N N 517 
XNP H31   H N N 518 
XNP H32   H N N 519 
# 
loop_
_chem_comp_bond.comp_id 
_chem_comp_bond.atom_id_1 
_chem_comp_bond.atom_id_2 
_chem_comp_bond.value_order 
_chem_comp_bond.pdbx_aromatic_flag 
_chem_comp_bond.pdbx_stereo_config 
_chem_comp_bond.pdbx_ordinal 
ALA N     CA    sing N N 1   
ALA N     H     sing N N 2   
ALA N     H2    sing N N 3   
ALA CA    C     sing N N 4   
ALA CA    CB    sing N N 5   
ALA CA    HA    sing N N 6   
ALA C     O     doub N N 7   
ALA C     OXT   sing N N 8   
ALA CB    HB1   sing N N 9   
ALA CB    HB2   sing N N 10  
ALA CB    HB3   sing N N 11  
ALA OXT   HXT   sing N N 12  
ARG N     CA    sing N N 13  
ARG N     H     sing N N 14  
ARG N     H2    sing N N 15  
ARG CA    C     sing N N 16  
ARG CA    CB    sing N N 17  
ARG CA    HA    sing N N 18  
ARG C     O     doub N N 19  
ARG C     OXT   sing N N 20  
ARG CB    CG    sing N N 21  
ARG CB    HB2   sing N N 22  
ARG CB    HB3   sing N N 23  
ARG CG    CD    sing N N 24  
ARG CG    HG2   sing N N 25  
ARG CG    HG3   sing N N 26  
ARG CD    NE    sing N N 27  
ARG CD    HD2   sing N N 28  
ARG CD    HD3   sing N N 29  
ARG NE    CZ    sing N N 30  
ARG NE    HE    sing N N 31  
ARG CZ    NH1   sing N N 32  
ARG CZ    NH2   doub N N 33  
ARG NH1   HH11  sing N N 34  
ARG NH1   HH12  sing N N 35  
ARG NH2   HH21  sing N N 36  
ARG NH2   HH22  sing N N 37  
ARG OXT   HXT   sing N N 38  
ASN N     CA    sing N N 39  
ASN N     H     sing N N 40  
ASN N     H2    sing N N 41  
ASN CA    C     sing N N 42  
ASN CA    CB    sing N N 43  
ASN CA    HA    sing N N 44  
ASN C     O     doub N N 45  
ASN C     OXT   sing N N 46  
ASN CB    CG    sing N N 47  
ASN CB    HB2   sing N N 48  
ASN CB    HB3   sing N N 49  
ASN CG    OD1   doub N N 50  
ASN CG    ND2   sing N N 51  
ASN ND2   HD21  sing N N 52  
ASN ND2   HD22  sing N N 53  
ASN OXT   HXT   sing N N 54  
ASP N     CA    sing N N 55  
ASP N     H     sing N N 56  
ASP N     H2    sing N N 57  
ASP CA    C     sing N N 58  
ASP CA    CB    sing N N 59  
ASP CA    HA    sing N N 60  
ASP C     O     doub N N 61  
ASP C     OXT   sing N N 62  
ASP CB    CG    sing N N 63  
ASP CB    HB2   sing N N 64  
ASP CB    HB3   sing N N 65  
ASP CG    OD1   doub N N 66  
ASP CG    OD2   sing N N 67  
ASP OD2   HD2   sing N N 68  
ASP OXT   HXT   sing N N 69  
G8J NAH   C6    sing N N 70  
G8J N1    C6    doub Y N 71  
G8J N1    C2    sing Y N 72  
G8J C6    C5    sing Y N 73  
G8J CAZ   CAM   sing N N 74  
G8J NAG   C2    sing N N 75  
G8J C2    N3    doub Y N 76  
G8J C5    CAK   sing N N 77  
G8J C5    C4    doub Y N 78  
G8J CAK   CAL   trip N N 79  
G8J CAL   CAM   sing N N 80  
G8J CAM   CAN   sing N N 81  
G8J N3    C4    sing Y N 82  
G8J C4    CAI   sing N N 83  
G8J OBA   CAS   sing N N 84  
G8J OBA   CBB   sing N N 85  
G8J CAN   CAS   doub Y N 86  
G8J CAN   CAO   sing Y N 87  
G8J CAS   CAR   sing Y N 88  
G8J CAO   CAP   doub Y N 89  
G8J CAI   CAJ   sing N N 90  
G8J CAU   CAV   doub Y N 91  
G8J CAU   CAT   sing Y N 92  
G8J CAR   CAQ   doub Y N 93  
G8J CAP   CAQ   sing Y N 94  
G8J CAP   CAT   sing N N 95  
G8J CAV   NAW   sing Y N 96  
G8J CAT   CAY   doub Y N 97  
G8J NAW   CAX   doub Y N 98  
G8J CAY   CAX   sing Y N 99  
G8J CAJ   H1    sing N N 100 
G8J CAJ   H2    sing N N 101 
G8J CAJ   H3    sing N N 102 
G8J CAI   H4    sing N N 103 
G8J CAI   H5    sing N N 104 
G8J NAG   H6    sing N N 105 
G8J NAG   H7    sing N N 106 
G8J NAH   H8    sing N N 107 
G8J NAH   H9    sing N N 108 
G8J CAM   H10   sing N N 109 
G8J CAZ   H11   sing N N 110 
G8J CAZ   H12   sing N N 111 
G8J CAZ   H13   sing N N 112 
G8J CAO   H14   sing N N 113 
G8J CBB   H15   sing N N 114 
G8J CBB   H16   sing N N 115 
G8J CBB   H17   sing N N 116 
G8J CAR   H18   sing N N 117 
G8J CAQ   H19   sing N N 118 
G8J CAU   H20   sing N N 119 
G8J CAV   H21   sing N N 120 
G8J CAX   H22   sing N N 121 
G8J CAY   H23   sing N N 122 
GLN N     CA    sing N N 123 
GLN N     H     sing N N 124 
GLN N     H2    sing N N 125 
GLN CA    C     sing N N 126 
GLN CA    CB    sing N N 127 
GLN CA    HA    sing N N 128 
GLN C     O     doub N N 129 
GLN C     OXT   sing N N 130 
GLN CB    CG    sing N N 131 
GLN CB    HB2   sing N N 132 
GLN CB    HB3   sing N N 133 
GLN CG    CD    sing N N 134 
GLN CG    HG2   sing N N 135 
GLN CG    HG3   sing N N 136 
GLN CD    OE1   doub N N 137 
GLN CD    NE2   sing N N 138 
GLN NE2   HE21  sing N N 139 
GLN NE2   HE22  sing N N 140 
GLN OXT   HXT   sing N N 141 
GLU N     CA    sing N N 142 
GLU N     H     sing N N 143 
GLU N     H2    sing N N 144 
GLU CA    C     sing N N 145 
GLU CA    CB    sing N N 146 
GLU CA    HA    sing N N 147 
GLU C     O     doub N N 148 
GLU C     OXT   sing N N 149 
GLU CB    CG    sing N N 150 
GLU CB    HB2   sing N N 151 
GLU CB    HB3   sing N N 152 
GLU CG    CD    sing N N 153 
GLU CG    HG2   sing N N 154 
GLU CG    HG3   sing N N 155 
GLU CD    OE1   doub N N 156 
GLU CD    OE2   sing N N 157 
GLU OE2   HE2   sing N N 158 
GLU OXT   HXT   sing N N 159 
GLY N     CA    sing N N 160 
GLY N     H     sing N N 161 
GLY N     H2    sing N N 162 
GLY CA    C     sing N N 163 
GLY CA    HA2   sing N N 164 
GLY CA    HA3   sing N N 165 
GLY C     O     doub N N 166 
GLY C     OXT   sing N N 167 
GLY OXT   HXT   sing N N 168 
GOL C1    O1    sing N N 169 
GOL C1    C2    sing N N 170 
GOL C1    H11   sing N N 171 
GOL C1    H12   sing N N 172 
GOL O1    HO1   sing N N 173 
GOL C2    O2    sing N N 174 
GOL C2    C3    sing N N 175 
GOL C2    H2    sing N N 176 
GOL O2    HO2   sing N N 177 
GOL C3    O3    sing N N 178 
GOL C3    H31   sing N N 179 
GOL C3    H32   sing N N 180 
GOL O3    HO3   sing N N 181 
HIS N     CA    sing N N 182 
HIS N     H     sing N N 183 
HIS N     H2    sing N N 184 
HIS CA    C     sing N N 185 
HIS CA    CB    sing N N 186 
HIS CA    HA    sing N N 187 
HIS C     O     doub N N 188 
HIS C     OXT   sing N N 189 
HIS CB    CG    sing N N 190 
HIS CB    HB2   sing N N 191 
HIS CB    HB3   sing N N 192 
HIS CG    ND1   sing Y N 193 
HIS CG    CD2   doub Y N 194 
HIS ND1   CE1   doub Y N 195 
HIS ND1   HD1   sing N N 196 
HIS CD2   NE2   sing Y N 197 
HIS CD2   HD2   sing N N 198 
HIS CE1   NE2   sing Y N 199 
HIS CE1   HE1   sing N N 200 
HIS NE2   HE2   sing N N 201 
HIS OXT   HXT   sing N N 202 
HOH O     H1    sing N N 203 
HOH O     H2    sing N N 204 
ILE N     CA    sing N N 205 
ILE N     H     sing N N 206 
ILE N     H2    sing N N 207 
ILE CA    C     sing N N 208 
ILE CA    CB    sing N N 209 
ILE CA    HA    sing N N 210 
ILE C     O     doub N N 211 
ILE C     OXT   sing N N 212 
ILE CB    CG1   sing N N 213 
ILE CB    CG2   sing N N 214 
ILE CB    HB    sing N N 215 
ILE CG1   CD1   sing N N 216 
ILE CG1   HG12  sing N N 217 
ILE CG1   HG13  sing N N 218 
ILE CG2   HG21  sing N N 219 
ILE CG2   HG22  sing N N 220 
ILE CG2   HG23  sing N N 221 
ILE CD1   HD11  sing N N 222 
ILE CD1   HD12  sing N N 223 
ILE CD1   HD13  sing N N 224 
ILE OXT   HXT   sing N N 225 
LEU N     CA    sing N N 226 
LEU N     H     sing N N 227 
LEU N     H2    sing N N 228 
LEU CA    C     sing N N 229 
LEU CA    CB    sing N N 230 
LEU CA    HA    sing N N 231 
LEU C     O     doub N N 232 
LEU C     OXT   sing N N 233 
LEU CB    CG    sing N N 234 
LEU CB    HB2   sing N N 235 
LEU CB    HB3   sing N N 236 
LEU CG    CD1   sing N N 237 
LEU CG    CD2   sing N N 238 
LEU CG    HG    sing N N 239 
LEU CD1   HD11  sing N N 240 
LEU CD1   HD12  sing N N 241 
LEU CD1   HD13  sing N N 242 
LEU CD2   HD21  sing N N 243 
LEU CD2   HD22  sing N N 244 
LEU CD2   HD23  sing N N 245 
LEU OXT   HXT   sing N N 246 
LYS N     CA    sing N N 247 
LYS N     H     sing N N 248 
LYS N     H2    sing N N 249 
LYS CA    C     sing N N 250 
LYS CA    CB    sing N N 251 
LYS CA    HA    sing N N 252 
LYS C     O     doub N N 253 
LYS C     OXT   sing N N 254 
LYS CB    CG    sing N N 255 
LYS CB    HB2   sing N N 256 
LYS CB    HB3   sing N N 257 
LYS CG    CD    sing N N 258 
LYS CG    HG2   sing N N 259 
LYS CG    HG3   sing N N 260 
LYS CD    CE    sing N N 261 
LYS CD    HD2   sing N N 262 
LYS CD    HD3   sing N N 263 
LYS CE    NZ    sing N N 264 
LYS CE    HE2   sing N N 265 
LYS CE    HE3   sing N N 266 
LYS NZ    HZ1   sing N N 267 
LYS NZ    HZ2   sing N N 268 
LYS NZ    HZ3   sing N N 269 
LYS OXT   HXT   sing N N 270 
MET N     CA    sing N N 271 
MET N     H     sing N N 272 
MET N     H2    sing N N 273 
MET CA    C     sing N N 274 
MET CA    CB    sing N N 275 
MET CA    HA    sing N N 276 
MET C     O     doub N N 277 
MET C     OXT   sing N N 278 
MET CB    CG    sing N N 279 
MET CB    HB2   sing N N 280 
MET CB    HB3   sing N N 281 
MET CG    SD    sing N N 282 
MET CG    HG2   sing N N 283 
MET CG    HG3   sing N N 284 
MET SD    CE    sing N N 285 
MET CE    HE1   sing N N 286 
MET CE    HE2   sing N N 287 
MET CE    HE3   sing N N 288 
MET OXT   HXT   sing N N 289 
PHE N     CA    sing N N 290 
PHE N     H     sing N N 291 
PHE N     H2    sing N N 292 
PHE CA    C     sing N N 293 
PHE CA    CB    sing N N 294 
PHE CA    HA    sing N N 295 
PHE C     O     doub N N 296 
PHE C     OXT   sing N N 297 
PHE CB    CG    sing N N 298 
PHE CB    HB2   sing N N 299 
PHE CB    HB3   sing N N 300 
PHE CG    CD1   doub Y N 301 
PHE CG    CD2   sing Y N 302 
PHE CD1   CE1   sing Y N 303 
PHE CD1   HD1   sing N N 304 
PHE CD2   CE2   doub Y N 305 
PHE CD2   HD2   sing N N 306 
PHE CE1   CZ    doub Y N 307 
PHE CE1   HE1   sing N N 308 
PHE CE2   CZ    sing Y N 309 
PHE CE2   HE2   sing N N 310 
PHE CZ    HZ    sing N N 311 
PHE OXT   HXT   sing N N 312 
PRO N     CA    sing N N 313 
PRO N     CD    sing N N 314 
PRO N     H     sing N N 315 
PRO CA    C     sing N N 316 
PRO CA    CB    sing N N 317 
PRO CA    HA    sing N N 318 
PRO C     O     doub N N 319 
PRO C     OXT   sing N N 320 
PRO CB    CG    sing N N 321 
PRO CB    HB2   sing N N 322 
PRO CB    HB3   sing N N 323 
PRO CG    CD    sing N N 324 
PRO CG    HG2   sing N N 325 
PRO CG    HG3   sing N N 326 
PRO CD    HD2   sing N N 327 
PRO CD    HD3   sing N N 328 
PRO OXT   HXT   sing N N 329 
SER N     CA    sing N N 330 
SER N     H     sing N N 331 
SER N     H2    sing N N 332 
SER CA    C     sing N N 333 
SER CA    CB    sing N N 334 
SER CA    HA    sing N N 335 
SER C     O     doub N N 336 
SER C     OXT   sing N N 337 
SER CB    OG    sing N N 338 
SER CB    HB2   sing N N 339 
SER CB    HB3   sing N N 340 
SER OG    HG    sing N N 341 
SER OXT   HXT   sing N N 342 
THR N     CA    sing N N 343 
THR N     H     sing N N 344 
THR N     H2    sing N N 345 
THR CA    C     sing N N 346 
THR CA    CB    sing N N 347 
THR CA    HA    sing N N 348 
THR C     O     doub N N 349 
THR C     OXT   sing N N 350 
THR CB    OG1   sing N N 351 
THR CB    CG2   sing N N 352 
THR CB    HB    sing N N 353 
THR OG1   HG1   sing N N 354 
THR CG2   HG21  sing N N 355 
THR CG2   HG22  sing N N 356 
THR CG2   HG23  sing N N 357 
THR OXT   HXT   sing N N 358 
TRP N     CA    sing N N 359 
TRP N     H     sing N N 360 
TRP N     H2    sing N N 361 
TRP CA    C     sing N N 362 
TRP CA    CB    sing N N 363 
TRP CA    HA    sing N N 364 
TRP C     O     doub N N 365 
TRP C     OXT   sing N N 366 
TRP CB    CG    sing N N 367 
TRP CB    HB2   sing N N 368 
TRP CB    HB3   sing N N 369 
TRP CG    CD1   doub Y N 370 
TRP CG    CD2   sing Y N 371 
TRP CD1   NE1   sing Y N 372 
TRP CD1   HD1   sing N N 373 
TRP CD2   CE2   doub Y N 374 
TRP CD2   CE3   sing Y N 375 
TRP NE1   CE2   sing Y N 376 
TRP NE1   HE1   sing N N 377 
TRP CE2   CZ2   sing Y N 378 
TRP CE3   CZ3   doub Y N 379 
TRP CE3   HE3   sing N N 380 
TRP CZ2   CH2   doub Y N 381 
TRP CZ2   HZ2   sing N N 382 
TRP CZ3   CH2   sing Y N 383 
TRP CZ3   HZ3   sing N N 384 
TRP CH2   HH2   sing N N 385 
TRP OXT   HXT   sing N N 386 
TYR N     CA    sing N N 387 
TYR N     H     sing N N 388 
TYR N     H2    sing N N 389 
TYR CA    C     sing N N 390 
TYR CA    CB    sing N N 391 
TYR CA    HA    sing N N 392 
TYR C     O     doub N N 393 
TYR C     OXT   sing N N 394 
TYR CB    CG    sing N N 395 
TYR CB    HB2   sing N N 396 
TYR CB    HB3   sing N N 397 
TYR CG    CD1   doub Y N 398 
TYR CG    CD2   sing Y N 399 
TYR CD1   CE1   sing Y N 400 
TYR CD1   HD1   sing N N 401 
TYR CD2   CE2   doub Y N 402 
TYR CD2   HD2   sing N N 403 
TYR CE1   CZ    doub Y N 404 
TYR CE1   HE1   sing N N 405 
TYR CE2   CZ    sing Y N 406 
TYR CE2   HE2   sing N N 407 
TYR CZ    OH    sing N N 408 
TYR OH    HH    sing N N 409 
TYR OXT   HXT   sing N N 410 
VAL N     CA    sing N N 411 
VAL N     H     sing N N 412 
VAL N     H2    sing N N 413 
VAL CA    C     sing N N 414 
VAL CA    CB    sing N N 415 
VAL CA    HA    sing N N 416 
VAL C     O     doub N N 417 
VAL C     OXT   sing N N 418 
VAL CB    CG1   sing N N 419 
VAL CB    CG2   sing N N 420 
VAL CB    HB    sing N N 421 
VAL CG1   HG11  sing N N 422 
VAL CG1   HG12  sing N N 423 
VAL CG1   HG13  sing N N 424 
VAL CG2   HG21  sing N N 425 
VAL CG2   HG22  sing N N 426 
VAL CG2   HG23  sing N N 427 
VAL OXT   HXT   sing N N 428 
XNP "O3'" "C3'" sing N N 429 
XNP "C3'" "C2'" sing N N 430 
XNP "C3'" "C4'" sing N N 431 
XNP "C2'" "O2'" sing N N 432 
XNP "C2'" "C1'" sing N N 433 
XNP "O2'" CAA   sing N N 434 
XNP CAA   CAB   sing N N 435 
XNP CAA   NAF   sing N N 436 
XNP CAB   CAC   sing N N 437 
XNP CAC   CAD   sing N N 438 
XNP CAD   CBT   sing N N 439 
XNP CAD   CAE   doub N N 440 
XNP CBT   OBV   doub N N 441 
XNP CBT   NBU   sing N N 442 
XNP CAE   NAF   sing N N 443 
XNP NAF   "C1'" sing N N 444 
XNP "C1'" "O4'" sing N N 445 
XNP "O4'" "C4'" sing N N 446 
XNP "C4'" "C5'" sing N N 447 
XNP "C5'" "O5'" sing N N 448 
XNP "O5'" PAN   sing N N 449 
XNP PAN   OBP   doub N N 450 
XNP PAN   OBO   sing N N 451 
XNP PAN   OAO   sing N N 452 
XNP OAO   PAP   sing N N 453 
XNP PAP   OBQ   doub N N 454 
XNP PAP   OBR   sing N N 455 
XNP PAP   OAQ   sing N N 456 
XNP OAQ   CAR   sing N N 457 
XNP CAR   CAS   sing N N 458 
XNP CAS   OAW   sing N N 459 
XNP CAS   CAT   sing N N 460 
XNP OAW   CAV   sing N N 461 
XNP CAT   OAZ   sing N N 462 
XNP CAT   CAU   sing N N 463 
XNP CAU   OAY   sing N N 464 
XNP CAU   CAV   sing N N 465 
XNP OAY   PBA   sing N N 466 
XNP PBA   OBB   doub N N 467 
XNP PBA   OBC   sing N N 468 
XNP PBA   OBD   sing N N 469 
XNP CAV   NAX   sing N N 470 
XNP NAX   CBE   sing Y N 471 
XNP NAX   CBH   sing Y N 472 
XNP CBE   NBF   doub Y N 473 
XNP NBF   CBG   sing Y N 474 
XNP CBG   CBH   doub Y N 475 
XNP CBG   CBI   sing Y N 476 
XNP CBH   NBL   sing Y N 477 
XNP NBL   CBK   doub Y N 478 
XNP CBK   NBJ   sing Y N 479 
XNP NBJ   CBI   doub Y N 480 
XNP CBI   NBM   sing N N 481 
XNP "O3'" H1    sing N N 482 
XNP "C3'" H2    sing N N 483 
XNP "C2'" H3    sing N N 484 
XNP CAA   H4    sing N N 485 
XNP CAB   H5    sing N N 486 
XNP CAB   H6    sing N N 487 
XNP CAC   H7    sing N N 488 
XNP CAC   H8    sing N N 489 
XNP NBU   H9    sing N N 490 
XNP NBU   H10   sing N N 491 
XNP CAE   H11   sing N N 492 
XNP "C1'" H12   sing N N 493 
XNP "C4'" H13   sing N N 494 
XNP "C5'" H14   sing N N 495 
XNP "C5'" H15   sing N N 496 
XNP OBO   H16   sing N N 497 
XNP OBR   H17   sing N N 498 
XNP CAR   H18   sing N N 499 
XNP CAR   H19   sing N N 500 
XNP CAS   H20   sing N N 501 
XNP CAT   H21   sing N N 502 
XNP OAZ   H22   sing N N 503 
XNP CAU   H23   sing N N 504 
XNP OBC   H24   sing N N 505 
XNP OBD   H25   sing N N 506 
XNP CAV   H26   sing N N 507 
XNP CBE   H27   sing N N 508 
XNP CBK   H30   sing N N 509 
XNP NBM   H31   sing N N 510 
XNP NBM   H32   sing N N 511 
# 
loop_
_pdbx_audit_support.funding_organization 
_pdbx_audit_support.country 
_pdbx_audit_support.grant_number 
_pdbx_audit_support.ordinal 
'National Institutes of Health/National Institute Of Allergy and Infectious Diseases (NIH/NIAID)' 'United States' AI104841 1 
'National Institutes of Health/National Institute Of Allergy and Infectious Diseases (NIH/NIAID)' 'United States' AI111957 2 
# 
loop_
_pdbx_entity_nonpoly.entity_id 
_pdbx_entity_nonpoly.name 
_pdbx_entity_nonpoly.comp_id 
2 GLYCEROL                                                                                   GOL 
3 '6-ethyl-5-{(3S)-3-[2-methoxy-5-(pyridin-4-yl)phenyl]but-1-yn-1-yl}pyrimidine-2,4-diamine' G8J 
4 'Tricyclic NADPH'                                                                          XNP 
5 water                                                                                      HOH 
# 
_pdbx_initial_refinement_model.id               1 
_pdbx_initial_refinement_model.entity_id_list   ? 
_pdbx_initial_refinement_model.type             'experimental model' 
_pdbx_initial_refinement_model.source_name      PDB 
_pdbx_initial_refinement_model.accession_code   3F0Q 
_pdbx_initial_refinement_model.details          ? 
# 
_pdbx_struct_assembly_auth_evidence.id                     1 
_pdbx_struct_assembly_auth_evidence.assembly_id            1 
_pdbx_struct_assembly_auth_evidence.experimental_support   'gel filtration' 
_pdbx_struct_assembly_auth_evidence.details                ? 
# 
